data_5VTV
#
_entry.id   5VTV
#
_cell.length_a   208.646
_cell.length_b   131.353
_cell.length_c   72.780
_cell.angle_alpha   90.00
_cell.angle_beta   97.76
_cell.angle_gamma   90.00
#
_symmetry.space_group_name_H-M   'C 1 2 1'
#
loop_
_entity.id
_entity.type
_entity.pdbx_description
1 polymer 'Hemagglutinin HA1 chain'
2 polymer 'Hemagglutinin HA2 chain'
3 branched beta-D-mannopyranose-(1-4)-2-acetamido-2-deoxy-beta-D-glucopyranose-(1-4)-2-acetamido-2-deoxy-beta-D-glucopyranose
4 branched 2-acetamido-2-deoxy-beta-D-glucopyranose-(1-4)-2-acetamido-2-deoxy-beta-D-glucopyranose
5 branched 'N-acetyl-alpha-neuraminic acid-(2-3)-beta-D-galactopyranose'
6 branched alpha-D-mannopyranose-(1-3)-beta-D-mannopyranose-(1-4)-2-acetamido-2-deoxy-beta-D-glucopyranose-(1-4)-2-acetamido-2-deoxy-beta-D-glucopyranose
7 non-polymer 2-acetamido-2-deoxy-beta-D-glucopyranose
8 non-polymer TRIS(HYDROXYETHYL)AMINOMETHANE
9 water water
#
loop_
_entity_poly.entity_id
_entity_poly.type
_entity_poly.pdbx_seq_one_letter_code
_entity_poly.pdbx_strand_id
1 'polypeptide(L)'
;ADPGATLCLGHHAVPNGTLVKTITDDQIEVTNATELVQSSSTGKICNNPHRILDGIDCTLIDALLGDPHCDVFQNETWDL
FVERSKAFSNCYPYDVPDYASLRSLVASSGTLEFITEGFTWTGVTQNGGSNACKRGPGSGFFSRLNWLTKSGSTYPVLNV
TMPNNDNFDKLYIWGVHHPSTNQEQTSLYVQASGRVTVSTRRSQQTIIPNIGSRPWVRMTSARISIYWTIVKPGDVLVIN
SNGNLIAPRGYFKMRTGKSSIMRSDAPIDTCISECITPNGSIPNDKPFQNVNKITYGACPKYVKQNTLKLATGMRNVPEK
QTR
;
A,C,E
2 'polypeptide(L)'
;GLFGAIAGFIENGWEGMIDGWYGFRHQNSEGTGQAADLKSTQAAIDQINGKLNRVIEKTNEKFHQIEKEFSEVEGRIQDL
EKYVEDTKIDLWSYNAELLVALENQHTIDLTDSEMNKLFEKTGRQLRENAEDMGNGCFKIYHKCDNACIESIRNGTYDHD
VYRDEALNNRFQIK
;
B,D,F
#
loop_
_chem_comp.id
_chem_comp.type
_chem_comp.name
_chem_comp.formula
BMA D-saccharide, beta linking beta-D-mannopyranose 'C6 H12 O6'
GAL D-saccharide, beta linking beta-D-galactopyranose 'C6 H12 O6'
MAN D-saccharide, alpha linking alpha-D-mannopyranose 'C6 H12 O6'
NAG D-saccharide, beta linking 2-acetamido-2-deoxy-beta-D-glucopyranose 'C8 H15 N O6'
SIA D-saccharide, alpha linking 'N-acetyl-alpha-neuraminic acid' 'C11 H19 N O9'
TAM non-polymer TRIS(HYDROXYETHYL)AMINOMETHANE 'C7 H17 N O3'
#
# COMPACT_ATOMS: atom_id res chain seq x y z
N PRO A 3 -48.13 21.88 -45.33
CA PRO A 3 -48.05 20.50 -44.88
C PRO A 3 -46.60 20.04 -44.83
N GLY A 4 -45.99 20.19 -43.67
CA GLY A 4 -44.56 19.96 -43.50
C GLY A 4 -44.22 18.55 -43.08
N ALA A 5 -43.23 18.43 -42.20
CA ALA A 5 -42.74 17.13 -41.73
C ALA A 5 -42.03 17.29 -40.39
N THR A 6 -42.07 16.23 -39.60
CA THR A 6 -41.39 16.17 -38.31
C THR A 6 -40.22 15.18 -38.43
N LEU A 7 -39.04 15.56 -37.93
CA LEU A 7 -37.86 14.69 -37.89
C LEU A 7 -37.39 14.64 -36.45
N CYS A 8 -37.66 13.52 -35.77
CA CYS A 8 -37.29 13.33 -34.38
C CYS A 8 -35.97 12.56 -34.22
N LEU A 9 -35.07 13.12 -33.41
CA LEU A 9 -33.84 12.44 -32.97
C LEU A 9 -34.11 11.65 -31.70
N GLY A 10 -33.52 10.47 -31.61
CA GLY A 10 -33.61 9.67 -30.41
C GLY A 10 -32.52 8.65 -30.25
N HIS A 11 -32.67 7.87 -29.19
CA HIS A 11 -31.72 6.83 -28.79
C HIS A 11 -32.51 5.59 -28.36
N HIS A 12 -31.83 4.45 -28.29
CA HIS A 12 -32.51 3.22 -27.91
C HIS A 12 -32.73 3.15 -26.41
N ALA A 13 -33.58 2.21 -26.05
CA ALA A 13 -33.78 1.74 -24.70
C ALA A 13 -34.03 0.24 -24.80
N VAL A 14 -33.94 -0.46 -23.68
CA VAL A 14 -34.10 -1.90 -23.67
C VAL A 14 -35.09 -2.23 -22.56
N PRO A 15 -35.73 -3.42 -22.66
CA PRO A 15 -36.69 -3.80 -21.62
C PRO A 15 -36.02 -4.13 -20.28
N ASN A 16 -34.87 -4.85 -20.32
CA ASN A 16 -34.15 -5.26 -19.11
C ASN A 16 -32.77 -4.53 -18.97
N GLY A 17 -32.75 -3.36 -18.33
CA GLY A 17 -31.49 -2.66 -18.03
C GLY A 17 -30.73 -3.22 -16.81
N THR A 18 -29.59 -2.62 -16.48
CA THR A 18 -28.78 -3.00 -15.31
C THR A 18 -28.43 -1.79 -14.44
N LEU A 19 -28.44 -1.96 -13.13
CA LEU A 19 -28.01 -0.93 -12.20
C LEU A 19 -26.49 -0.88 -12.05
N VAL A 20 -25.93 0.32 -12.16
CA VAL A 20 -24.53 0.59 -11.95
C VAL A 20 -24.36 1.77 -11.02
N LYS A 21 -23.14 1.92 -10.51
CA LYS A 21 -22.77 3.02 -9.63
C LYS A 21 -21.96 4.04 -10.40
N THR A 22 -22.10 5.31 -10.00
CA THR A 22 -21.42 6.42 -10.63
C THR A 22 -20.89 7.35 -9.56
N ILE A 23 -20.32 8.49 -9.96
CA ILE A 23 -19.94 9.55 -9.01
C ILE A 23 -21.14 10.06 -8.23
N THR A 24 -22.26 10.28 -8.91
CA THR A 24 -23.41 10.93 -8.28
C THR A 24 -24.50 9.98 -7.79
N ASP A 25 -24.53 8.73 -8.29
CA ASP A 25 -25.59 7.79 -7.97
C ASP A 25 -25.04 6.47 -7.48
N ASP A 26 -25.55 5.98 -6.34
CA ASP A 26 -25.16 4.63 -5.92
C ASP A 26 -25.82 3.54 -6.78
N GLN A 27 -26.96 3.83 -7.41
CA GLN A 27 -27.61 2.91 -8.37
C GLN A 27 -28.27 3.75 -9.44
N ILE A 28 -27.97 3.46 -10.70
CA ILE A 28 -28.66 4.06 -11.81
C ILE A 28 -28.64 3.11 -13.00
N GLU A 29 -29.69 3.15 -13.81
CA GLU A 29 -29.95 2.12 -14.81
C GLU A 29 -29.33 2.49 -16.14
N VAL A 30 -28.59 1.54 -16.70
CA VAL A 30 -28.01 1.66 -18.04
C VAL A 30 -28.45 0.45 -18.86
N THR A 31 -28.20 0.50 -20.17
CA THR A 31 -28.68 -0.54 -21.07
C THR A 31 -27.99 -1.88 -20.90
N ASN A 32 -26.71 -1.83 -20.53
CA ASN A 32 -25.90 -3.03 -20.30
C ASN A 32 -24.69 -2.72 -19.43
N ALA A 33 -24.14 -3.77 -18.83
CA ALA A 33 -22.94 -3.67 -18.04
C ALA A 33 -22.23 -5.00 -18.03
N THR A 34 -20.97 -4.99 -17.61
CA THR A 34 -20.13 -6.17 -17.56
C THR A 34 -19.50 -6.29 -16.17
N GLU A 35 -19.35 -7.53 -15.72
CA GLU A 35 -18.85 -7.83 -14.39
C GLU A 35 -17.31 -7.77 -14.37
N LEU A 36 -16.76 -7.01 -13.43
CA LEU A 36 -15.28 -6.90 -13.28
C LEU A 36 -14.69 -7.75 -12.14
N VAL A 37 -15.52 -8.39 -11.33
CA VAL A 37 -15.07 -9.22 -10.21
C VAL A 37 -15.37 -10.68 -10.50
N GLN A 38 -14.32 -11.50 -10.59
CA GLN A 38 -14.45 -12.93 -10.71
C GLN A 38 -14.81 -13.49 -9.33
N SER A 39 -16.00 -14.06 -9.18
CA SER A 39 -16.46 -14.52 -7.88
C SER A 39 -16.67 -16.02 -7.77
N SER A 40 -16.33 -16.76 -8.81
CA SER A 40 -16.51 -18.21 -8.79
C SER A 40 -15.29 -18.93 -9.29
N SER A 41 -15.20 -20.19 -8.90
CA SER A 41 -14.17 -21.12 -9.33
C SER A 41 -14.84 -22.44 -9.69
N THR A 42 -14.20 -23.20 -10.57
CA THR A 42 -14.62 -24.61 -10.80
C THR A 42 -14.48 -25.52 -9.59
N GLY A 43 -13.61 -25.17 -8.64
CA GLY A 43 -13.31 -26.06 -7.52
C GLY A 43 -12.17 -27.04 -7.80
N LYS A 44 -11.52 -26.89 -8.95
CA LYS A 44 -10.44 -27.79 -9.36
C LYS A 44 -9.22 -26.97 -9.79
N ILE A 45 -8.04 -27.49 -9.44
CA ILE A 45 -6.76 -26.93 -9.88
C ILE A 45 -6.40 -27.52 -11.22
N CYS A 46 -6.36 -26.68 -12.23
CA CYS A 46 -5.95 -27.08 -13.56
C CYS A 46 -4.47 -27.54 -13.59
N ASN A 47 -4.21 -28.70 -14.19
CA ASN A 47 -2.87 -29.25 -14.30
C ASN A 47 -1.92 -28.60 -15.29
N ASN A 48 -2.42 -27.68 -16.15
CA ASN A 48 -1.59 -26.86 -17.04
C ASN A 48 -1.95 -25.38 -16.88
N PRO A 49 -1.03 -24.44 -17.18
CA PRO A 49 0.31 -24.68 -17.70
C PRO A 49 1.43 -24.81 -16.64
N HIS A 50 1.10 -24.75 -15.35
CA HIS A 50 2.10 -24.81 -14.29
C HIS A 50 2.33 -26.25 -13.87
N ARG A 51 3.58 -26.62 -13.58
CA ARG A 51 3.85 -27.95 -13.00
C ARG A 51 3.36 -28.00 -11.52
N ILE A 52 2.25 -28.71 -11.31
CA ILE A 52 1.62 -28.90 -10.00
C ILE A 52 2.13 -30.20 -9.42
N LEU A 53 2.67 -30.15 -8.20
CA LEU A 53 3.08 -31.34 -7.47
C LEU A 53 2.19 -31.48 -6.25
N ASP A 54 1.38 -32.53 -6.26
CA ASP A 54 0.47 -32.84 -5.20
C ASP A 54 1.27 -33.55 -4.12
N GLY A 55 1.34 -32.96 -2.92
CA GLY A 55 2.04 -33.57 -1.80
C GLY A 55 1.37 -34.79 -1.21
N ILE A 56 0.08 -34.97 -1.50
CA ILE A 56 -0.72 -36.07 -1.00
C ILE A 56 -0.65 -36.11 0.53
N ASP A 57 0.08 -37.06 1.09
CA ASP A 57 0.20 -37.28 2.53
C ASP A 57 1.44 -36.59 3.11
N CYS A 58 2.16 -35.81 2.31
CA CYS A 58 3.46 -35.28 2.71
C CYS A 58 3.48 -33.77 2.72
N THR A 59 4.04 -33.18 3.77
CA THR A 59 4.44 -31.77 3.73
C THR A 59 5.73 -31.65 2.92
N LEU A 60 6.00 -30.46 2.42
CA LEU A 60 7.26 -30.21 1.73
C LEU A 60 8.45 -30.53 2.63
N ILE A 61 8.37 -30.17 3.91
CA ILE A 61 9.51 -30.42 4.83
C ILE A 61 9.76 -31.94 5.04
N ASP A 62 8.69 -32.72 5.12
CA ASP A 62 8.84 -34.17 5.25
C ASP A 62 9.41 -34.80 3.99
N ALA A 63 8.99 -34.29 2.83
CA ALA A 63 9.58 -34.69 1.58
C ALA A 63 11.06 -34.32 1.50
N LEU A 64 11.40 -33.13 2.00
CA LEU A 64 12.79 -32.65 2.08
C LEU A 64 13.66 -33.55 2.96
N LEU A 65 13.19 -33.84 4.16
CA LEU A 65 13.99 -34.60 5.13
C LEU A 65 14.12 -36.07 4.72
N GLY A 66 13.08 -36.59 4.06
CA GLY A 66 13.04 -37.95 3.60
C GLY A 66 12.35 -38.89 4.58
N ASP A 67 11.23 -38.45 5.13
CA ASP A 67 10.28 -39.34 5.81
C ASP A 67 9.94 -40.50 4.82
N PRO A 68 10.04 -41.78 5.25
CA PRO A 68 9.88 -42.91 4.30
C PRO A 68 8.64 -42.88 3.40
N HIS A 69 7.47 -42.54 3.96
CA HIS A 69 6.27 -42.45 3.11
C HIS A 69 6.31 -41.25 2.14
N CYS A 70 7.34 -40.41 2.23
CA CYS A 70 7.59 -39.33 1.28
C CYS A 70 8.75 -39.59 0.31
N ASP A 71 9.28 -40.82 0.30
CA ASP A 71 10.40 -41.17 -0.58
C ASP A 71 10.07 -40.98 -2.05
N VAL A 72 8.81 -41.13 -2.42
CA VAL A 72 8.36 -40.88 -3.78
C VAL A 72 8.69 -39.47 -4.27
N PHE A 73 8.85 -38.51 -3.37
CA PHE A 73 9.19 -37.11 -3.71
C PHE A 73 10.66 -36.81 -3.92
N GLN A 74 11.53 -37.82 -3.79
CA GLN A 74 12.96 -37.60 -3.98
C GLN A 74 13.26 -36.96 -5.30
N ASN A 75 14.12 -35.93 -5.29
CA ASN A 75 14.51 -35.21 -6.51
C ASN A 75 13.38 -34.52 -7.30
N GLU A 76 12.20 -34.37 -6.70
CA GLU A 76 11.05 -33.79 -7.43
C GLU A 76 11.23 -32.31 -7.69
N THR A 77 10.50 -31.78 -8.67
CA THR A 77 10.48 -30.34 -8.93
C THR A 77 9.05 -29.91 -9.09
N TRP A 78 8.83 -28.59 -9.00
CA TRP A 78 7.48 -28.05 -9.10
C TRP A 78 7.49 -26.57 -9.47
N ASP A 79 6.40 -26.12 -10.05
CA ASP A 79 6.08 -24.70 -10.02
C ASP A 79 5.27 -24.41 -8.76
N LEU A 80 4.28 -25.24 -8.46
CA LEU A 80 3.48 -25.07 -7.26
C LEU A 80 3.38 -26.40 -6.54
N PHE A 81 3.93 -26.46 -5.34
CA PHE A 81 3.76 -27.61 -4.45
C PHE A 81 2.47 -27.40 -3.67
N VAL A 82 1.61 -28.41 -3.68
CA VAL A 82 0.31 -28.34 -3.01
C VAL A 82 0.31 -29.22 -1.76
N GLU A 83 0.12 -28.60 -0.60
CA GLU A 83 0.09 -29.32 0.67
C GLU A 83 -1.36 -29.55 1.05
N ARG A 84 -1.70 -30.78 1.41
CA ARG A 84 -3.07 -31.18 1.74
C ARG A 84 -3.27 -31.22 3.23
N SER A 85 -4.53 -31.02 3.67
CA SER A 85 -4.84 -31.03 5.09
C SER A 85 -4.74 -32.43 5.72
N LYS A 86 -4.79 -33.48 4.93
CA LYS A 86 -4.55 -34.85 5.42
C LYS A 86 -3.07 -35.25 5.64
N ALA A 87 -2.11 -34.36 5.36
CA ALA A 87 -0.70 -34.75 5.43
C ALA A 87 -0.34 -35.16 6.85
N PHE A 88 0.58 -36.11 6.97
CA PHE A 88 1.04 -36.53 8.30
C PHE A 88 2.52 -36.84 8.26
N SER A 89 3.16 -36.70 9.41
CA SER A 89 4.54 -37.15 9.62
C SER A 89 4.53 -38.55 10.17
N ASN A 90 5.51 -39.36 9.79
CA ASN A 90 5.61 -40.73 10.25
C ASN A 90 7.06 -41.22 10.45
N CYS A 91 7.90 -40.35 11.00
CA CYS A 91 9.31 -40.66 11.21
C CYS A 91 9.71 -40.18 12.61
N TYR A 92 10.98 -39.91 12.87
CA TYR A 92 11.39 -39.46 14.21
C TYR A 92 10.76 -38.09 14.49
N PRO A 93 10.20 -37.89 15.69
CA PRO A 93 9.59 -36.59 15.91
C PRO A 93 10.66 -35.49 15.92
N TYR A 94 10.32 -34.38 15.29
CA TYR A 94 11.28 -33.30 15.08
C TYR A 94 10.60 -31.95 15.18
N ASP A 95 11.39 -30.92 15.44
CA ASP A 95 10.95 -29.55 15.22
C ASP A 95 11.96 -28.84 14.33
N VAL A 96 11.52 -27.77 13.69
CA VAL A 96 12.38 -26.91 12.92
C VAL A 96 12.22 -25.50 13.46
N PRO A 97 13.22 -25.00 14.22
CA PRO A 97 13.16 -23.58 14.56
C PRO A 97 13.12 -22.77 13.26
N ASP A 98 12.24 -21.82 13.16
CA ASP A 98 12.04 -21.14 11.88
C ASP A 98 11.60 -22.08 10.73
N TYR A 99 10.74 -23.06 11.07
CA TYR A 99 10.05 -23.91 10.10
C TYR A 99 9.54 -23.10 8.90
N ALA A 100 8.88 -21.98 9.17
CA ALA A 100 8.25 -21.21 8.08
C ALA A 100 9.28 -20.72 7.05
N SER A 101 10.46 -20.31 7.50
CA SER A 101 11.51 -19.87 6.60
C SER A 101 12.10 -21.01 5.76
N LEU A 102 12.35 -22.15 6.37
CA LEU A 102 12.87 -23.30 5.62
C LEU A 102 11.85 -23.75 4.56
N ARG A 103 10.59 -23.90 4.96
CA ARG A 103 9.52 -24.20 4.01
C ARG A 103 9.48 -23.20 2.88
N SER A 104 9.58 -21.90 3.20
CA SER A 104 9.52 -20.86 2.19
C SER A 104 10.68 -20.92 1.19
N LEU A 105 11.91 -21.05 1.69
CA LEU A 105 13.07 -21.00 0.82
C LEU A 105 13.12 -22.26 -0.08
N VAL A 106 12.72 -23.42 0.45
CA VAL A 106 12.64 -24.62 -0.38
C VAL A 106 11.51 -24.48 -1.41
N ALA A 107 10.36 -24.06 -0.96
CA ALA A 107 9.21 -23.88 -1.85
C ALA A 107 9.57 -22.99 -3.05
N SER A 108 10.28 -21.92 -2.75
CA SER A 108 10.66 -20.93 -3.74
C SER A 108 11.77 -21.42 -4.68
N SER A 109 12.64 -22.28 -4.19
CA SER A 109 13.67 -22.92 -5.00
C SER A 109 13.07 -23.92 -6.03
N GLY A 110 11.97 -24.57 -5.68
CA GLY A 110 11.24 -25.39 -6.65
C GLY A 110 11.81 -26.77 -6.95
N THR A 111 12.77 -27.24 -6.14
CA THR A 111 13.39 -28.53 -6.35
C THR A 111 13.84 -29.17 -5.04
N LEU A 112 13.85 -30.50 -5.03
CA LEU A 112 14.45 -31.31 -3.98
C LEU A 112 15.65 -32.12 -4.50
N GLU A 113 16.24 -31.70 -5.63
CA GLU A 113 17.42 -32.36 -6.17
C GLU A 113 18.51 -32.46 -5.11
N PHE A 114 18.93 -33.69 -4.80
CA PHE A 114 19.88 -33.98 -3.73
C PHE A 114 21.14 -34.65 -4.28
N ILE A 115 22.30 -34.15 -3.87
CA ILE A 115 23.59 -34.66 -4.33
C ILE A 115 24.30 -35.20 -3.09
N THR A 116 24.57 -36.50 -3.08
CA THR A 116 25.27 -37.14 -1.99
C THR A 116 26.74 -36.77 -2.06
N GLU A 117 27.34 -36.49 -0.90
CA GLU A 117 28.76 -36.15 -0.78
C GLU A 117 29.42 -37.14 0.16
N GLY A 118 30.71 -37.41 -0.05
CA GLY A 118 31.44 -38.41 0.73
C GLY A 118 32.01 -37.88 2.03
N PHE A 119 31.15 -37.60 3.00
CA PHE A 119 31.60 -37.19 4.32
C PHE A 119 32.27 -38.40 4.99
N THR A 120 33.40 -38.14 5.65
CA THR A 120 34.12 -39.18 6.38
C THR A 120 33.91 -38.90 7.87
N TRP A 121 33.23 -39.82 8.54
CA TRP A 121 32.89 -39.69 9.96
C TRP A 121 33.74 -40.71 10.74
N THR A 122 34.95 -40.29 11.10
CA THR A 122 35.94 -41.19 11.68
C THR A 122 35.62 -41.50 13.14
N GLY A 123 35.45 -42.79 13.44
CA GLY A 123 35.34 -43.28 14.80
C GLY A 123 33.95 -43.26 15.38
N VAL A 124 32.94 -43.23 14.51
CA VAL A 124 31.54 -43.28 14.93
C VAL A 124 30.78 -44.28 14.10
N THR A 125 29.66 -44.76 14.64
CA THR A 125 28.73 -45.63 13.92
C THR A 125 27.78 -44.75 13.09
N GLN A 126 27.56 -45.10 11.84
CA GLN A 126 26.65 -44.37 10.94
C GLN A 126 25.32 -45.07 10.77
N ASN A 127 24.37 -44.37 10.12
CA ASN A 127 23.09 -44.93 9.68
C ASN A 127 22.20 -45.42 10.81
N GLY A 128 22.17 -44.69 11.91
CA GLY A 128 21.26 -45.01 13.00
C GLY A 128 19.82 -44.87 12.55
N GLY A 129 18.95 -45.61 13.23
CA GLY A 129 17.51 -45.63 12.91
C GLY A 129 16.69 -45.83 14.16
N SER A 130 15.38 -45.91 13.96
CA SER A 130 14.45 -45.99 15.07
C SER A 130 13.17 -46.64 14.59
N ASN A 131 12.47 -47.29 15.51
CA ASN A 131 11.15 -47.84 15.24
C ASN A 131 10.10 -46.73 15.09
N ALA A 132 10.43 -45.50 15.49
CA ALA A 132 9.61 -44.35 15.18
C ALA A 132 9.53 -44.04 13.68
N CYS A 133 10.49 -44.55 12.92
CA CYS A 133 10.63 -44.26 11.50
C CYS A 133 10.92 -45.54 10.70
N LYS A 134 9.88 -46.38 10.59
CA LYS A 134 9.95 -47.63 9.85
C LYS A 134 10.10 -47.45 8.34
N ARG A 135 11.02 -48.22 7.78
CA ARG A 135 11.28 -48.27 6.35
C ARG A 135 11.34 -49.77 6.03
N GLY A 136 10.34 -50.25 5.29
CA GLY A 136 10.06 -51.68 5.24
C GLY A 136 9.70 -52.18 6.64
N PRO A 137 10.11 -53.41 6.97
CA PRO A 137 9.73 -53.99 8.28
C PRO A 137 10.57 -53.51 9.46
N GLY A 138 11.81 -53.08 9.21
CA GLY A 138 12.75 -52.72 10.30
C GLY A 138 12.85 -51.22 10.54
N SER A 139 13.66 -50.86 11.53
CA SER A 139 13.82 -49.50 11.93
C SER A 139 14.55 -48.71 10.82
N GLY A 140 14.29 -47.41 10.77
CA GLY A 140 14.92 -46.56 9.77
C GLY A 140 14.95 -45.11 10.22
N PHE A 141 15.17 -44.24 9.24
CA PHE A 141 15.41 -42.84 9.51
C PHE A 141 15.15 -42.03 8.26
N PHE A 142 15.19 -40.71 8.42
CA PHE A 142 15.14 -39.76 7.31
C PHE A 142 16.20 -40.12 6.29
N SER A 143 15.82 -40.22 5.03
CA SER A 143 16.77 -40.68 3.99
C SER A 143 17.95 -39.72 3.79
N ARG A 144 17.74 -38.42 4.01
CA ARG A 144 18.77 -37.42 3.77
C ARG A 144 19.63 -37.06 4.96
N LEU A 145 19.39 -37.72 6.10
CA LEU A 145 20.12 -37.49 7.32
C LEU A 145 20.80 -38.78 7.79
N ASN A 146 21.88 -38.61 8.56
CA ASN A 146 22.75 -39.71 8.97
C ASN A 146 22.97 -39.62 10.47
N TRP A 147 22.30 -40.50 11.21
CA TRP A 147 22.35 -40.45 12.67
C TRP A 147 23.64 -41.12 13.13
N LEU A 148 24.54 -40.32 13.69
CA LEU A 148 25.82 -40.80 14.15
C LEU A 148 25.77 -41.10 15.64
N THR A 149 26.29 -42.27 16.03
CA THR A 149 26.44 -42.65 17.44
C THR A 149 27.84 -43.22 17.71
N LYS A 150 28.11 -43.55 18.96
CA LYS A 150 29.41 -44.07 19.34
C LYS A 150 29.81 -45.36 18.59
N SER A 151 31.13 -45.56 18.45
CA SER A 151 31.73 -46.81 17.97
C SER A 151 32.59 -47.38 19.10
N GLY A 152 32.35 -48.64 19.45
CA GLY A 152 32.92 -49.22 20.67
C GLY A 152 32.39 -48.46 21.88
N SER A 153 33.28 -47.76 22.57
CA SER A 153 32.90 -47.00 23.75
C SER A 153 33.37 -45.55 23.70
N THR A 154 33.63 -45.04 22.50
CA THR A 154 34.09 -43.67 22.29
C THR A 154 33.33 -42.98 21.15
N TYR A 155 33.15 -41.68 21.32
CA TYR A 155 32.64 -40.80 20.28
C TYR A 155 33.67 -39.66 20.25
N PRO A 156 34.55 -39.64 19.23
CA PRO A 156 35.61 -38.62 19.19
C PRO A 156 35.07 -37.29 18.72
N VAL A 157 35.88 -36.24 18.81
CA VAL A 157 35.50 -34.94 18.25
C VAL A 157 35.48 -35.12 16.74
N LEU A 158 34.31 -35.00 16.14
CA LEU A 158 34.20 -35.04 14.70
C LEU A 158 34.55 -33.65 14.19
N ASN A 159 35.35 -33.62 13.12
CA ASN A 159 35.80 -32.38 12.52
C ASN A 159 35.99 -32.60 11.03
N VAL A 160 34.97 -32.23 10.24
CA VAL A 160 35.02 -32.47 8.78
C VAL A 160 34.74 -31.22 8.01
N THR A 161 35.14 -31.27 6.75
CA THR A 161 35.04 -30.15 5.83
C THR A 161 34.49 -30.63 4.50
N MET A 162 33.77 -29.72 3.85
CA MET A 162 33.32 -29.92 2.49
C MET A 162 33.37 -28.57 1.78
N PRO A 163 34.33 -28.39 0.86
CA PRO A 163 34.34 -27.13 0.14
C PRO A 163 33.28 -27.11 -0.98
N ASN A 164 32.79 -25.91 -1.29
CA ASN A 164 31.96 -25.72 -2.46
C ASN A 164 32.85 -25.20 -3.60
N ASN A 165 33.26 -26.11 -4.47
CA ASN A 165 34.01 -25.75 -5.67
C ASN A 165 33.13 -25.72 -6.92
N ASP A 166 31.81 -25.77 -6.72
CA ASP A 166 30.88 -25.63 -7.84
C ASP A 166 30.55 -24.14 -8.01
N ASN A 167 29.77 -23.84 -9.04
CA ASN A 167 29.34 -22.45 -9.32
C ASN A 167 27.89 -22.16 -8.92
N PHE A 168 27.36 -22.92 -7.96
CA PHE A 168 25.99 -22.76 -7.45
C PHE A 168 26.00 -22.87 -5.93
N ASP A 169 24.93 -22.40 -5.31
CA ASP A 169 24.76 -22.50 -3.86
C ASP A 169 24.30 -23.88 -3.46
N LYS A 170 24.88 -24.37 -2.36
CA LYS A 170 24.50 -25.65 -1.76
C LYS A 170 23.68 -25.40 -0.51
N LEU A 171 22.55 -26.10 -0.37
CA LEU A 171 21.75 -26.08 0.88
C LEU A 171 21.99 -27.38 1.66
N TYR A 172 22.53 -27.25 2.87
CA TYR A 172 22.73 -28.38 3.76
C TYR A 172 21.69 -28.40 4.87
N ILE A 173 21.04 -29.55 5.04
CA ILE A 173 20.10 -29.77 6.12
C ILE A 173 20.78 -30.71 7.11
N TRP A 174 20.80 -30.32 8.38
CA TRP A 174 21.43 -31.12 9.43
C TRP A 174 20.58 -30.96 10.68
N GLY A 175 20.97 -31.62 11.75
CA GLY A 175 20.20 -31.58 12.95
C GLY A 175 20.97 -31.94 14.19
N VAL A 176 20.26 -31.86 15.30
CA VAL A 176 20.76 -32.14 16.61
C VAL A 176 19.75 -33.02 17.32
N HIS A 177 20.23 -34.08 17.96
CA HIS A 177 19.36 -35.00 18.69
C HIS A 177 19.29 -34.57 20.14
N HIS A 178 18.07 -34.60 20.70
CA HIS A 178 17.82 -34.23 22.09
C HIS A 178 17.34 -35.47 22.82
N PRO A 179 18.25 -36.15 23.55
CA PRO A 179 17.80 -37.34 24.29
C PRO A 179 16.82 -37.05 25.41
N SER A 180 15.98 -38.04 25.74
CA SER A 180 15.00 -37.87 26.81
C SER A 180 15.65 -37.91 28.20
N THR A 181 16.73 -38.71 28.38
CA THR A 181 17.40 -38.90 29.66
C THR A 181 18.91 -38.82 29.57
N ASN A 182 19.56 -38.58 30.71
CA ASN A 182 21.04 -38.58 30.81
C ASN A 182 21.64 -39.94 30.43
N GLN A 183 20.94 -41.02 30.78
CA GLN A 183 21.37 -42.37 30.43
C GLN A 183 21.47 -42.52 28.92
N GLU A 184 20.44 -42.06 28.22
CA GLU A 184 20.37 -42.12 26.75
C GLU A 184 21.52 -41.33 26.11
N GLN A 185 21.75 -40.12 26.62
CA GLN A 185 22.85 -39.26 26.16
C GLN A 185 24.18 -39.98 26.22
N THR A 186 24.52 -40.53 27.38
CA THR A 186 25.84 -41.16 27.59
C THR A 186 25.94 -42.47 26.85
N SER A 187 24.85 -43.22 26.86
CA SER A 187 24.77 -44.47 26.12
C SER A 187 25.02 -44.30 24.62
N LEU A 188 24.45 -43.24 24.02
CA LEU A 188 24.59 -42.98 22.57
C LEU A 188 25.84 -42.22 22.17
N TYR A 189 26.23 -41.21 22.95
CA TYR A 189 27.29 -40.28 22.57
C TYR A 189 28.49 -40.23 23.52
N VAL A 190 28.49 -41.06 24.58
CA VAL A 190 29.56 -41.11 25.59
C VAL A 190 29.66 -39.85 26.44
N GLN A 191 29.97 -38.71 25.82
CA GLN A 191 30.06 -37.43 26.53
C GLN A 191 28.71 -37.08 27.14
N ALA A 192 28.76 -36.43 28.29
CA ALA A 192 27.55 -36.11 29.08
C ALA A 192 26.77 -34.93 28.49
N SER A 193 27.44 -34.10 27.72
CA SER A 193 26.82 -32.98 27.03
C SER A 193 27.47 -32.85 25.66
N GLY A 194 26.65 -32.99 24.63
CA GLY A 194 27.13 -32.84 23.26
C GLY A 194 27.14 -31.41 22.79
N ARG A 195 27.51 -31.26 21.53
CA ARG A 195 27.59 -29.93 20.90
C ARG A 195 27.72 -30.13 19.40
N VAL A 196 27.07 -29.26 18.63
CA VAL A 196 27.17 -29.24 17.19
C VAL A 196 27.42 -27.80 16.77
N THR A 197 28.49 -27.61 16.03
CA THR A 197 28.87 -26.31 15.49
C THR A 197 29.03 -26.51 13.98
N VAL A 198 28.25 -25.75 13.22
CA VAL A 198 28.34 -25.78 11.77
C VAL A 198 28.68 -24.38 11.29
N SER A 199 29.70 -24.27 10.46
CA SER A 199 30.20 -22.94 10.06
C SER A 199 30.65 -22.87 8.61
N THR A 200 30.57 -21.64 8.08
CA THR A 200 31.21 -21.26 6.84
C THR A 200 32.25 -20.18 7.19
N ARG A 201 32.91 -19.59 6.20
CA ARG A 201 33.81 -18.46 6.45
C ARG A 201 33.12 -17.28 7.11
N ARG A 202 31.88 -17.04 6.71
CA ARG A 202 31.10 -15.86 7.04
C ARG A 202 30.27 -15.96 8.32
N SER A 203 29.76 -17.16 8.58
CA SER A 203 28.78 -17.35 9.65
C SER A 203 28.95 -18.69 10.38
N GLN A 204 28.24 -18.82 11.48
CA GLN A 204 28.33 -20.02 12.29
C GLN A 204 27.10 -20.19 13.15
N GLN A 205 26.76 -21.44 13.44
CA GLN A 205 25.65 -21.78 14.31
C GLN A 205 26.14 -22.83 15.28
N THR A 206 25.87 -22.63 16.56
CA THR A 206 26.19 -23.63 17.58
C THR A 206 24.96 -23.98 18.37
N ILE A 207 24.66 -25.27 18.44
CA ILE A 207 23.50 -25.77 19.13
C ILE A 207 23.98 -26.72 20.22
N ILE A 208 23.53 -26.47 21.44
CA ILE A 208 23.76 -27.37 22.59
C ILE A 208 22.47 -28.16 22.76
N PRO A 209 22.53 -29.50 22.80
CA PRO A 209 21.32 -30.26 23.08
C PRO A 209 20.81 -30.06 24.50
N ASN A 210 19.51 -30.27 24.65
CA ASN A 210 18.82 -30.23 25.90
C ASN A 210 18.25 -31.61 26.19
N ILE A 211 18.66 -32.19 27.30
CA ILE A 211 18.16 -33.49 27.72
C ILE A 211 16.85 -33.31 28.49
N GLY A 212 15.84 -34.15 28.17
CA GLY A 212 14.55 -34.10 28.86
C GLY A 212 13.45 -34.73 28.02
N SER A 213 12.36 -35.15 28.64
CA SER A 213 11.20 -35.64 27.91
C SER A 213 10.42 -34.48 27.29
N ARG A 214 9.99 -34.74 26.06
CA ARG A 214 8.98 -34.03 25.32
C ARG A 214 7.77 -35.00 25.20
N PRO A 215 6.62 -34.55 24.67
CA PRO A 215 5.51 -35.50 24.61
C PRO A 215 5.84 -36.69 23.77
N TRP A 216 5.45 -37.87 24.25
CA TRP A 216 5.63 -39.14 23.53
C TRP A 216 4.94 -39.05 22.17
N VAL A 217 5.69 -39.24 21.10
CA VAL A 217 5.18 -39.25 19.72
C VAL A 217 5.83 -40.44 19.05
N ARG A 218 5.03 -41.36 18.51
CA ARG A 218 5.54 -42.53 17.78
C ARG A 218 6.70 -43.19 18.51
N MET A 219 6.43 -43.58 19.74
CA MET A 219 7.33 -44.42 20.54
C MET A 219 8.45 -43.63 21.22
N THR A 220 8.53 -42.30 21.11
CA THR A 220 9.71 -41.62 21.64
C THR A 220 9.40 -40.27 22.25
N SER A 221 10.06 -40.00 23.39
CA SER A 221 9.95 -38.74 24.09
C SER A 221 11.18 -37.86 23.77
N ALA A 222 12.13 -38.36 22.99
CA ALA A 222 13.26 -37.55 22.52
C ALA A 222 12.86 -36.82 21.26
N ARG A 223 13.75 -35.96 20.78
CA ARG A 223 13.51 -35.14 19.59
C ARG A 223 14.75 -34.87 18.77
N ILE A 224 14.52 -34.51 17.52
CA ILE A 224 15.55 -33.93 16.68
C ILE A 224 15.14 -32.52 16.33
N SER A 225 16.11 -31.61 16.37
CA SER A 225 15.90 -30.25 15.85
C SER A 225 16.65 -30.12 14.55
N ILE A 226 16.00 -29.51 13.58
CA ILE A 226 16.52 -29.39 12.23
C ILE A 226 16.98 -27.96 11.96
N TYR A 227 18.17 -27.87 11.36
CA TYR A 227 18.81 -26.59 11.00
C TYR A 227 19.30 -26.65 9.56
N TRP A 228 19.62 -25.49 9.00
CA TRP A 228 20.10 -25.45 7.64
C TRP A 228 21.20 -24.42 7.49
N THR A 229 22.05 -24.65 6.48
CA THR A 229 23.20 -23.79 6.21
C THR A 229 23.36 -23.75 4.72
N ILE A 230 23.45 -22.57 4.14
CA ILE A 230 23.74 -22.37 2.72
C ILE A 230 25.21 -22.06 2.53
N VAL A 231 25.85 -22.77 1.58
CA VAL A 231 27.27 -22.57 1.31
C VAL A 231 27.44 -22.09 -0.13
N LYS A 232 27.99 -20.91 -0.29
CA LYS A 232 28.09 -20.26 -1.60
C LYS A 232 29.37 -20.73 -2.31
N PRO A 233 29.44 -20.49 -3.64
CA PRO A 233 30.65 -20.85 -4.38
C PRO A 233 31.87 -20.22 -3.75
N GLY A 234 32.90 -21.05 -3.53
CA GLY A 234 34.17 -20.59 -2.98
C GLY A 234 34.24 -20.63 -1.46
N ASP A 235 33.11 -20.91 -0.80
CA ASP A 235 33.08 -21.01 0.65
C ASP A 235 33.22 -22.49 1.01
N VAL A 236 33.24 -22.79 2.29
CA VAL A 236 33.46 -24.14 2.77
C VAL A 236 32.60 -24.40 4.02
N LEU A 237 32.06 -25.59 4.10
CA LEU A 237 31.29 -26.02 5.26
C LEU A 237 32.25 -26.73 6.18
N VAL A 238 32.18 -26.42 7.47
CA VAL A 238 32.90 -27.20 8.48
C VAL A 238 31.88 -27.62 9.52
N ILE A 239 31.93 -28.89 9.91
CA ILE A 239 31.03 -29.46 10.90
C ILE A 239 31.90 -30.00 12.03
N ASN A 240 31.61 -29.57 13.25
CA ASN A 240 32.43 -29.91 14.39
C ASN A 240 31.51 -30.32 15.52
N SER A 241 31.71 -31.52 16.05
CA SER A 241 30.78 -32.05 17.06
C SER A 241 31.45 -33.09 17.93
N ASN A 242 31.11 -33.08 19.23
CA ASN A 242 31.53 -34.13 20.16
C ASN A 242 30.31 -34.91 20.66
N GLY A 243 29.23 -34.89 19.89
CA GLY A 243 28.04 -35.66 20.21
C GLY A 243 26.77 -34.99 19.72
N ASN A 244 25.78 -35.81 19.40
CA ASN A 244 24.39 -35.40 19.15
C ASN A 244 24.14 -34.86 17.73
N LEU A 245 25.15 -34.96 16.86
CA LEU A 245 25.02 -34.56 15.46
C LEU A 245 24.11 -35.52 14.69
N ILE A 246 23.15 -34.95 13.98
CA ILE A 246 22.42 -35.63 12.93
C ILE A 246 23.00 -35.05 11.63
N ALA A 247 23.84 -35.83 10.98
CA ALA A 247 24.71 -35.31 9.93
C ALA A 247 24.02 -35.25 8.58
N PRO A 248 24.41 -34.28 7.73
CA PRO A 248 23.89 -34.28 6.37
C PRO A 248 24.56 -35.38 5.56
N ARG A 249 23.86 -35.91 4.55
CA ARG A 249 24.48 -36.86 3.60
C ARG A 249 24.96 -36.17 2.32
N GLY A 250 24.71 -34.88 2.18
CA GLY A 250 24.93 -34.20 0.92
C GLY A 250 24.20 -32.88 0.98
N TYR A 251 23.87 -32.31 -0.18
CA TYR A 251 23.22 -31.01 -0.26
C TYR A 251 22.11 -31.06 -1.26
N PHE A 252 21.23 -30.08 -1.11
CA PHE A 252 20.21 -29.81 -2.09
C PHE A 252 20.69 -28.69 -2.98
N LYS A 253 20.38 -28.82 -4.25
CA LYS A 253 20.65 -27.79 -5.21
C LYS A 253 19.61 -26.69 -5.08
N MET A 254 20.04 -25.46 -5.00
CA MET A 254 19.10 -24.31 -4.97
C MET A 254 18.96 -23.68 -6.33
N ARG A 255 17.74 -23.27 -6.65
CA ARG A 255 17.41 -22.50 -7.85
C ARG A 255 16.64 -21.26 -7.46
N THR A 256 16.48 -20.34 -8.39
CA THR A 256 15.60 -19.19 -8.23
C THR A 256 14.65 -19.27 -9.41
N GLY A 257 13.47 -18.71 -9.26
CA GLY A 257 12.47 -18.77 -10.32
C GLY A 257 11.08 -18.54 -9.77
N LYS A 258 10.08 -19.13 -10.40
CA LYS A 258 8.68 -18.85 -10.15
C LYS A 258 7.98 -19.83 -9.20
N SER A 259 8.73 -20.70 -8.53
CA SER A 259 8.12 -21.76 -7.71
C SER A 259 7.54 -21.24 -6.39
N SER A 260 6.47 -21.86 -5.94
CA SER A 260 5.88 -21.55 -4.64
C SER A 260 5.20 -22.78 -4.05
N ILE A 261 4.42 -22.55 -3.00
CA ILE A 261 3.72 -23.61 -2.30
C ILE A 261 2.37 -23.06 -1.89
N MET A 262 1.36 -23.92 -1.85
CA MET A 262 0.00 -23.52 -1.49
C MET A 262 -0.69 -24.61 -0.68
N ARG A 263 -1.48 -24.22 0.33
CA ARG A 263 -2.31 -25.15 1.11
C ARG A 263 -3.68 -25.19 0.45
N SER A 264 -4.09 -26.38 -0.01
CA SER A 264 -5.38 -26.56 -0.65
C SER A 264 -5.78 -28.02 -0.66
N ASP A 265 -7.08 -28.26 -0.58
CA ASP A 265 -7.63 -29.61 -0.74
C ASP A 265 -8.38 -29.78 -2.07
N ALA A 266 -8.25 -28.82 -2.97
CA ALA A 266 -8.92 -28.92 -4.25
C ALA A 266 -8.25 -30.05 -5.10
N PRO A 267 -9.08 -30.84 -5.80
CA PRO A 267 -8.51 -31.86 -6.70
C PRO A 267 -7.88 -31.27 -7.98
N ILE A 268 -6.88 -31.97 -8.52
CA ILE A 268 -6.20 -31.53 -9.74
C ILE A 268 -6.90 -32.18 -10.94
N ASP A 269 -7.10 -31.41 -12.00
CA ASP A 269 -7.93 -31.84 -13.13
C ASP A 269 -7.27 -31.41 -14.44
N THR A 270 -7.73 -31.92 -15.55
CA THR A 270 -7.16 -31.66 -16.86
C THR A 270 -7.86 -30.45 -17.47
N CYS A 271 -7.17 -29.33 -17.43
CA CYS A 271 -7.63 -28.07 -17.99
C CYS A 271 -6.42 -27.12 -17.95
N ILE A 272 -6.63 -25.93 -18.48
CA ILE A 272 -5.61 -24.92 -18.59
C ILE A 272 -6.11 -23.66 -17.86
N SER A 273 -5.28 -23.17 -16.94
CA SER A 273 -5.58 -21.93 -16.25
C SER A 273 -4.31 -21.33 -15.69
N GLU A 274 -4.07 -20.07 -16.03
CA GLU A 274 -2.94 -19.33 -15.50
C GLU A 274 -3.05 -19.08 -13.99
N CYS A 275 -4.25 -18.89 -13.46
CA CYS A 275 -4.45 -18.44 -12.08
C CYS A 275 -4.96 -19.54 -11.18
N ILE A 276 -4.27 -19.76 -10.07
CA ILE A 276 -4.60 -20.81 -9.11
C ILE A 276 -4.90 -20.17 -7.75
N THR A 277 -6.00 -20.61 -7.14
CA THR A 277 -6.31 -20.29 -5.75
C THR A 277 -6.49 -21.59 -4.99
N PRO A 278 -6.54 -21.52 -3.65
CA PRO A 278 -6.82 -22.70 -2.87
C PRO A 278 -8.21 -23.29 -3.08
N ASN A 279 -9.13 -22.47 -3.59
CA ASN A 279 -10.48 -22.93 -3.96
C ASN A 279 -10.50 -23.64 -5.32
N GLY A 280 -9.42 -23.53 -6.08
CA GLY A 280 -9.38 -24.03 -7.44
C GLY A 280 -8.89 -22.93 -8.37
N SER A 281 -8.72 -23.29 -9.64
CA SER A 281 -8.38 -22.32 -10.66
C SER A 281 -9.52 -21.36 -10.92
N ILE A 282 -9.15 -20.15 -11.32
CA ILE A 282 -10.13 -19.15 -11.73
C ILE A 282 -9.70 -18.53 -13.04
N PRO A 283 -10.69 -18.13 -13.86
CA PRO A 283 -10.35 -17.37 -15.07
C PRO A 283 -9.72 -16.05 -14.71
N ASN A 284 -8.91 -15.52 -15.62
CA ASN A 284 -8.25 -14.23 -15.40
C ASN A 284 -8.61 -13.18 -16.45
N ASP A 285 -9.82 -13.26 -17.00
CA ASP A 285 -10.30 -12.26 -17.96
C ASP A 285 -10.77 -10.96 -17.29
N LYS A 286 -11.13 -11.03 -16.02
CA LYS A 286 -11.57 -9.84 -15.27
C LYS A 286 -10.42 -9.28 -14.44
N PRO A 287 -10.43 -7.97 -14.17
CA PRO A 287 -9.28 -7.36 -13.45
C PRO A 287 -9.26 -7.61 -11.94
N PHE A 288 -10.42 -7.96 -11.37
CA PHE A 288 -10.54 -8.18 -9.95
C PHE A 288 -11.15 -9.55 -9.64
N GLN A 289 -10.93 -10.00 -8.41
CA GLN A 289 -11.56 -11.25 -7.95
C GLN A 289 -11.78 -11.21 -6.45
N ASN A 290 -12.79 -11.95 -6.03
CA ASN A 290 -13.23 -12.05 -4.65
C ASN A 290 -13.16 -13.51 -4.18
N VAL A 291 -12.46 -14.38 -4.92
CA VAL A 291 -12.41 -15.78 -4.57
C VAL A 291 -11.48 -16.01 -3.36
N ASN A 292 -10.25 -15.57 -3.46
CA ASN A 292 -9.29 -15.80 -2.36
C ASN A 292 -8.11 -14.84 -2.51
N LYS A 293 -7.70 -14.28 -1.38
CA LYS A 293 -6.53 -13.43 -1.35
C LYS A 293 -5.25 -14.21 -1.65
N ILE A 294 -5.27 -15.53 -1.44
CA ILE A 294 -4.14 -16.38 -1.76
C ILE A 294 -4.25 -16.80 -3.21
N THR A 295 -3.26 -16.44 -4.02
CA THR A 295 -3.26 -16.80 -5.43
C THR A 295 -1.84 -17.07 -5.93
N TYR A 296 -1.78 -17.80 -7.05
CA TYR A 296 -0.55 -18.11 -7.78
C TYR A 296 -0.79 -17.95 -9.27
N GLY A 297 0.09 -17.21 -9.94
CA GLY A 297 0.05 -17.00 -11.39
C GLY A 297 -0.51 -15.67 -11.83
N ALA A 298 -0.89 -15.58 -13.11
CA ALA A 298 -1.47 -14.36 -13.67
C ALA A 298 -2.93 -14.29 -13.25
N CYS A 299 -3.22 -13.44 -12.27
CA CYS A 299 -4.47 -13.45 -11.55
C CYS A 299 -5.10 -12.07 -11.51
N PRO A 300 -6.43 -12.00 -11.48
CA PRO A 300 -7.08 -10.75 -11.10
C PRO A 300 -6.64 -10.40 -9.67
N LYS A 301 -6.68 -9.11 -9.35
CA LYS A 301 -6.33 -8.64 -8.02
C LYS A 301 -7.48 -8.87 -7.06
N TYR A 302 -7.15 -9.30 -5.83
CA TYR A 302 -8.17 -9.54 -4.82
C TYR A 302 -8.77 -8.22 -4.28
N VAL A 303 -10.11 -8.18 -4.23
CA VAL A 303 -10.84 -7.06 -3.66
C VAL A 303 -11.93 -7.60 -2.77
N LYS A 304 -12.49 -6.74 -1.92
CA LYS A 304 -13.55 -7.13 -1.00
C LYS A 304 -14.94 -7.22 -1.63
N GLN A 305 -15.19 -6.46 -2.69
CA GLN A 305 -16.52 -6.44 -3.33
C GLN A 305 -16.78 -7.77 -4.01
N ASN A 306 -17.99 -8.31 -3.94
CA ASN A 306 -18.32 -9.51 -4.70
C ASN A 306 -18.86 -9.22 -6.12
N THR A 307 -19.18 -7.97 -6.39
CA THR A 307 -19.59 -7.56 -7.73
C THR A 307 -19.24 -6.10 -7.96
N LEU A 308 -18.79 -5.78 -9.15
CA LEU A 308 -18.64 -4.42 -9.62
C LEU A 308 -18.97 -4.36 -11.09
N LYS A 309 -19.95 -3.54 -11.46
CA LYS A 309 -20.45 -3.48 -12.83
C LYS A 309 -19.90 -2.27 -13.56
N LEU A 310 -19.26 -2.52 -14.68
CA LEU A 310 -18.81 -1.46 -15.59
C LEU A 310 -19.91 -1.30 -16.66
N ALA A 311 -20.53 -0.13 -16.69
CA ALA A 311 -21.50 0.24 -17.70
C ALA A 311 -20.91 0.06 -19.08
N THR A 312 -21.64 -0.63 -19.95
CA THR A 312 -21.24 -0.80 -21.34
C THR A 312 -22.31 -0.25 -22.28
N GLY A 313 -23.16 0.62 -21.75
CA GLY A 313 -24.17 1.26 -22.56
C GLY A 313 -24.64 2.56 -21.97
N MET A 314 -25.54 3.22 -22.70
CA MET A 314 -26.08 4.49 -22.26
C MET A 314 -27.09 4.27 -21.13
N ARG A 315 -27.49 5.38 -20.57
CA ARG A 315 -28.58 5.48 -19.64
C ARG A 315 -29.89 4.90 -20.24
N ASN A 316 -30.56 4.01 -19.51
CA ASN A 316 -31.74 3.30 -20.02
C ASN A 316 -32.98 4.03 -19.53
N VAL A 317 -33.68 4.68 -20.47
CA VAL A 317 -34.86 5.49 -20.18
C VAL A 317 -36.02 4.87 -20.93
N PRO A 318 -36.81 4.03 -20.24
CA PRO A 318 -38.00 3.47 -20.90
C PRO A 318 -39.14 4.50 -21.07
N GLU A 319 -40.09 4.21 -21.93
CA GLU A 319 -41.23 5.09 -22.06
C GLU A 319 -42.05 4.88 -20.78
N LYS A 320 -42.34 5.95 -20.04
CA LYS A 320 -43.34 5.87 -18.95
C LYS A 320 -44.64 5.26 -19.47
N GLN A 321 -45.37 4.60 -18.60
CA GLN A 321 -46.63 3.97 -18.99
C GLN A 321 -47.64 4.31 -17.96
N THR A 322 -48.92 4.15 -18.32
CA THR A 322 -50.03 4.40 -17.38
C THR A 322 -50.38 3.12 -16.63
N ARG A 323 -49.36 2.35 -16.29
CA ARG A 323 -49.49 1.04 -15.70
C ARG A 323 -48.29 0.83 -14.81
N GLY B 1 -27.14 13.50 -17.42
CA GLY B 1 -25.82 13.78 -18.04
C GLY B 1 -25.52 15.26 -18.24
N LEU B 2 -24.28 15.53 -18.61
CA LEU B 2 -23.78 16.89 -18.74
C LEU B 2 -24.39 17.67 -19.92
N PHE B 3 -24.85 16.97 -20.95
CA PHE B 3 -25.37 17.62 -22.16
C PHE B 3 -26.88 17.77 -22.19
N GLY B 4 -27.57 17.04 -21.34
CA GLY B 4 -28.99 17.23 -21.13
C GLY B 4 -29.89 16.67 -22.20
N ALA B 5 -29.38 15.76 -23.02
CA ALA B 5 -30.19 15.13 -24.08
C ALA B 5 -30.83 13.87 -23.53
N ILE B 6 -30.01 12.87 -23.23
CA ILE B 6 -30.51 11.59 -22.70
C ILE B 6 -31.00 11.81 -21.27
N ALA B 7 -32.23 11.37 -20.99
CA ALA B 7 -32.94 11.69 -19.75
C ALA B 7 -33.06 13.21 -19.49
N GLY B 8 -33.12 13.99 -20.57
CA GLY B 8 -33.22 15.45 -20.48
C GLY B 8 -34.26 15.92 -21.47
N PHE B 9 -33.84 16.68 -22.48
CA PHE B 9 -34.81 17.20 -23.46
C PHE B 9 -35.39 16.12 -24.40
N ILE B 10 -34.74 14.96 -24.46
CA ILE B 10 -35.34 13.78 -25.08
C ILE B 10 -36.01 12.99 -23.96
N GLU B 11 -37.33 12.91 -24.00
CA GLU B 11 -38.15 12.34 -22.92
C GLU B 11 -37.80 10.91 -22.59
N ASN B 12 -37.56 10.10 -23.61
CA ASN B 12 -37.19 8.71 -23.39
C ASN B 12 -36.52 8.09 -24.61
N GLY B 13 -36.03 6.88 -24.41
CA GLY B 13 -35.45 6.07 -25.49
C GLY B 13 -36.49 5.22 -26.20
N TRP B 14 -36.09 4.61 -27.31
CA TRP B 14 -36.99 3.81 -28.13
C TRP B 14 -36.64 2.34 -28.03
N GLU B 15 -37.50 1.55 -27.40
CA GLU B 15 -37.32 0.08 -27.37
C GLU B 15 -37.41 -0.57 -28.74
N GLY B 16 -38.13 0.06 -29.67
CA GLY B 16 -38.27 -0.39 -31.04
C GLY B 16 -37.00 -0.34 -31.89
N MET B 17 -36.07 0.53 -31.53
CA MET B 17 -34.82 0.64 -32.30
C MET B 17 -33.80 -0.42 -31.89
N ILE B 18 -33.84 -1.55 -32.59
CA ILE B 18 -32.98 -2.70 -32.30
C ILE B 18 -31.72 -2.77 -33.16
N ASP B 19 -31.57 -1.86 -34.14
CA ASP B 19 -30.46 -1.92 -35.10
C ASP B 19 -29.46 -0.75 -34.96
N GLY B 20 -29.52 -0.04 -33.84
CA GLY B 20 -28.64 1.07 -33.60
C GLY B 20 -28.90 1.65 -32.22
N TRP B 21 -28.00 2.51 -31.78
CA TRP B 21 -28.09 3.14 -30.47
C TRP B 21 -28.75 4.51 -30.55
N TYR B 22 -28.47 5.22 -31.63
CA TYR B 22 -29.06 6.53 -31.93
C TYR B 22 -29.69 6.44 -33.30
N GLY B 23 -30.67 7.28 -33.57
CA GLY B 23 -31.27 7.36 -34.89
C GLY B 23 -32.42 8.32 -35.08
N PHE B 24 -33.22 8.07 -36.11
CA PHE B 24 -34.21 9.03 -36.61
C PHE B 24 -35.61 8.42 -36.67
N ARG B 25 -36.60 9.20 -36.21
CA ARG B 25 -38.01 8.94 -36.52
C ARG B 25 -38.60 10.14 -37.26
N HIS B 26 -39.45 9.88 -38.25
CA HIS B 26 -40.05 10.95 -39.06
C HIS B 26 -41.53 10.73 -39.32
N GLN B 27 -42.26 11.84 -39.48
CA GLN B 27 -43.61 11.86 -40.04
C GLN B 27 -43.60 12.80 -41.24
N ASN B 28 -44.05 12.30 -42.40
CA ASN B 28 -44.24 13.13 -43.60
C ASN B 28 -45.54 12.72 -44.31
N SER B 29 -45.78 13.27 -45.51
CA SER B 29 -46.94 12.92 -46.35
C SER B 29 -47.10 11.40 -46.61
N GLU B 30 -45.98 10.73 -46.86
CA GLU B 30 -45.97 9.29 -47.16
C GLU B 30 -46.09 8.34 -45.95
N GLY B 31 -46.02 8.89 -44.72
CA GLY B 31 -46.24 8.10 -43.48
C GLY B 31 -45.16 8.30 -42.43
N THR B 32 -44.94 7.28 -41.60
CA THR B 32 -43.91 7.30 -40.55
C THR B 32 -42.87 6.22 -40.74
N GLY B 33 -41.70 6.42 -40.11
CA GLY B 33 -40.59 5.48 -40.23
C GLY B 33 -39.47 5.71 -39.23
N GLN B 34 -38.51 4.78 -39.24
CA GLN B 34 -37.40 4.75 -38.31
C GLN B 34 -36.13 4.25 -38.98
N ALA B 35 -35.00 4.90 -38.69
CA ALA B 35 -33.69 4.39 -39.12
C ALA B 35 -32.59 4.73 -38.11
N ALA B 36 -31.72 3.76 -37.88
CA ALA B 36 -30.54 3.95 -37.06
C ALA B 36 -29.53 4.85 -37.76
N ASP B 37 -28.86 5.72 -37.00
CA ASP B 37 -27.66 6.41 -37.46
C ASP B 37 -26.45 5.58 -37.06
N LEU B 38 -25.70 5.12 -38.05
CA LEU B 38 -24.57 4.21 -37.84
C LEU B 38 -23.35 4.93 -37.27
N LYS B 39 -23.12 6.18 -37.69
CA LYS B 39 -21.91 6.91 -37.33
C LYS B 39 -21.83 7.24 -35.82
N SER B 40 -22.90 7.81 -35.29
CA SER B 40 -23.04 8.11 -33.86
C SER B 40 -23.00 6.83 -33.00
N THR B 41 -23.73 5.82 -33.44
CA THR B 41 -23.76 4.51 -32.79
C THR B 41 -22.37 3.92 -32.69
N GLN B 42 -21.62 3.97 -33.78
CA GLN B 42 -20.29 3.39 -33.83
C GLN B 42 -19.28 4.18 -32.97
N ALA B 43 -19.41 5.50 -32.93
CA ALA B 43 -18.55 6.34 -32.11
C ALA B 43 -18.70 6.07 -30.62
N ALA B 44 -19.93 5.81 -30.18
CA ALA B 44 -20.18 5.45 -28.79
C ALA B 44 -19.62 4.07 -28.50
N ILE B 45 -19.95 3.09 -29.35
CA ILE B 45 -19.47 1.72 -29.18
C ILE B 45 -17.94 1.66 -29.19
N ASP B 46 -17.30 2.39 -30.09
CA ASP B 46 -15.83 2.42 -30.18
C ASP B 46 -15.19 2.94 -28.90
N GLN B 47 -15.75 4.03 -28.35
CA GLN B 47 -15.26 4.60 -27.10
C GLN B 47 -15.46 3.63 -25.93
N ILE B 48 -16.59 2.94 -25.88
CA ILE B 48 -16.88 2.00 -24.80
C ILE B 48 -16.02 0.74 -24.92
N ASN B 49 -15.84 0.23 -26.14
CA ASN B 49 -14.89 -0.87 -26.35
C ASN B 49 -13.48 -0.49 -25.91
N GLY B 50 -13.09 0.73 -26.25
CA GLY B 50 -11.78 1.25 -25.91
C GLY B 50 -11.55 1.20 -24.41
N LYS B 51 -12.49 1.74 -23.64
CA LYS B 51 -12.34 1.72 -22.16
C LYS B 51 -12.42 0.32 -21.56
N LEU B 52 -13.27 -0.54 -22.11
CA LEU B 52 -13.37 -1.92 -21.67
C LEU B 52 -12.03 -2.64 -21.84
N ASN B 53 -11.40 -2.48 -23.01
CA ASN B 53 -10.11 -3.13 -23.29
C ASN B 53 -8.98 -2.58 -22.41
N ARG B 54 -9.01 -1.29 -22.11
CA ARG B 54 -8.04 -0.72 -21.15
C ARG B 54 -8.23 -1.27 -19.73
N VAL B 55 -9.48 -1.42 -19.31
CA VAL B 55 -9.80 -1.92 -17.95
C VAL B 55 -9.44 -3.40 -17.74
N ILE B 56 -9.70 -4.25 -18.73
CA ILE B 56 -9.37 -5.69 -18.63
C ILE B 56 -7.96 -6.07 -19.11
N GLU B 57 -7.11 -5.06 -19.27
CA GLU B 57 -5.71 -5.24 -19.65
C GLU B 57 -4.99 -5.98 -18.50
N LYS B 58 -4.58 -7.23 -18.75
CA LYS B 58 -3.85 -8.02 -17.75
C LYS B 58 -2.51 -7.39 -17.35
N THR B 59 -2.35 -7.07 -16.06
CA THR B 59 -1.09 -6.50 -15.53
C THR B 59 -0.49 -7.16 -14.27
N ASN B 60 -1.07 -8.25 -13.80
CA ASN B 60 -0.75 -8.78 -12.46
C ASN B 60 -0.38 -10.26 -12.58
N GLU B 61 0.90 -10.56 -12.37
CA GLU B 61 1.39 -11.94 -12.30
C GLU B 61 2.32 -12.09 -11.10
N LYS B 62 1.91 -12.91 -10.12
CA LYS B 62 2.65 -13.08 -8.88
C LYS B 62 2.89 -14.55 -8.62
N PHE B 63 4.03 -14.85 -8.03
CA PHE B 63 4.40 -16.23 -7.79
C PHE B 63 4.54 -16.49 -6.30
N HIS B 64 5.75 -16.67 -5.79
CA HIS B 64 5.94 -16.80 -4.35
C HIS B 64 5.71 -15.46 -3.64
N GLN B 65 4.85 -15.46 -2.63
CA GLN B 65 4.44 -14.25 -1.92
C GLN B 65 4.63 -14.49 -0.40
N ILE B 66 3.91 -13.78 0.43
CA ILE B 66 3.85 -14.08 1.85
C ILE B 66 2.66 -15.00 2.14
N GLU B 67 2.74 -15.70 3.27
CA GLU B 67 1.62 -16.45 3.79
C GLU B 67 0.53 -15.47 4.30
N LYS B 68 -0.71 -15.89 4.19
CA LYS B 68 -1.87 -15.08 4.45
C LYS B 68 -2.90 -15.71 5.37
N GLU B 69 -2.69 -16.97 5.73
CA GLU B 69 -3.47 -17.68 6.75
C GLU B 69 -2.46 -18.39 7.62
N PHE B 70 -2.83 -18.59 8.87
CA PHE B 70 -1.88 -19.02 9.90
C PHE B 70 -2.58 -19.96 10.85
N SER B 71 -1.93 -21.07 11.17
CA SER B 71 -2.49 -22.06 12.07
C SER B 71 -2.10 -21.88 13.53
N GLU B 72 -1.12 -21.02 13.80
CA GLU B 72 -0.61 -20.73 15.15
C GLU B 72 -0.68 -19.24 15.45
N VAL B 73 -0.88 -18.89 16.71
CA VAL B 73 -0.69 -17.52 17.20
C VAL B 73 0.82 -17.27 17.32
N GLU B 74 1.31 -16.19 16.76
CA GLU B 74 2.75 -15.85 16.82
C GLU B 74 3.12 -14.45 17.33
N GLY B 75 2.21 -13.51 17.26
CA GLY B 75 2.50 -12.15 17.68
C GLY B 75 3.00 -11.28 16.55
N ARG B 76 4.11 -10.58 16.82
CA ARG B 76 4.52 -9.40 16.07
C ARG B 76 4.70 -9.58 14.56
N ILE B 77 5.44 -10.61 14.15
CA ILE B 77 5.68 -10.87 12.72
C ILE B 77 4.37 -11.17 11.98
N GLN B 78 3.50 -11.92 12.63
CA GLN B 78 2.23 -12.30 12.00
C GLN B 78 1.30 -11.12 11.98
N ASP B 79 1.31 -10.29 13.04
CA ASP B 79 0.52 -9.05 13.03
C ASP B 79 0.87 -8.23 11.80
N LEU B 80 2.16 -8.10 11.54
CA LEU B 80 2.65 -7.31 10.41
C LEU B 80 2.28 -7.91 9.06
N GLU B 81 2.50 -9.20 8.90
CA GLU B 81 2.06 -9.93 7.69
C GLU B 81 0.57 -9.71 7.38
N LYS B 82 -0.28 -9.83 8.39
CA LYS B 82 -1.71 -9.64 8.19
C LYS B 82 -2.06 -8.21 7.90
N TYR B 83 -1.39 -7.27 8.58
CA TYR B 83 -1.64 -5.85 8.36
C TYR B 83 -1.21 -5.44 6.97
N VAL B 84 -0.07 -5.93 6.50
CA VAL B 84 0.37 -5.66 5.13
C VAL B 84 -0.69 -6.10 4.10
N GLU B 85 -1.20 -7.33 4.25
CA GLU B 85 -2.17 -7.85 3.31
C GLU B 85 -3.50 -7.12 3.43
N ASP B 86 -3.97 -6.88 4.64
CA ASP B 86 -5.20 -6.13 4.85
C ASP B 86 -5.12 -4.71 4.25
N THR B 87 -3.98 -4.05 4.42
CA THR B 87 -3.72 -2.74 3.82
C THR B 87 -3.81 -2.73 2.30
N LYS B 88 -3.15 -3.72 1.69
CA LYS B 88 -3.16 -3.92 0.24
C LYS B 88 -4.57 -4.12 -0.28
N ILE B 89 -5.31 -5.00 0.37
CA ILE B 89 -6.68 -5.37 -0.07
C ILE B 89 -7.58 -4.14 -0.03
N ASP B 90 -7.47 -3.34 1.04
CA ASP B 90 -8.27 -2.13 1.15
C ASP B 90 -7.95 -1.12 0.10
N LEU B 91 -6.66 -0.92 -0.18
CA LEU B 91 -6.27 0.00 -1.25
C LEU B 91 -6.75 -0.46 -2.62
N TRP B 92 -6.62 -1.75 -2.91
CA TRP B 92 -7.14 -2.28 -4.17
C TRP B 92 -8.67 -2.20 -4.27
N SER B 93 -9.36 -2.49 -3.18
CA SER B 93 -10.82 -2.41 -3.15
C SER B 93 -11.27 -0.97 -3.43
N TYR B 94 -10.58 -0.01 -2.85
CA TYR B 94 -10.85 1.41 -3.12
C TYR B 94 -10.61 1.76 -4.58
N ASN B 95 -9.48 1.30 -5.14
CA ASN B 95 -9.18 1.59 -6.54
C ASN B 95 -10.28 1.02 -7.43
N ALA B 96 -10.74 -0.19 -7.12
CA ALA B 96 -11.79 -0.82 -7.92
C ALA B 96 -13.09 0.01 -7.84
N GLU B 97 -13.46 0.45 -6.64
CA GLU B 97 -14.68 1.25 -6.44
C GLU B 97 -14.62 2.58 -7.19
N LEU B 98 -13.50 3.28 -7.06
CA LEU B 98 -13.32 4.56 -7.72
C LEU B 98 -13.34 4.41 -9.24
N LEU B 99 -12.64 3.38 -9.74
CA LEU B 99 -12.51 3.16 -11.16
C LEU B 99 -13.88 3.03 -11.80
N VAL B 100 -14.75 2.18 -11.24
CA VAL B 100 -16.04 1.95 -11.87
C VAL B 100 -16.89 3.21 -11.78
N ALA B 101 -16.86 3.87 -10.63
CA ALA B 101 -17.61 5.13 -10.48
C ALA B 101 -17.23 6.17 -11.54
N LEU B 102 -15.93 6.40 -11.74
CA LEU B 102 -15.46 7.36 -12.75
C LEU B 102 -15.76 6.90 -14.16
N GLU B 103 -15.46 5.64 -14.45
CA GLU B 103 -15.74 5.06 -15.76
C GLU B 103 -17.23 5.22 -16.12
N ASN B 104 -18.11 4.94 -15.16
CA ASN B 104 -19.54 4.89 -15.43
C ASN B 104 -20.15 6.27 -15.58
N GLN B 105 -19.74 7.22 -14.74
CA GLN B 105 -20.11 8.63 -14.92
C GLN B 105 -19.71 9.10 -16.33
N HIS B 106 -18.48 8.78 -16.73
CA HIS B 106 -17.98 9.17 -18.04
C HIS B 106 -18.72 8.49 -19.19
N THR B 107 -19.11 7.23 -19.03
CA THR B 107 -19.82 6.51 -20.07
C THR B 107 -21.20 7.09 -20.29
N ILE B 108 -21.86 7.42 -19.20
CA ILE B 108 -23.14 8.11 -19.25
C ILE B 108 -22.98 9.49 -19.94
N ASP B 109 -21.96 10.25 -19.55
CA ASP B 109 -21.71 11.55 -20.19
C ASP B 109 -21.31 11.45 -21.66
N LEU B 110 -20.50 10.47 -22.06
CA LEU B 110 -20.10 10.38 -23.48
C LEU B 110 -21.26 9.91 -24.36
N THR B 111 -22.17 9.08 -23.84
CA THR B 111 -23.31 8.64 -24.62
C THR B 111 -24.33 9.76 -24.79
N ASP B 112 -24.54 10.53 -23.72
CA ASP B 112 -25.32 11.77 -23.74
C ASP B 112 -24.72 12.76 -24.74
N SER B 113 -23.39 12.87 -24.75
CA SER B 113 -22.68 13.73 -25.69
C SER B 113 -22.89 13.33 -27.14
N GLU B 114 -22.83 12.03 -27.44
CA GLU B 114 -23.05 11.59 -28.83
C GLU B 114 -24.47 11.89 -29.34
N MET B 115 -25.47 11.77 -28.45
CA MET B 115 -26.87 12.14 -28.79
C MET B 115 -26.90 13.60 -29.19
N ASN B 116 -26.32 14.43 -28.34
CA ASN B 116 -26.26 15.86 -28.55
C ASN B 116 -25.51 16.24 -29.82
N LYS B 117 -24.39 15.58 -30.10
CA LYS B 117 -23.66 15.83 -31.34
C LYS B 117 -24.51 15.55 -32.58
N LEU B 118 -25.29 14.46 -32.55
CA LEU B 118 -26.12 14.09 -33.69
C LEU B 118 -27.22 15.11 -33.90
N PHE B 119 -27.88 15.49 -32.80
CA PHE B 119 -28.90 16.51 -32.83
C PHE B 119 -28.39 17.85 -33.37
N GLU B 120 -27.27 18.33 -32.84
CA GLU B 120 -26.67 19.58 -33.31
C GLU B 120 -26.23 19.51 -34.77
N LYS B 121 -25.73 18.36 -35.19
CA LYS B 121 -25.32 18.14 -36.58
C LYS B 121 -26.53 18.25 -37.53
N THR B 122 -27.65 17.67 -37.10
CA THR B 122 -28.89 17.65 -37.88
C THR B 122 -29.46 19.07 -37.98
N GLY B 123 -29.52 19.78 -36.85
CA GLY B 123 -29.92 21.20 -36.84
C GLY B 123 -29.14 22.04 -37.83
N ARG B 124 -27.83 21.92 -37.81
CA ARG B 124 -26.96 22.65 -38.74
C ARG B 124 -27.14 22.31 -40.22
N GLN B 125 -27.52 21.06 -40.48
CA GLN B 125 -27.81 20.57 -41.82
C GLN B 125 -29.05 21.27 -42.43
N LEU B 126 -30.08 21.38 -41.60
CA LEU B 126 -31.35 21.96 -41.99
C LEU B 126 -31.38 23.50 -42.06
N ARG B 127 -30.28 24.17 -41.72
CA ARG B 127 -30.18 25.64 -41.84
C ARG B 127 -31.47 26.36 -41.44
N GLU B 128 -32.08 27.15 -42.33
CA GLU B 128 -33.29 27.92 -42.00
C GLU B 128 -34.59 27.20 -42.39
N ASN B 129 -34.49 25.94 -42.80
CA ASN B 129 -35.65 25.20 -43.28
C ASN B 129 -36.33 24.37 -42.19
N ALA B 130 -35.90 24.49 -40.95
CA ALA B 130 -36.54 23.79 -39.82
C ALA B 130 -36.42 24.56 -38.51
N GLU B 131 -37.21 24.17 -37.53
CA GLU B 131 -37.14 24.76 -36.18
C GLU B 131 -37.12 23.69 -35.09
N ASP B 132 -36.30 23.94 -34.07
CA ASP B 132 -36.14 23.06 -32.91
C ASP B 132 -37.37 23.14 -32.00
N MET B 133 -38.17 22.08 -31.95
CA MET B 133 -39.36 22.04 -31.08
C MET B 133 -39.04 21.95 -29.59
N GLY B 134 -37.84 21.46 -29.23
CA GLY B 134 -37.39 21.39 -27.84
C GLY B 134 -37.48 20.03 -27.16
N ASN B 135 -37.89 19.01 -27.92
CA ASN B 135 -38.08 17.65 -27.42
C ASN B 135 -37.31 16.63 -28.29
N GLY B 136 -36.27 17.11 -28.95
CA GLY B 136 -35.50 16.29 -29.88
C GLY B 136 -36.02 16.24 -31.29
N CYS B 137 -37.13 16.94 -31.58
CA CYS B 137 -37.75 16.93 -32.91
C CYS B 137 -37.63 18.28 -33.62
N PHE B 138 -37.30 18.24 -34.91
CA PHE B 138 -37.38 19.41 -35.77
C PHE B 138 -38.71 19.41 -36.53
N LYS B 139 -39.38 20.55 -36.55
CA LYS B 139 -40.46 20.81 -37.51
C LYS B 139 -39.81 21.28 -38.80
N ILE B 140 -39.96 20.51 -39.87
CA ILE B 140 -39.42 20.83 -41.18
C ILE B 140 -40.55 21.48 -41.98
N TYR B 141 -40.29 22.70 -42.47
CA TYR B 141 -41.32 23.51 -43.11
C TYR B 141 -41.35 23.38 -44.65
N HIS B 142 -41.40 22.15 -45.16
CA HIS B 142 -41.54 21.91 -46.60
C HIS B 142 -41.92 20.45 -46.90
N LYS B 143 -42.26 20.19 -48.15
CA LYS B 143 -42.54 18.83 -48.62
C LYS B 143 -41.24 18.05 -48.52
N CYS B 144 -41.17 17.17 -47.52
CA CYS B 144 -40.01 16.29 -47.36
C CYS B 144 -40.48 14.84 -47.45
N ASP B 145 -40.54 14.38 -48.70
CA ASP B 145 -40.80 12.99 -49.05
C ASP B 145 -39.68 12.05 -48.58
N ASN B 146 -39.96 10.75 -48.66
CA ASN B 146 -39.03 9.74 -48.16
C ASN B 146 -37.59 9.91 -48.66
N ALA B 147 -37.43 10.21 -49.95
CA ALA B 147 -36.09 10.48 -50.51
C ALA B 147 -35.39 11.70 -49.88
N CYS B 148 -36.18 12.71 -49.52
CA CYS B 148 -35.67 13.91 -48.84
C CYS B 148 -35.23 13.56 -47.40
N ILE B 149 -36.03 12.75 -46.70
CA ILE B 149 -35.70 12.30 -45.35
C ILE B 149 -34.37 11.53 -45.38
N GLU B 150 -34.30 10.49 -46.21
CA GLU B 150 -33.05 9.73 -46.41
C GLU B 150 -31.85 10.64 -46.72
N SER B 151 -32.08 11.72 -47.49
CA SER B 151 -31.04 12.70 -47.80
C SER B 151 -30.49 13.41 -46.55
N ILE B 152 -31.37 13.68 -45.58
CA ILE B 152 -30.98 14.25 -44.29
C ILE B 152 -30.14 13.20 -43.54
N ARG B 153 -30.61 11.97 -43.54
CA ARG B 153 -29.96 10.90 -42.78
C ARG B 153 -28.59 10.49 -43.34
N ASN B 154 -28.41 10.51 -44.68
CA ASN B 154 -27.09 10.18 -45.27
C ASN B 154 -26.24 11.41 -45.68
N GLY B 155 -26.57 12.57 -45.11
CA GLY B 155 -25.73 13.75 -45.24
C GLY B 155 -25.71 14.45 -46.60
N THR B 156 -26.74 14.25 -47.43
CA THR B 156 -26.81 14.79 -48.80
C THR B 156 -27.92 15.85 -49.01
N TYR B 157 -28.50 16.37 -47.93
CA TYR B 157 -29.58 17.34 -48.01
C TYR B 157 -29.04 18.73 -48.38
N ASP B 158 -29.37 19.20 -49.57
CA ASP B 158 -29.07 20.58 -49.98
C ASP B 158 -30.19 21.46 -49.46
N HIS B 159 -29.88 22.27 -48.45
CA HIS B 159 -30.89 23.16 -47.88
C HIS B 159 -31.35 24.25 -48.86
N ASP B 160 -30.48 24.66 -49.80
CA ASP B 160 -30.80 25.74 -50.74
C ASP B 160 -32.01 25.39 -51.62
N VAL B 161 -32.07 24.13 -52.06
CA VAL B 161 -33.18 23.60 -52.87
C VAL B 161 -34.56 23.98 -52.29
N TYR B 162 -34.72 23.83 -50.98
CA TYR B 162 -36.03 23.98 -50.31
C TYR B 162 -36.18 25.29 -49.51
N ARG B 163 -35.15 26.14 -49.51
CA ARG B 163 -35.12 27.30 -48.62
C ARG B 163 -36.28 28.29 -48.81
N ASP B 164 -36.51 28.71 -50.06
CA ASP B 164 -37.62 29.63 -50.39
C ASP B 164 -38.96 29.09 -49.93
N GLU B 165 -39.26 27.86 -50.31
CA GLU B 165 -40.48 27.18 -49.86
C GLU B 165 -40.59 27.26 -48.33
N ALA B 166 -39.49 26.91 -47.65
CA ALA B 166 -39.49 26.83 -46.20
C ALA B 166 -39.57 28.18 -45.50
N LEU B 167 -38.76 29.13 -45.97
CA LEU B 167 -38.78 30.52 -45.47
C LEU B 167 -40.19 31.13 -45.52
N ASN B 168 -40.88 30.91 -46.63
CA ASN B 168 -42.25 31.40 -46.81
C ASN B 168 -43.21 30.79 -45.77
N ASN B 169 -43.19 29.46 -45.65
CA ASN B 169 -44.00 28.74 -44.67
C ASN B 169 -43.72 29.13 -43.21
N ARG B 170 -42.48 29.50 -42.90
CA ARG B 170 -42.09 29.90 -41.55
C ARG B 170 -42.53 31.33 -41.19
N PHE B 171 -42.39 32.27 -42.11
CA PHE B 171 -42.67 33.69 -41.83
C PHE B 171 -43.99 34.22 -42.41
N GLN B 172 -45.03 34.24 -41.57
CA GLN B 172 -46.35 34.83 -41.89
C GLN B 172 -46.58 36.11 -41.09
N PRO C 3 -22.58 40.68 -51.88
CA PRO C 3 -21.20 40.24 -51.74
C PRO C 3 -20.83 40.20 -50.26
N GLY C 4 -20.97 39.00 -49.67
CA GLY C 4 -20.79 38.81 -48.25
C GLY C 4 -19.38 38.45 -47.85
N ALA C 5 -19.28 37.64 -46.81
CA ALA C 5 -17.99 37.20 -46.27
C ALA C 5 -18.17 35.89 -45.49
N THR C 6 -17.11 35.08 -45.48
CA THR C 6 -17.08 33.85 -44.70
C THR C 6 -16.09 34.06 -43.54
N LEU C 7 -16.49 33.68 -42.32
CA LEU C 7 -15.65 33.73 -41.13
C LEU C 7 -15.58 32.33 -40.55
N CYS C 8 -14.43 31.68 -40.75
CA CYS C 8 -14.20 30.32 -40.26
C CYS C 8 -13.46 30.30 -38.92
N LEU C 9 -14.03 29.57 -37.95
CA LEU C 9 -13.36 29.29 -36.67
C LEU C 9 -12.54 28.02 -36.77
N GLY C 10 -11.38 28.03 -36.15
CA GLY C 10 -10.53 26.85 -36.13
C GLY C 10 -9.55 26.79 -34.96
N HIS C 11 -8.71 25.77 -35.01
CA HIS C 11 -7.70 25.50 -33.99
C HIS C 11 -6.41 25.07 -34.69
N HIS C 12 -5.30 25.09 -33.96
CA HIS C 12 -4.03 24.71 -34.58
C HIS C 12 -3.88 23.20 -34.70
N ALA C 13 -2.90 22.82 -35.48
CA ALA C 13 -2.42 21.46 -35.59
C ALA C 13 -0.92 21.56 -35.86
N VAL C 14 -0.23 20.45 -35.74
CA VAL C 14 1.21 20.41 -35.97
C VAL C 14 1.49 19.23 -36.88
N PRO C 15 2.64 19.26 -37.58
CA PRO C 15 2.93 18.15 -38.51
C PRO C 15 3.27 16.84 -37.78
N ASN C 16 4.08 16.93 -36.72
CA ASN C 16 4.50 15.78 -35.90
C ASN C 16 3.92 15.85 -34.47
N GLY C 17 2.75 15.23 -34.26
CA GLY C 17 2.14 15.16 -32.91
C GLY C 17 2.75 14.07 -32.02
N THR C 18 2.17 13.87 -30.81
CA THR C 18 2.61 12.82 -29.89
C THR C 18 1.45 11.92 -29.47
N LEU C 19 1.73 10.63 -29.35
CA LEU C 19 0.75 9.66 -28.86
C LEU C 19 0.70 9.65 -27.33
N VAL C 20 -0.52 9.72 -26.79
CA VAL C 20 -0.79 9.61 -25.36
C VAL C 20 -1.92 8.63 -25.14
N LYS C 21 -2.10 8.24 -23.89
CA LYS C 21 -3.17 7.31 -23.48
C LYS C 21 -4.25 8.10 -22.78
N THR C 22 -5.48 7.60 -22.90
CA THR C 22 -6.65 8.20 -22.26
C THR C 22 -7.49 7.10 -21.61
N ILE C 23 -8.65 7.48 -21.07
CA ILE C 23 -9.61 6.50 -20.56
C ILE C 23 -10.08 5.56 -21.69
N THR C 24 -10.35 6.11 -22.87
CA THR C 24 -10.95 5.34 -23.96
C THR C 24 -9.96 4.84 -25.01
N ASP C 25 -8.77 5.41 -25.09
CA ASP C 25 -7.80 5.10 -26.15
C ASP C 25 -6.44 4.75 -25.57
N ASP C 26 -5.86 3.62 -26.00
CA ASP C 26 -4.51 3.31 -25.57
C ASP C 26 -3.46 4.19 -26.27
N GLN C 27 -3.78 4.72 -27.45
CA GLN C 27 -2.91 5.64 -28.18
C GLN C 27 -3.79 6.62 -28.92
N ILE C 28 -3.54 7.91 -28.72
CA ILE C 28 -4.23 8.94 -29.47
C ILE C 28 -3.33 10.17 -29.57
N GLU C 29 -3.42 10.87 -30.69
CA GLU C 29 -2.47 11.89 -31.04
C GLU C 29 -2.93 13.25 -30.55
N VAL C 30 -2.01 13.95 -29.87
CA VAL C 30 -2.22 15.31 -29.41
C VAL C 30 -1.06 16.16 -29.91
N THR C 31 -1.20 17.48 -29.78
CA THR C 31 -0.21 18.41 -30.34
C THR C 31 1.12 18.40 -29.59
N ASN C 32 1.06 18.13 -28.28
CA ASN C 32 2.25 18.07 -27.44
C ASN C 32 2.00 17.28 -26.16
N ALA C 33 3.08 16.80 -25.57
CA ALA C 33 3.02 16.09 -24.29
C ALA C 33 4.34 16.21 -23.59
N THR C 34 4.33 15.88 -22.29
CA THR C 34 5.53 15.95 -21.46
C THR C 34 5.71 14.63 -20.71
N GLU C 35 6.97 14.24 -20.51
CA GLU C 35 7.33 12.98 -19.89
C GLU C 35 7.23 13.09 -18.35
N LEU C 36 6.51 12.17 -17.73
CA LEU C 36 6.37 12.12 -16.26
C LEU C 36 7.25 11.09 -15.54
N VAL C 37 7.96 10.25 -16.29
CA VAL C 37 8.82 9.21 -15.73
C VAL C 37 10.27 9.55 -16.03
N GLN C 38 11.06 9.77 -14.98
CA GLN C 38 12.49 9.96 -15.09
C GLN C 38 13.14 8.61 -15.31
N SER C 39 13.74 8.39 -16.47
CA SER C 39 14.31 7.07 -16.79
C SER C 39 15.82 7.06 -16.95
N SER C 40 16.48 8.19 -16.70
CA SER C 40 17.93 8.25 -16.86
C SER C 40 18.59 8.92 -15.67
N SER C 41 19.88 8.66 -15.54
CA SER C 41 20.73 9.24 -14.52
C SER C 41 22.04 9.66 -15.15
N THR C 42 22.70 10.64 -14.55
CA THR C 42 24.09 10.97 -14.91
C THR C 42 25.10 9.85 -14.67
N GLY C 43 24.79 8.93 -13.75
CA GLY C 43 25.74 7.90 -13.33
C GLY C 43 26.66 8.34 -12.20
N LYS C 44 26.42 9.51 -11.63
CA LYS C 44 27.25 10.08 -10.57
C LYS C 44 26.38 10.53 -9.38
N ILE C 45 26.90 10.34 -8.18
CA ILE C 45 26.27 10.83 -6.97
C ILE C 45 26.78 12.25 -6.68
N CYS C 46 25.89 13.21 -6.78
CA CYS C 46 26.21 14.60 -6.47
C CYS C 46 26.52 14.79 -5.00
N ASN C 47 27.63 15.47 -4.69
CA ASN C 47 28.05 15.68 -3.29
C ASN C 47 27.31 16.77 -2.50
N ASN C 48 26.43 17.53 -3.16
CA ASN C 48 25.51 18.48 -2.50
C ASN C 48 24.07 18.20 -2.91
N PRO C 49 23.06 18.53 -2.09
CA PRO C 49 23.21 19.19 -0.78
C PRO C 49 23.33 18.24 0.44
N HIS C 50 23.38 16.93 0.22
CA HIS C 50 23.51 15.96 1.30
C HIS C 50 24.98 15.69 1.58
N ARG C 51 25.34 15.54 2.84
CA ARG C 51 26.69 15.07 3.19
C ARG C 51 26.90 13.58 2.83
N ILE C 52 27.66 13.32 1.76
CA ILE C 52 27.95 11.98 1.26
C ILE C 52 29.29 11.54 1.83
N LEU C 53 29.31 10.37 2.47
CA LEU C 53 30.53 9.76 2.93
C LEU C 53 30.78 8.49 2.15
N ASP C 54 31.85 8.51 1.36
CA ASP C 54 32.25 7.37 0.57
C ASP C 54 33.03 6.42 1.46
N GLY C 55 32.52 5.21 1.65
CA GLY C 55 33.19 4.20 2.45
C GLY C 55 34.46 3.64 1.84
N ILE C 56 34.64 3.81 0.53
CA ILE C 56 35.79 3.31 -0.21
C ILE C 56 35.94 1.81 0.01
N ASP C 57 36.92 1.39 0.82
CA ASP C 57 37.21 -0.02 1.07
C ASP C 57 36.54 -0.53 2.35
N CYS C 58 35.69 0.28 2.98
CA CYS C 58 35.17 0.00 4.30
C CYS C 58 33.66 -0.13 4.31
N THR C 59 33.13 -1.15 4.97
CA THR C 59 31.71 -1.19 5.34
C THR C 59 31.52 -0.26 6.53
N LEU C 60 30.27 0.15 6.74
CA LEU C 60 29.96 0.94 7.92
C LEU C 60 30.32 0.21 9.19
N ILE C 61 30.05 -1.11 9.24
CA ILE C 61 30.32 -1.88 10.46
C ILE C 61 31.85 -1.95 10.76
N ASP C 62 32.66 -2.08 9.72
CA ASP C 62 34.12 -2.10 9.91
C ASP C 62 34.65 -0.75 10.34
N ALA C 63 34.06 0.32 9.83
CA ALA C 63 34.37 1.66 10.29
C ALA C 63 33.96 1.84 11.75
N LEU C 64 32.80 1.29 12.10
CA LEU C 64 32.29 1.32 13.50
C LEU C 64 33.24 0.58 14.46
N LEU C 65 33.62 -0.64 14.11
CA LEU C 65 34.42 -1.47 15.00
C LEU C 65 35.86 -0.94 15.11
N GLY C 66 36.36 -0.37 14.02
CA GLY C 66 37.68 0.19 13.95
C GLY C 66 38.69 -0.76 13.36
N ASP C 67 38.32 -1.44 12.29
CA ASP C 67 39.28 -2.13 11.42
C ASP C 67 40.37 -1.10 11.02
N PRO C 68 41.68 -1.43 11.16
CA PRO C 68 42.73 -0.40 10.94
C PRO C 68 42.66 0.37 9.63
N HIS C 69 42.40 -0.31 8.51
CA HIS C 69 42.26 0.40 7.22
C HIS C 69 41.00 1.27 7.15
N CYS C 70 40.15 1.22 8.18
CA CYS C 70 39.00 2.12 8.32
C CYS C 70 39.18 3.22 9.39
N ASP C 71 40.38 3.37 9.92
CA ASP C 71 40.65 4.36 10.96
C ASP C 71 40.38 5.78 10.51
N VAL C 72 40.55 6.04 9.22
CA VAL C 72 40.24 7.34 8.65
C VAL C 72 38.77 7.76 8.87
N PHE C 73 37.87 6.80 9.10
CA PHE C 73 36.45 7.10 9.38
C PHE C 73 36.11 7.44 10.83
N GLN C 74 37.08 7.43 11.73
CA GLN C 74 36.82 7.74 13.13
C GLN C 74 36.07 9.03 13.30
N ASN C 75 35.02 9.03 14.13
CA ASN C 75 34.22 10.23 14.41
C ASN C 75 33.53 10.89 13.19
N GLU C 76 33.45 10.18 12.06
CA GLU C 76 32.83 10.75 10.87
C GLU C 76 31.32 10.87 11.00
N THR C 77 30.73 11.73 10.18
CA THR C 77 29.28 11.87 10.12
C THR C 77 28.86 11.87 8.68
N TRP C 78 27.55 11.65 8.46
CA TRP C 78 27.03 11.57 7.11
C TRP C 78 25.52 11.80 7.08
N ASP C 79 25.03 12.24 5.93
CA ASP C 79 23.64 12.07 5.60
C ASP C 79 23.47 10.73 4.88
N LEU C 80 24.35 10.41 3.94
CA LEU C 80 24.29 9.13 3.26
C LEU C 80 25.67 8.50 3.25
N PHE C 81 25.81 7.36 3.91
CA PHE C 81 27.01 6.54 3.84
C PHE C 81 26.88 5.63 2.63
N VAL C 82 27.90 5.66 1.78
CA VAL C 82 27.92 4.86 0.56
C VAL C 82 28.88 3.69 0.68
N GLU C 83 28.35 2.47 0.61
CA GLU C 83 29.15 1.26 0.74
C GLU C 83 29.44 0.74 -0.65
N ARG C 84 30.72 0.43 -0.94
CA ARG C 84 31.16 -0.01 -2.26
C ARG C 84 31.26 -1.53 -2.32
N SER C 85 31.11 -2.09 -3.50
CA SER C 85 31.21 -3.54 -3.67
C SER C 85 32.65 -4.07 -3.49
N LYS C 86 33.65 -3.20 -3.64
CA LYS C 86 35.05 -3.57 -3.35
C LYS C 86 35.44 -3.56 -1.86
N ALA C 87 34.53 -3.23 -0.94
CA ALA C 87 34.86 -3.16 0.47
C ALA C 87 35.34 -4.50 0.98
N PHE C 88 36.29 -4.49 1.91
CA PHE C 88 36.81 -5.73 2.47
C PHE C 88 37.10 -5.52 3.95
N SER C 89 37.03 -6.61 4.69
CA SER C 89 37.46 -6.66 6.08
C SER C 89 38.91 -7.11 6.11
N ASN C 90 39.67 -6.57 7.07
CA ASN C 90 41.09 -6.89 7.20
C ASN C 90 41.55 -6.92 8.66
N CYS C 91 40.71 -7.45 9.55
CA CYS C 91 40.99 -7.51 10.97
C CYS C 91 40.59 -8.90 11.47
N TYR C 92 40.30 -9.07 12.76
CA TYR C 92 39.95 -10.39 13.28
C TYR C 92 38.62 -10.85 12.66
N PRO C 93 38.52 -12.10 12.21
CA PRO C 93 37.24 -12.48 11.61
C PRO C 93 36.11 -12.47 12.65
N TYR C 94 34.96 -11.93 12.26
CA TYR C 94 33.87 -11.72 13.17
C TYR C 94 32.54 -11.99 12.49
N ASP C 95 31.51 -12.24 13.28
CA ASP C 95 30.14 -12.17 12.80
C ASP C 95 29.34 -11.25 13.71
N VAL C 96 28.23 -10.73 13.20
CA VAL C 96 27.30 -9.96 13.99
C VAL C 96 25.94 -10.61 13.87
N PRO C 97 25.48 -11.30 14.93
CA PRO C 97 24.09 -11.77 14.87
C PRO C 97 23.18 -10.55 14.71
N ASP C 98 22.25 -10.60 13.80
CA ASP C 98 21.48 -9.39 13.46
C ASP C 98 22.37 -8.21 12.95
N TYR C 99 23.37 -8.57 12.13
CA TYR C 99 24.16 -7.60 11.37
C TYR C 99 23.30 -6.50 10.74
N ALA C 100 22.21 -6.90 10.08
CA ALA C 100 21.38 -5.96 9.35
C ALA C 100 20.80 -4.87 10.27
N SER C 101 20.39 -5.23 11.48
CA SER C 101 19.87 -4.27 12.44
C SER C 101 20.93 -3.30 12.95
N LEU C 102 22.12 -3.81 13.28
CA LEU C 102 23.19 -2.94 13.75
C LEU C 102 23.59 -1.95 12.65
N ARG C 103 23.80 -2.44 11.43
CA ARG C 103 24.07 -1.59 10.30
C ARG C 103 23.00 -0.53 10.11
N SER C 104 21.73 -0.92 10.23
CA SER C 104 20.63 0.02 10.04
C SER C 104 20.59 1.12 11.11
N LEU C 105 20.73 0.74 12.38
CA LEU C 105 20.61 1.71 13.44
C LEU C 105 21.80 2.69 13.44
N VAL C 106 22.99 2.21 13.11
CA VAL C 106 24.15 3.09 12.98
C VAL C 106 23.96 4.01 11.77
N ALA C 107 23.59 3.44 10.65
CA ALA C 107 23.38 4.22 9.43
C ALA C 107 22.40 5.37 9.66
N SER C 108 21.34 5.06 10.38
CA SER C 108 20.27 6.00 10.66
C SER C 108 20.65 7.07 11.70
N SER C 109 21.54 6.71 12.62
CA SER C 109 22.10 7.67 13.57
C SER C 109 23.02 8.71 12.89
N GLY C 110 23.73 8.33 11.84
CA GLY C 110 24.48 9.28 11.05
C GLY C 110 25.82 9.75 11.60
N THR C 111 26.32 9.07 12.64
CA THR C 111 27.60 9.45 13.25
C THR C 111 28.32 8.25 13.83
N LEU C 112 29.64 8.34 13.84
CA LEU C 112 30.53 7.42 14.53
C LEU C 112 31.26 8.11 15.69
N GLU C 113 30.76 9.26 16.15
CA GLU C 113 31.34 9.95 17.30
C GLU C 113 31.49 9.00 18.47
N PHE C 114 32.72 8.84 18.94
CA PHE C 114 33.07 7.90 19.99
C PHE C 114 33.67 8.60 21.20
N ILE C 115 33.18 8.27 22.39
CA ILE C 115 33.64 8.88 23.62
C ILE C 115 34.25 7.76 24.45
N THR C 116 35.55 7.88 24.72
CA THR C 116 36.26 6.90 25.53
C THR C 116 35.85 7.08 26.98
N GLU C 117 35.65 5.95 27.67
CA GLU C 117 35.29 5.94 29.08
C GLU C 117 36.35 5.13 29.82
N GLY C 118 36.60 5.48 31.08
CA GLY C 118 37.60 4.80 31.89
C GLY C 118 37.09 3.53 32.56
N PHE C 119 36.88 2.48 31.77
CA PHE C 119 36.59 1.17 32.34
C PHE C 119 37.81 0.67 33.10
N THR C 120 37.60 0.09 34.27
CA THR C 120 38.67 -0.50 35.06
C THR C 120 38.51 -2.00 35.01
N TRP C 121 39.47 -2.67 34.40
CA TRP C 121 39.46 -4.12 34.20
C TRP C 121 40.49 -4.77 35.12
N THR C 122 40.07 -5.03 36.35
CA THR C 122 40.97 -5.46 37.42
C THR C 122 41.40 -6.92 37.25
N GLY C 123 42.72 -7.11 37.14
CA GLY C 123 43.34 -8.42 37.16
C GLY C 123 43.40 -9.12 35.83
N VAL C 124 43.31 -8.38 34.74
CA VAL C 124 43.44 -8.91 33.39
C VAL C 124 44.39 -8.06 32.57
N THR C 125 44.93 -8.66 31.51
CA THR C 125 45.77 -7.96 30.55
C THR C 125 44.87 -7.31 29.51
N GLN C 126 45.14 -6.05 29.18
CA GLN C 126 44.38 -5.30 28.18
C GLN C 126 45.09 -5.21 26.84
N ASN C 127 44.37 -4.71 25.83
CA ASN C 127 44.94 -4.36 24.51
C ASN C 127 45.52 -5.53 23.76
N GLY C 128 44.87 -6.67 23.83
CA GLY C 128 45.28 -7.83 23.03
C GLY C 128 45.13 -7.53 21.55
N GLY C 129 45.93 -8.24 20.76
CA GLY C 129 45.94 -8.07 19.31
C GLY C 129 46.25 -9.36 18.60
N SER C 130 46.31 -9.29 17.28
CA SER C 130 46.49 -10.45 16.44
C SER C 130 47.13 -10.04 15.15
N ASN C 131 47.87 -10.97 14.53
CA ASN C 131 48.42 -10.76 13.20
C ASN C 131 47.33 -10.79 12.13
N ALA C 132 46.15 -11.28 12.46
CA ALA C 132 45.00 -11.14 11.58
C ALA C 132 44.55 -9.67 11.43
N CYS C 133 44.98 -8.80 12.33
CA CYS C 133 44.57 -7.39 12.34
C CYS C 133 45.76 -6.46 12.56
N LYS C 134 46.62 -6.37 11.54
CA LYS C 134 47.81 -5.52 11.60
C LYS C 134 47.52 -4.03 11.61
N ARG C 135 48.20 -3.32 12.50
CA ARG C 135 48.16 -1.88 12.63
C ARG C 135 49.63 -1.43 12.68
N GLY C 136 50.08 -0.75 11.63
CA GLY C 136 51.51 -0.62 11.36
C GLY C 136 52.10 -2.00 11.12
N PRO C 137 53.36 -2.22 11.52
CA PRO C 137 54.02 -3.51 11.27
C PRO C 137 53.62 -4.63 12.24
N GLY C 138 53.15 -4.29 13.44
CA GLY C 138 52.83 -5.30 14.46
C GLY C 138 51.38 -5.66 14.58
N SER C 139 51.10 -6.61 15.46
CA SER C 139 49.76 -7.11 15.63
C SER C 139 48.88 -6.02 16.25
N GLY C 140 47.59 -6.08 15.96
CA GLY C 140 46.66 -5.10 16.47
C GLY C 140 45.25 -5.66 16.52
N PHE C 141 44.30 -4.73 16.65
CA PHE C 141 42.93 -5.07 16.90
C PHE C 141 42.03 -3.91 16.51
N PHE C 142 40.73 -4.17 16.54
CA PHE C 142 39.71 -3.14 16.38
C PHE C 142 39.98 -1.99 17.36
N SER C 143 40.01 -0.75 16.86
CA SER C 143 40.36 0.39 17.72
C SER C 143 39.37 0.64 18.84
N ARG C 144 38.09 0.32 18.65
CA ARG C 144 37.04 0.59 19.64
C ARG C 144 36.75 -0.57 20.58
N LEU C 145 37.49 -1.66 20.45
CA LEU C 145 37.35 -2.84 21.29
C LEU C 145 38.67 -3.14 22.02
N ASN C 146 38.55 -3.82 23.15
CA ASN C 146 39.67 -4.07 24.07
C ASN C 146 39.67 -5.55 24.42
N TRP C 147 40.61 -6.29 23.83
CA TRP C 147 40.67 -7.74 24.00
C TRP C 147 41.34 -8.01 25.34
N LEU C 148 40.57 -8.56 26.28
CA LEU C 148 41.07 -8.87 27.60
C LEU C 148 41.49 -10.32 27.68
N THR C 149 42.67 -10.56 28.25
CA THR C 149 43.16 -11.92 28.53
C THR C 149 43.70 -12.00 29.96
N LYS C 150 44.12 -13.20 30.35
CA LYS C 150 44.64 -13.41 31.68
C LYS C 150 45.86 -12.52 32.02
N SER C 151 46.00 -12.24 33.32
CA SER C 151 47.20 -11.60 33.90
C SER C 151 47.86 -12.59 34.86
N GLY C 152 49.13 -12.86 34.62
CA GLY C 152 49.81 -14.00 35.26
C GLY C 152 49.14 -15.28 34.84
N SER C 153 48.51 -15.96 35.80
CA SER C 153 47.83 -17.23 35.52
C SER C 153 46.39 -17.24 36.02
N THR C 154 45.79 -16.06 36.16
CA THR C 154 44.40 -15.94 36.59
C THR C 154 43.63 -14.93 35.72
N TYR C 155 42.35 -15.21 35.54
CA TYR C 155 41.39 -14.30 34.93
C TYR C 155 40.24 -14.26 35.93
N PRO C 156 40.12 -13.19 36.73
CA PRO C 156 39.06 -13.14 37.76
C PRO C 156 37.72 -12.81 37.15
N VAL C 157 36.66 -12.91 37.95
CA VAL C 157 35.34 -12.46 37.51
C VAL C 157 35.40 -10.96 37.36
N LEU C 158 35.26 -10.49 36.13
CA LEU C 158 35.17 -9.06 35.87
C LEU C 158 33.76 -8.62 36.17
N ASN C 159 33.62 -7.50 36.85
CA ASN C 159 32.35 -6.95 37.22
C ASN C 159 32.46 -5.44 37.26
N VAL C 160 32.04 -4.76 36.19
CA VAL C 160 32.15 -3.31 36.12
C VAL C 160 30.85 -2.65 35.77
N THR C 161 30.79 -1.35 36.04
CA THR C 161 29.64 -0.55 35.84
C THR C 161 30.00 0.76 35.19
N MET C 162 29.09 1.28 34.35
CA MET C 162 29.19 2.59 33.80
C MET C 162 27.81 3.21 33.76
N PRO C 163 27.56 4.20 34.64
CA PRO C 163 26.24 4.83 34.58
C PRO C 163 26.17 5.85 33.44
N ASN C 164 24.97 6.02 32.90
CA ASN C 164 24.70 7.11 31.98
C ASN C 164 24.09 8.27 32.74
N ASN C 165 24.92 9.23 33.09
CA ASN C 165 24.49 10.45 33.75
C ASN C 165 24.40 11.62 32.77
N ASP C 166 24.47 11.33 31.48
CA ASP C 166 24.28 12.35 30.46
C ASP C 166 22.79 12.41 30.10
N ASN C 167 22.44 13.33 29.22
CA ASN C 167 21.04 13.47 28.75
C ASN C 167 20.79 12.93 27.34
N PHE C 168 21.62 11.98 26.90
CA PHE C 168 21.51 11.35 25.57
C PHE C 168 21.72 9.85 25.70
N ASP C 169 21.33 9.11 24.68
CA ASP C 169 21.52 7.65 24.64
C ASP C 169 22.94 7.28 24.25
N LYS C 170 23.49 6.28 24.93
CA LYS C 170 24.81 5.75 24.63
C LYS C 170 24.68 4.40 23.94
N LEU C 171 25.41 4.20 22.84
CA LEU C 171 25.51 2.89 22.16
C LEU C 171 26.85 2.23 22.50
N TYR C 172 26.79 1.07 23.14
CA TYR C 172 27.98 0.28 23.44
C TYR C 172 28.08 -0.92 22.50
N ILE C 173 29.24 -1.08 21.89
CA ILE C 173 29.56 -2.22 21.05
C ILE C 173 30.57 -3.07 21.84
N TRP C 174 30.29 -4.35 21.96
CA TRP C 174 31.16 -5.28 22.69
C TRP C 174 31.10 -6.61 21.96
N GLY C 175 31.83 -7.60 22.45
CA GLY C 175 31.88 -8.87 21.79
C GLY C 175 32.31 -10.00 22.68
N VAL C 176 32.34 -11.18 22.07
CA VAL C 176 32.70 -12.42 22.71
C VAL C 176 33.64 -13.17 21.79
N HIS C 177 34.73 -13.69 22.33
CA HIS C 177 35.70 -14.44 21.54
C HIS C 177 35.38 -15.92 21.59
N HIS C 178 35.45 -16.58 20.45
CA HIS C 178 35.19 -18.01 20.31
C HIS C 178 36.47 -18.72 19.91
N PRO C 179 37.20 -19.31 20.88
CA PRO C 179 38.45 -19.98 20.52
C PRO C 179 38.27 -21.22 19.64
N SER C 180 39.31 -21.56 18.88
CA SER C 180 39.26 -22.75 18.02
C SER C 180 39.39 -24.05 18.82
N THR C 181 40.17 -24.05 19.91
CA THR C 181 40.45 -25.24 20.71
C THR C 181 40.34 -24.99 22.20
N ASN C 182 40.17 -26.08 22.97
CA ASN C 182 40.18 -26.03 24.44
C ASN C 182 41.50 -25.50 25.00
N GLN C 183 42.60 -25.84 24.34
CA GLN C 183 43.92 -25.35 24.73
C GLN C 183 43.96 -23.81 24.68
N GLU C 184 43.45 -23.26 23.58
CA GLU C 184 43.40 -21.81 23.37
C GLU C 184 42.55 -21.12 24.44
N GLN C 185 41.38 -21.69 24.72
CA GLN C 185 40.47 -21.19 25.75
C GLN C 185 41.18 -21.06 27.09
N THR C 186 41.83 -22.14 27.56
CA THR C 186 42.44 -22.16 28.88
C THR C 186 43.69 -21.31 28.92
N SER C 187 44.46 -21.37 27.84
CA SER C 187 45.65 -20.55 27.69
C SER C 187 45.34 -19.04 27.78
N LEU C 188 44.24 -18.59 27.17
CA LEU C 188 43.87 -17.16 27.16
C LEU C 188 43.08 -16.70 28.38
N TYR C 189 42.13 -17.52 28.82
CA TYR C 189 41.15 -17.11 29.84
C TYR C 189 41.15 -17.95 31.13
N VAL C 190 42.06 -18.92 31.23
CA VAL C 190 42.19 -19.83 32.38
C VAL C 190 40.99 -20.76 32.56
N GLN C 191 39.81 -20.19 32.84
CA GLN C 191 38.58 -20.99 32.98
C GLN C 191 38.29 -21.74 31.67
N ALA C 192 37.74 -22.95 31.82
CA ALA C 192 37.50 -23.86 30.69
C ALA C 192 36.28 -23.44 29.87
N SER C 193 35.36 -22.71 30.48
CA SER C 193 34.23 -22.16 29.79
C SER C 193 33.99 -20.73 30.27
N GLY C 194 34.07 -19.77 29.36
CA GLY C 194 33.79 -18.38 29.67
C GLY C 194 32.32 -18.04 29.62
N ARG C 195 32.05 -16.76 29.86
CA ARG C 195 30.70 -16.23 29.86
C ARG C 195 30.77 -14.70 29.86
N VAL C 196 29.85 -14.07 29.15
CA VAL C 196 29.73 -12.62 29.07
C VAL C 196 28.26 -12.27 29.25
N THR C 197 27.98 -11.43 30.23
CA THR C 197 26.64 -10.96 30.52
C THR C 197 26.73 -9.43 30.57
N VAL C 198 25.96 -8.77 29.71
CA VAL C 198 25.90 -7.32 29.67
C VAL C 198 24.46 -6.91 29.91
N SER C 199 24.24 -6.00 30.85
CA SER C 199 22.90 -5.65 31.26
C SER C 199 22.70 -4.18 31.59
N THR C 200 21.45 -3.75 31.44
CA THR C 200 20.96 -2.49 31.97
C THR C 200 19.88 -2.84 33.02
N ARG C 201 19.20 -1.84 33.57
CA ARG C 201 18.08 -2.11 34.49
C ARG C 201 16.98 -2.93 33.84
N ARG C 202 16.72 -2.64 32.57
CA ARG C 202 15.59 -3.14 31.83
C ARG C 202 15.82 -4.39 31.00
N SER C 203 17.06 -4.61 30.57
CA SER C 203 17.36 -5.72 29.66
C SER C 203 18.74 -6.35 29.93
N GLN C 204 18.97 -7.48 29.29
CA GLN C 204 20.20 -8.22 29.47
C GLN C 204 20.47 -9.13 28.29
N GLN C 205 21.75 -9.39 28.05
CA GLN C 205 22.20 -10.35 27.05
C GLN C 205 23.26 -11.21 27.72
N THR C 206 23.13 -12.53 27.66
CA THR C 206 24.21 -13.42 28.13
C THR C 206 24.60 -14.38 27.00
N ILE C 207 25.90 -14.42 26.73
CA ILE C 207 26.44 -15.18 25.62
C ILE C 207 27.46 -16.14 26.21
N ILE C 208 27.33 -17.42 25.86
CA ILE C 208 28.31 -18.46 26.20
C ILE C 208 29.15 -18.67 24.93
N PRO C 209 30.49 -18.59 25.02
CA PRO C 209 31.29 -18.93 23.86
C PRO C 209 31.20 -20.40 23.47
N ASN C 210 31.45 -20.65 22.19
CA ASN C 210 31.48 -21.94 21.58
C ASN C 210 32.88 -22.22 21.06
N ILE C 211 33.53 -23.24 21.61
CA ILE C 211 34.87 -23.61 21.19
C ILE C 211 34.78 -24.53 19.97
N GLY C 212 35.61 -24.30 18.96
CA GLY C 212 35.64 -25.16 17.77
C GLY C 212 36.26 -24.49 16.57
N SER C 213 36.69 -25.29 15.59
CA SER C 213 37.31 -24.75 14.38
C SER C 213 36.24 -24.19 13.45
N ARG C 214 36.54 -23.03 12.89
CA ARG C 214 35.83 -22.45 11.77
C ARG C 214 36.86 -22.43 10.61
N PRO C 215 36.39 -22.16 9.38
CA PRO C 215 37.39 -22.06 8.32
C PRO C 215 38.37 -20.93 8.61
N TRP C 216 39.62 -21.19 8.31
CA TRP C 216 40.73 -20.24 8.33
C TRP C 216 40.37 -18.96 7.56
N VAL C 217 40.39 -17.83 8.27
CA VAL C 217 40.28 -16.50 7.66
C VAL C 217 41.39 -15.66 8.26
N ARG C 218 42.27 -15.14 7.41
CA ARG C 218 43.40 -14.31 7.82
C ARG C 218 44.13 -14.94 9.01
N MET C 219 44.55 -16.18 8.83
CA MET C 219 45.41 -16.90 9.76
C MET C 219 44.72 -17.42 11.04
N THR C 220 43.39 -17.39 11.11
CA THR C 220 42.73 -17.84 12.33
C THR C 220 41.43 -18.62 12.07
N SER C 221 41.24 -19.64 12.88
CA SER C 221 40.06 -20.49 12.88
C SER C 221 39.07 -20.05 13.95
N ALA C 222 39.48 -19.14 14.82
CA ALA C 222 38.63 -18.62 15.88
C ALA C 222 37.81 -17.47 15.34
N ARG C 223 36.90 -16.97 16.16
CA ARG C 223 35.99 -15.88 15.78
C ARG C 223 35.64 -14.97 16.94
N ILE C 224 35.17 -13.78 16.60
CA ILE C 224 34.55 -12.89 17.55
C ILE C 224 33.10 -12.68 17.11
N SER C 225 32.17 -12.67 18.06
CA SER C 225 30.79 -12.28 17.81
C SER C 225 30.56 -10.93 18.42
N ILE C 226 29.90 -10.06 17.67
CA ILE C 226 29.69 -8.68 18.05
C ILE C 226 28.24 -8.46 18.47
N TYR C 227 28.07 -7.76 19.61
CA TYR C 227 26.78 -7.41 20.18
C TYR C 227 26.73 -5.93 20.52
N TRP C 228 25.53 -5.43 20.78
CA TRP C 228 25.37 -4.04 21.13
C TRP C 228 24.31 -3.86 22.19
N THR C 229 24.43 -2.76 22.95
CA THR C 229 23.55 -2.46 24.05
C THR C 229 23.41 -0.95 24.08
N ILE C 230 22.18 -0.45 24.09
CA ILE C 230 21.90 0.99 24.24
C ILE C 230 21.54 1.29 25.69
N VAL C 231 22.15 2.34 26.24
CA VAL C 231 21.91 2.74 27.63
C VAL C 231 21.31 4.15 27.63
N LYS C 232 20.10 4.27 28.15
CA LYS C 232 19.38 5.54 28.15
C LYS C 232 19.78 6.39 29.35
N PRO C 233 19.45 7.71 29.32
CA PRO C 233 19.74 8.56 30.46
C PRO C 233 19.13 7.99 31.73
N GLY C 234 19.95 7.91 32.77
CA GLY C 234 19.52 7.43 34.09
C GLY C 234 19.69 5.93 34.28
N ASP C 235 20.03 5.21 33.21
CA ASP C 235 20.24 3.78 33.29
C ASP C 235 21.73 3.53 33.48
N VAL C 236 22.11 2.26 33.61
CA VAL C 236 23.44 1.90 34.03
C VAL C 236 23.85 0.61 33.32
N LEU C 237 25.00 0.60 32.67
CA LEU C 237 25.54 -0.60 32.05
C LEU C 237 26.31 -1.39 33.09
N VAL C 238 26.09 -2.69 33.15
CA VAL C 238 26.93 -3.59 33.95
C VAL C 238 27.46 -4.68 33.01
N ILE C 239 28.74 -4.97 33.12
CA ILE C 239 29.40 -6.00 32.31
C ILE C 239 30.03 -6.99 33.28
N ASN C 240 29.70 -8.26 33.10
CA ASN C 240 30.09 -9.31 34.04
C ASN C 240 30.61 -10.48 33.21
N SER C 241 31.82 -10.92 33.49
CA SER C 241 32.45 -11.96 32.68
C SER C 241 33.55 -12.68 33.44
N ASN C 242 33.65 -13.98 33.24
CA ASN C 242 34.76 -14.79 33.76
C ASN C 242 35.60 -15.34 32.59
N GLY C 243 35.54 -14.68 31.44
CA GLY C 243 36.33 -15.04 30.30
C GLY C 243 35.66 -14.74 28.98
N ASN C 244 36.48 -14.45 27.97
CA ASN C 244 36.08 -14.35 26.58
C ASN C 244 35.44 -13.01 26.19
N LEU C 245 35.45 -12.04 27.12
CA LEU C 245 34.94 -10.71 26.85
C LEU C 245 35.87 -9.94 25.90
N ILE C 246 35.25 -9.37 24.86
CA ILE C 246 35.89 -8.34 24.05
C ILE C 246 35.20 -7.04 24.49
N ALA C 247 35.91 -6.25 25.28
CA ALA C 247 35.30 -5.16 26.04
C ALA C 247 35.16 -3.88 25.24
N PRO C 248 34.13 -3.07 25.53
CA PRO C 248 34.04 -1.76 24.91
C PRO C 248 35.08 -0.82 25.51
N ARG C 249 35.52 0.16 24.73
CA ARG C 249 36.39 1.24 25.25
C ARG C 249 35.62 2.51 25.60
N GLY C 250 34.32 2.54 25.35
CA GLY C 250 33.54 3.76 25.44
C GLY C 250 32.22 3.53 24.71
N TYR C 251 31.59 4.61 24.27
CA TYR C 251 30.30 4.53 23.61
C TYR C 251 30.29 5.42 22.40
N PHE C 252 29.34 5.12 21.53
CA PHE C 252 29.01 5.98 20.42
C PHE C 252 27.83 6.83 20.80
N LYS C 253 27.87 8.06 20.36
CA LYS C 253 26.76 8.97 20.52
C LYS C 253 25.68 8.65 19.49
N MET C 254 24.45 8.52 19.92
CA MET C 254 23.32 8.30 18.98
C MET C 254 22.60 9.59 18.69
N ARG C 255 22.21 9.76 17.44
CA ARG C 255 21.36 10.86 16.98
C ARG C 255 20.15 10.28 16.24
N THR C 256 19.16 11.12 16.01
CA THR C 256 18.06 10.79 15.13
C THR C 256 18.06 11.89 14.08
N GLY C 257 17.58 11.61 12.90
CA GLY C 257 17.63 12.56 11.80
C GLY C 257 17.43 11.86 10.48
N LYS C 258 18.01 12.46 9.43
CA LYS C 258 17.76 12.05 8.05
C LYS C 258 18.82 11.09 7.46
N SER C 259 19.71 10.54 8.29
CA SER C 259 20.83 9.77 7.79
C SER C 259 20.43 8.37 7.33
N SER C 260 21.11 7.86 6.30
CA SER C 260 20.90 6.49 5.85
C SER C 260 22.19 5.93 5.24
N ILE C 261 22.05 4.79 4.59
CA ILE C 261 23.17 4.10 3.96
C ILE C 261 22.67 3.53 2.65
N MET C 262 23.55 3.46 1.66
CA MET C 262 23.21 2.92 0.35
C MET C 262 24.39 2.14 -0.24
N ARG C 263 24.09 1.02 -0.92
CA ARG C 263 25.08 0.24 -1.66
C ARG C 263 25.12 0.78 -3.09
N SER C 264 26.28 1.25 -3.51
CA SER C 264 26.44 1.82 -4.85
C SER C 264 27.89 1.88 -5.23
N ASP C 265 28.17 1.69 -6.52
CA ASP C 265 29.50 1.87 -7.08
C ASP C 265 29.59 3.12 -7.95
N ALA C 266 28.57 3.98 -7.91
CA ALA C 266 28.61 5.20 -8.69
C ALA C 266 29.64 6.16 -8.09
N PRO C 267 30.44 6.84 -8.93
CA PRO C 267 31.40 7.82 -8.39
C PRO C 267 30.74 9.12 -7.88
N ILE C 268 31.38 9.78 -6.93
CA ILE C 268 30.89 11.02 -6.36
C ILE C 268 31.45 12.19 -7.17
N ASP C 269 30.62 13.20 -7.40
CA ASP C 269 30.98 14.33 -8.26
C ASP C 269 30.54 15.63 -7.56
N THR C 270 31.10 16.76 -8.01
CA THR C 270 30.71 18.06 -7.45
C THR C 270 29.56 18.59 -8.31
N CYS C 271 28.35 18.49 -7.75
CA CYS C 271 27.13 18.94 -8.40
C CYS C 271 26.05 18.96 -7.32
N ILE C 272 24.85 19.38 -7.69
CA ILE C 272 23.75 19.50 -6.77
C ILE C 272 22.57 18.65 -7.24
N SER C 273 22.10 17.77 -6.36
CA SER C 273 20.91 16.98 -6.64
C SER C 273 20.29 16.48 -5.35
N GLU C 274 19.01 16.76 -5.19
CA GLU C 274 18.26 16.31 -4.03
C GLU C 274 18.10 14.79 -4.00
N CYS C 275 17.97 14.13 -5.15
CA CYS C 275 17.62 12.71 -5.20
C CYS C 275 18.79 11.84 -5.59
N ILE C 276 19.06 10.80 -4.79
CA ILE C 276 20.15 9.88 -5.02
C ILE C 276 19.61 8.47 -5.18
N THR C 277 20.11 7.76 -6.19
CA THR C 277 19.88 6.33 -6.38
C THR C 277 21.22 5.63 -6.46
N PRO C 278 21.24 4.29 -6.38
CA PRO C 278 22.47 3.56 -6.57
C PRO C 278 23.09 3.70 -7.96
N ASN C 279 22.27 4.07 -8.95
CA ASN C 279 22.74 4.35 -10.30
C ASN C 279 23.37 5.73 -10.42
N GLY C 280 23.17 6.58 -9.42
CA GLY C 280 23.60 7.98 -9.47
C GLY C 280 22.45 8.88 -9.11
N SER C 281 22.72 10.16 -9.03
CA SER C 281 21.70 11.17 -8.84
C SER C 281 20.73 11.23 -10.02
N ILE C 282 19.50 11.58 -9.72
CA ILE C 282 18.50 11.82 -10.76
C ILE C 282 17.80 13.14 -10.48
N PRO C 283 17.37 13.83 -11.54
CA PRO C 283 16.52 15.00 -11.37
C PRO C 283 15.21 14.61 -10.71
N ASN C 284 14.61 15.56 -9.99
CA ASN C 284 13.31 15.33 -9.35
C ASN C 284 12.25 16.31 -9.83
N ASP C 285 12.32 16.76 -11.08
CA ASP C 285 11.26 17.57 -11.68
C ASP C 285 10.03 16.77 -12.09
N LYS C 286 10.19 15.47 -12.34
CA LYS C 286 9.07 14.61 -12.70
C LYS C 286 8.53 13.86 -11.48
N PRO C 287 7.24 13.52 -11.49
CA PRO C 287 6.65 12.86 -10.31
C PRO C 287 6.97 11.38 -10.15
N PHE C 288 7.39 10.72 -11.23
CA PHE C 288 7.70 9.30 -11.22
C PHE C 288 9.08 9.02 -11.78
N GLN C 289 9.61 7.85 -11.44
CA GLN C 289 10.88 7.40 -12.00
C GLN C 289 10.95 5.89 -12.08
N ASN C 290 11.74 5.43 -13.03
CA ASN C 290 11.93 4.01 -13.32
C ASN C 290 13.41 3.64 -13.18
N VAL C 291 14.21 4.51 -12.57
CA VAL C 291 15.65 4.25 -12.47
C VAL C 291 15.93 3.17 -11.40
N ASN C 292 15.42 3.34 -10.19
CA ASN C 292 15.69 2.37 -9.13
C ASN C 292 14.70 2.56 -7.99
N LYS C 293 14.20 1.45 -7.48
CA LYS C 293 13.32 1.49 -6.32
C LYS C 293 14.05 1.94 -5.05
N ILE C 294 15.39 1.82 -5.04
CA ILE C 294 16.18 2.33 -3.95
C ILE C 294 16.51 3.78 -4.21
N THR C 295 16.07 4.67 -3.32
CA THR C 295 16.35 6.08 -3.43
C THR C 295 16.56 6.72 -2.06
N TYR C 296 17.21 7.89 -2.06
CA TYR C 296 17.43 8.74 -0.90
C TYR C 296 17.20 10.20 -1.30
N GLY C 297 16.39 10.91 -0.49
CA GLY C 297 16.11 12.33 -0.67
C GLY C 297 14.76 12.61 -1.29
N ALA C 298 14.59 13.85 -1.76
CA ALA C 298 13.37 14.27 -2.44
C ALA C 298 13.36 13.69 -3.87
N CYS C 299 12.58 12.65 -4.08
CA CYS C 299 12.69 11.79 -5.23
C CYS C 299 11.32 11.58 -5.88
N PRO C 300 11.29 11.42 -7.21
CA PRO C 300 10.10 10.91 -7.84
C PRO C 300 9.82 9.51 -7.29
N LYS C 301 8.55 9.12 -7.30
CA LYS C 301 8.14 7.80 -6.84
C LYS C 301 8.47 6.75 -7.89
N TYR C 302 8.95 5.59 -7.45
CA TYR C 302 9.27 4.50 -8.36
C TYR C 302 8.00 3.83 -8.93
N VAL C 303 8.00 3.65 -10.25
CA VAL C 303 6.94 2.95 -10.95
C VAL C 303 7.56 2.01 -11.96
N LYS C 304 6.75 1.07 -12.45
CA LYS C 304 7.21 0.08 -13.43
C LYS C 304 7.28 0.60 -14.87
N GLN C 305 6.49 1.59 -15.22
CA GLN C 305 6.46 2.12 -16.59
C GLN C 305 7.76 2.85 -16.87
N ASN C 306 8.31 2.71 -18.06
CA ASN C 306 9.50 3.49 -18.46
C ASN C 306 9.13 4.83 -19.13
N THR C 307 7.87 5.01 -19.49
CA THR C 307 7.39 6.27 -20.03
C THR C 307 5.91 6.45 -19.71
N LEU C 308 5.52 7.67 -19.37
CA LEU C 308 4.12 8.08 -19.28
C LEU C 308 4.01 9.51 -19.75
N LYS C 309 3.19 9.76 -20.76
CA LYS C 309 3.07 11.08 -21.38
C LYS C 309 1.83 11.79 -20.90
N LEU C 310 2.02 12.99 -20.33
CA LEU C 310 0.92 13.87 -19.99
C LEU C 310 0.70 14.82 -21.16
N ALA C 311 -0.47 14.75 -21.79
CA ALA C 311 -0.87 15.67 -22.84
C ALA C 311 -0.78 17.11 -22.37
N THR C 312 -0.12 17.94 -23.17
CA THR C 312 -0.03 19.38 -22.89
C THR C 312 -0.62 20.17 -24.04
N GLY C 313 -1.46 19.53 -24.84
CA GLY C 313 -2.14 20.19 -25.92
C GLY C 313 -3.39 19.46 -26.35
N MET C 314 -4.10 20.06 -27.30
CA MET C 314 -5.31 19.48 -27.83
C MET C 314 -5.02 18.29 -28.73
N ARG C 315 -6.11 17.65 -29.10
CA ARG C 315 -6.13 16.62 -30.13
C ARG C 315 -5.55 17.16 -31.46
N ASN C 316 -4.62 16.41 -32.07
CA ASN C 316 -3.93 16.87 -33.28
C ASN C 316 -4.64 16.27 -34.49
N VAL C 317 -5.31 17.13 -35.25
CA VAL C 317 -6.03 16.74 -36.47
C VAL C 317 -5.38 17.48 -37.65
N PRO C 318 -4.42 16.84 -38.30
CA PRO C 318 -3.60 17.57 -39.27
C PRO C 318 -4.31 17.82 -40.61
N GLU C 319 -3.69 18.68 -41.41
CA GLU C 319 -4.11 19.20 -42.75
C GLU C 319 -4.40 20.67 -42.51
N GLY D 1 -13.77 14.46 -28.81
CA GLY D 1 -14.15 14.99 -27.46
C GLY D 1 -15.65 15.10 -27.24
N LEU D 2 -16.00 15.53 -26.03
CA LEU D 2 -17.38 15.59 -25.60
C LEU D 2 -18.21 16.67 -26.30
N PHE D 3 -17.57 17.73 -26.79
CA PHE D 3 -18.29 18.86 -27.41
C PHE D 3 -18.40 18.79 -28.93
N GLY D 4 -17.59 17.93 -29.55
CA GLY D 4 -17.75 17.62 -30.94
C GLY D 4 -17.24 18.67 -31.89
N ALA D 5 -16.39 19.59 -31.43
CA ALA D 5 -15.80 20.60 -32.30
C ALA D 5 -14.50 20.06 -32.87
N ILE D 6 -13.49 19.88 -32.02
CA ILE D 6 -12.17 19.39 -32.46
C ILE D 6 -12.31 17.91 -32.82
N ALA D 7 -11.85 17.54 -34.01
CA ALA D 7 -12.10 16.21 -34.61
C ALA D 7 -13.60 15.88 -34.72
N GLY D 8 -14.42 16.92 -34.89
CA GLY D 8 -15.87 16.75 -35.04
C GLY D 8 -16.36 17.63 -36.16
N PHE D 9 -17.17 18.63 -35.85
CA PHE D 9 -17.72 19.50 -36.90
C PHE D 9 -16.67 20.43 -37.53
N ILE D 10 -15.53 20.62 -36.87
CA ILE D 10 -14.37 21.22 -37.51
C ILE D 10 -13.51 20.09 -38.04
N GLU D 11 -13.41 19.99 -39.36
CA GLU D 11 -12.78 18.86 -40.05
C GLU D 11 -11.34 18.64 -39.64
N ASN D 12 -10.59 19.72 -39.50
CA ASN D 12 -9.19 19.62 -39.12
C ASN D 12 -8.63 20.91 -38.57
N GLY D 13 -7.40 20.81 -38.05
CA GLY D 13 -6.67 21.97 -37.55
C GLY D 13 -5.85 22.63 -38.64
N TRP D 14 -5.31 23.79 -38.30
CA TRP D 14 -4.55 24.62 -39.23
C TRP D 14 -3.08 24.60 -38.84
N GLU D 15 -2.24 23.96 -39.64
CA GLU D 15 -0.78 23.96 -39.35
C GLU D 15 -0.13 25.33 -39.48
N GLY D 16 -0.74 26.19 -40.29
CA GLY D 16 -0.29 27.57 -40.50
C GLY D 16 -0.45 28.49 -39.31
N MET D 17 -1.38 28.19 -38.40
CA MET D 17 -1.57 29.03 -37.22
C MET D 17 -0.56 28.73 -36.12
N ILE D 18 0.56 29.46 -36.15
CA ILE D 18 1.67 29.26 -35.22
C ILE D 18 1.65 30.23 -34.04
N ASP D 19 0.72 31.18 -34.02
CA ASP D 19 0.71 32.27 -33.01
C ASP D 19 -0.48 32.19 -32.02
N GLY D 20 -1.15 31.05 -31.99
CA GLY D 20 -2.30 30.84 -31.14
C GLY D 20 -2.81 29.44 -31.34
N TRP D 21 -3.68 29.02 -30.43
CA TRP D 21 -4.23 27.67 -30.44
C TRP D 21 -5.58 27.64 -31.15
N TYR D 22 -6.36 28.71 -30.98
CA TYR D 22 -7.65 28.88 -31.64
C TYR D 22 -7.59 30.22 -32.36
N GLY D 23 -8.42 30.38 -33.39
CA GLY D 23 -8.52 31.66 -34.09
C GLY D 23 -9.47 31.72 -35.27
N PHE D 24 -9.22 32.69 -36.14
CA PHE D 24 -10.16 33.06 -37.21
C PHE D 24 -9.50 33.03 -38.59
N ARG D 25 -10.22 32.48 -39.55
CA ARG D 25 -9.92 32.69 -40.98
C ARG D 25 -11.13 33.33 -41.66
N HIS D 26 -10.87 34.26 -42.57
CA HIS D 26 -11.94 34.98 -43.27
C HIS D 26 -11.67 35.12 -44.76
N GLN D 27 -12.74 35.16 -45.53
CA GLN D 27 -12.72 35.59 -46.93
C GLN D 27 -13.72 36.72 -47.09
N ASN D 28 -13.27 37.87 -47.58
CA ASN D 28 -14.16 39.00 -47.89
C ASN D 28 -13.76 39.64 -49.23
N SER D 29 -14.36 40.79 -49.56
CA SER D 29 -14.03 41.56 -50.78
C SER D 29 -12.52 41.88 -50.92
N GLU D 30 -11.88 42.26 -49.80
CA GLU D 30 -10.46 42.63 -49.79
C GLU D 30 -9.46 41.46 -49.80
N GLY D 31 -9.93 40.22 -49.63
CA GLY D 31 -9.06 39.03 -49.70
C GLY D 31 -9.24 38.06 -48.54
N THR D 32 -8.19 37.30 -48.22
CA THR D 32 -8.21 36.32 -47.12
C THR D 32 -7.17 36.63 -46.06
N GLY D 33 -7.40 36.08 -44.87
CA GLY D 33 -6.50 36.30 -43.73
C GLY D 33 -6.74 35.39 -42.55
N GLN D 34 -5.83 35.50 -41.58
CA GLN D 34 -5.82 34.65 -40.39
C GLN D 34 -5.40 35.44 -39.16
N ALA D 35 -6.07 35.22 -38.03
CA ALA D 35 -5.64 35.79 -36.74
C ALA D 35 -5.98 34.85 -35.60
N ALA D 36 -5.03 34.72 -34.68
CA ALA D 36 -5.21 33.98 -33.44
C ALA D 36 -6.17 34.73 -32.52
N ASP D 37 -7.03 34.00 -31.81
CA ASP D 37 -7.79 34.55 -30.69
C ASP D 37 -6.99 34.28 -29.42
N LEU D 38 -6.58 35.35 -28.75
CA LEU D 38 -5.72 35.24 -27.59
C LEU D 38 -6.46 34.77 -26.35
N LYS D 39 -7.72 35.18 -26.18
CA LYS D 39 -8.47 34.89 -24.95
C LYS D 39 -8.76 33.38 -24.76
N SER D 40 -9.27 32.74 -25.80
CA SER D 40 -9.52 31.29 -25.79
C SER D 40 -8.22 30.49 -25.67
N THR D 41 -7.20 30.88 -26.40
CA THR D 41 -5.89 30.28 -26.36
C THR D 41 -5.31 30.33 -24.94
N GLN D 42 -5.41 31.48 -24.29
CA GLN D 42 -4.88 31.66 -22.96
C GLN D 42 -5.65 30.87 -21.90
N ALA D 43 -6.97 30.79 -22.05
CA ALA D 43 -7.82 30.01 -21.14
C ALA D 43 -7.47 28.51 -21.15
N ALA D 44 -7.16 27.98 -22.33
CA ALA D 44 -6.74 26.59 -22.45
C ALA D 44 -5.35 26.40 -21.83
N ILE D 45 -4.41 27.26 -22.22
CA ILE D 45 -3.05 27.20 -21.68
C ILE D 45 -3.03 27.36 -20.16
N ASP D 46 -3.82 28.28 -19.63
CA ASP D 46 -3.90 28.49 -18.16
C ASP D 46 -4.39 27.25 -17.43
N GLN D 47 -5.43 26.60 -17.97
CA GLN D 47 -5.93 25.37 -17.39
C GLN D 47 -4.90 24.23 -17.45
N ILE D 48 -4.18 24.12 -18.58
CA ILE D 48 -3.17 23.08 -18.74
C ILE D 48 -1.95 23.34 -17.89
N ASN D 49 -1.50 24.59 -17.79
CA ASN D 49 -0.45 24.95 -16.84
C ASN D 49 -0.85 24.59 -15.41
N GLY D 50 -2.10 24.89 -15.06
CA GLY D 50 -2.61 24.59 -13.73
C GLY D 50 -2.47 23.11 -13.41
N LYS D 51 -2.95 22.24 -14.30
CA LYS D 51 -2.86 20.81 -14.05
C LYS D 51 -1.41 20.26 -14.08
N LEU D 52 -0.59 20.81 -14.96
CA LEU D 52 0.82 20.44 -15.03
C LEU D 52 1.52 20.73 -13.70
N ASN D 53 1.28 21.93 -13.15
CA ASN D 53 1.90 22.33 -11.89
C ASN D 53 1.40 21.49 -10.71
N ARG D 54 0.13 21.11 -10.71
CA ARG D 54 -0.39 20.20 -9.70
C ARG D 54 0.23 18.81 -9.79
N VAL D 55 0.43 18.31 -11.01
CA VAL D 55 0.98 16.95 -11.22
C VAL D 55 2.48 16.86 -10.82
N ILE D 56 3.27 17.86 -11.17
CA ILE D 56 4.71 17.82 -10.85
C ILE D 56 5.08 18.48 -9.51
N GLU D 57 4.07 18.67 -8.66
CA GLU D 57 4.24 19.18 -7.30
C GLU D 57 5.07 18.19 -6.50
N LYS D 58 6.29 18.57 -6.14
CA LYS D 58 7.17 17.67 -5.34
C LYS D 58 6.57 17.43 -3.93
N THR D 59 6.25 16.15 -3.63
CA THR D 59 5.60 15.75 -2.37
C THR D 59 6.24 14.54 -1.64
N ASN D 60 7.36 14.04 -2.14
CA ASN D 60 7.93 12.79 -1.65
C ASN D 60 9.39 13.04 -1.27
N GLU D 61 9.67 13.00 0.02
CA GLU D 61 11.03 13.06 0.54
C GLU D 61 11.23 11.97 1.61
N LYS D 62 12.07 11.00 1.30
CA LYS D 62 12.28 9.84 2.18
C LYS D 62 13.76 9.68 2.44
N PHE D 63 14.08 9.23 3.65
CA PHE D 63 15.47 9.07 4.05
C PHE D 63 15.77 7.61 4.34
N HIS D 64 15.95 7.22 5.58
CA HIS D 64 16.21 5.82 5.89
C HIS D 64 14.92 4.99 5.72
N GLN D 65 15.01 3.91 4.95
CA GLN D 65 13.84 3.08 4.61
C GLN D 65 14.20 1.61 4.90
N ILE D 66 13.57 0.68 4.21
CA ILE D 66 13.92 -0.72 4.28
C ILE D 66 14.89 -1.05 3.15
N GLU D 67 15.64 -2.12 3.36
CA GLU D 67 16.46 -2.70 2.30
C GLU D 67 15.54 -3.35 1.23
N LYS D 68 15.99 -3.31 -0.01
CA LYS D 68 15.21 -3.75 -1.14
C LYS D 68 15.94 -4.70 -2.07
N GLU D 69 17.22 -4.94 -1.83
CA GLU D 69 18.00 -5.98 -2.48
C GLU D 69 18.76 -6.70 -1.38
N PHE D 70 19.05 -7.96 -1.62
CA PHE D 70 19.51 -8.88 -0.62
C PHE D 70 20.50 -9.84 -1.26
N SER D 71 21.63 -10.06 -0.58
CA SER D 71 22.66 -10.91 -1.11
C SER D 71 22.54 -12.38 -0.63
N GLU D 72 21.73 -12.63 0.38
CA GLU D 72 21.53 -13.97 0.96
C GLU D 72 20.05 -14.33 0.96
N VAL D 73 19.75 -15.62 0.82
CA VAL D 73 18.43 -16.17 1.08
C VAL D 73 18.19 -16.20 2.59
N GLU D 74 17.05 -15.67 3.04
CA GLU D 74 16.72 -15.66 4.48
C GLU D 74 15.34 -16.24 4.86
N GLY D 75 14.41 -16.28 3.93
CA GLY D 75 13.08 -16.74 4.25
C GLY D 75 12.15 -15.64 4.65
N ARG D 76 11.45 -15.85 5.76
CA ARG D 76 10.20 -15.17 6.08
C ARG D 76 10.29 -13.63 6.15
N ILE D 77 11.28 -13.10 6.89
CA ILE D 77 11.43 -11.65 7.00
C ILE D 77 11.70 -11.00 5.63
N GLN D 78 12.52 -11.66 4.82
CA GLN D 78 12.87 -11.11 3.52
C GLN D 78 11.71 -11.24 2.57
N ASP D 79 10.96 -12.35 2.65
CA ASP D 79 9.72 -12.50 1.85
C ASP D 79 8.83 -11.30 2.09
N LEU D 80 8.65 -10.95 3.35
CA LEU D 80 7.79 -9.83 3.74
C LEU D 80 8.31 -8.47 3.25
N GLU D 81 9.58 -8.21 3.48
CA GLU D 81 10.22 -6.99 2.96
C GLU D 81 10.01 -6.81 1.45
N LYS D 82 10.21 -7.89 0.69
CA LYS D 82 10.05 -7.81 -0.76
C LYS D 82 8.60 -7.63 -1.15
N TYR D 83 7.70 -8.34 -0.46
CA TYR D 83 6.27 -8.23 -0.73
C TYR D 83 5.75 -6.84 -0.43
N VAL D 84 6.21 -6.25 0.68
CA VAL D 84 5.84 -4.86 1.01
C VAL D 84 6.23 -3.89 -0.13
N GLU D 85 7.46 -4.01 -0.61
CA GLU D 85 7.95 -3.12 -1.65
C GLU D 85 7.25 -3.38 -2.98
N ASP D 86 7.10 -4.65 -3.35
CA ASP D 86 6.40 -4.99 -4.56
C ASP D 86 4.93 -4.48 -4.55
N THR D 87 4.26 -4.59 -3.41
CA THR D 87 2.91 -4.08 -3.24
C THR D 87 2.80 -2.57 -3.45
N LYS D 88 3.73 -1.85 -2.82
CA LYS D 88 3.83 -0.40 -2.94
C LYS D 88 4.01 0.01 -4.41
N ILE D 89 4.97 -0.63 -5.08
CA ILE D 89 5.32 -0.28 -6.46
C ILE D 89 4.11 -0.48 -7.38
N ASP D 90 3.40 -1.59 -7.19
CA ASP D 90 2.22 -1.85 -8.01
C ASP D 90 1.12 -0.84 -7.79
N LEU D 91 0.88 -0.46 -6.54
CA LEU D 91 -0.11 0.58 -6.25
C LEU D 91 0.26 1.93 -6.84
N TRP D 92 1.53 2.30 -6.71
CA TRP D 92 2.00 3.55 -7.34
C TRP D 92 1.96 3.52 -8.86
N SER D 93 2.32 2.37 -9.47
CA SER D 93 2.29 2.21 -10.91
C SER D 93 0.85 2.37 -11.42
N TYR D 94 -0.11 1.79 -10.69
CA TYR D 94 -1.51 1.94 -11.02
C TYR D 94 -1.96 3.41 -10.91
N ASN D 95 -1.56 4.08 -9.83
CA ASN D 95 -1.93 5.48 -9.66
C ASN D 95 -1.39 6.31 -10.82
N ALA D 96 -0.15 6.03 -11.22
CA ALA D 96 0.45 6.78 -12.32
C ALA D 96 -0.33 6.55 -13.62
N GLU D 97 -0.71 5.29 -13.90
CA GLU D 97 -1.44 4.96 -15.12
C GLU D 97 -2.81 5.64 -15.14
N LEU D 98 -3.54 5.54 -14.03
CA LEU D 98 -4.84 6.15 -13.92
C LEU D 98 -4.78 7.67 -14.06
N LEU D 99 -3.81 8.28 -13.39
CA LEU D 99 -3.66 9.73 -13.38
C LEU D 99 -3.52 10.26 -14.79
N VAL D 100 -2.62 9.66 -15.59
CA VAL D 100 -2.38 10.22 -16.92
C VAL D 100 -3.61 9.98 -17.80
N ALA D 101 -4.23 8.80 -17.68
CA ALA D 101 -5.44 8.52 -18.44
C ALA D 101 -6.55 9.56 -18.17
N LEU D 102 -6.82 9.84 -16.90
CA LEU D 102 -7.84 10.84 -16.52
C LEU D 102 -7.45 12.25 -16.94
N GLU D 103 -6.21 12.62 -16.62
CA GLU D 103 -5.70 13.93 -17.02
C GLU D 103 -5.84 14.16 -18.53
N ASN D 104 -5.48 13.14 -19.32
CA ASN D 104 -5.41 13.30 -20.78
C ASN D 104 -6.79 13.34 -21.43
N GLN D 105 -7.71 12.48 -20.96
CA GLN D 105 -9.11 12.56 -21.37
C GLN D 105 -9.66 13.97 -21.10
N HIS D 106 -9.38 14.48 -19.90
CA HIS D 106 -9.85 15.79 -19.51
C HIS D 106 -9.21 16.93 -20.33
N THR D 107 -7.94 16.80 -20.68
CA THR D 107 -7.25 17.82 -21.46
C THR D 107 -7.81 17.89 -22.87
N ILE D 108 -8.07 16.75 -23.45
CA ILE D 108 -8.73 16.67 -24.73
C ILE D 108 -10.14 17.30 -24.65
N ASP D 109 -10.90 16.96 -23.62
CA ASP D 109 -12.24 17.54 -23.45
C ASP D 109 -12.23 19.06 -23.17
N LEU D 110 -11.30 19.55 -22.37
CA LEU D 110 -11.28 20.99 -22.10
C LEU D 110 -10.83 21.83 -23.30
N THR D 111 -9.95 21.28 -24.14
CA THR D 111 -9.52 22.00 -25.34
C THR D 111 -10.62 22.01 -26.39
N ASP D 112 -11.32 20.89 -26.52
CA ASP D 112 -12.54 20.79 -27.34
C ASP D 112 -13.60 21.79 -26.86
N SER D 113 -13.74 21.89 -25.54
CA SER D 113 -14.66 22.84 -24.93
C SER D 113 -14.33 24.29 -25.25
N GLU D 114 -13.05 24.67 -25.18
CA GLU D 114 -12.68 26.05 -25.50
C GLU D 114 -12.96 26.43 -26.96
N MET D 115 -12.77 25.48 -27.88
CA MET D 115 -13.12 25.68 -29.31
C MET D 115 -14.60 26.00 -29.41
N ASN D 116 -15.40 25.15 -28.78
CA ASN D 116 -16.84 25.30 -28.79
C ASN D 116 -17.31 26.61 -28.16
N LYS D 117 -16.68 27.01 -27.06
CA LYS D 117 -17.02 28.30 -26.43
C LYS D 117 -16.77 29.47 -27.37
N LEU D 118 -15.65 29.43 -28.10
CA LEU D 118 -15.31 30.52 -29.02
C LEU D 118 -16.30 30.58 -30.17
N PHE D 119 -16.61 29.41 -30.74
CA PHE D 119 -17.60 29.32 -31.78
C PHE D 119 -18.97 29.85 -31.35
N GLU D 120 -19.47 29.38 -30.20
CA GLU D 120 -20.77 29.84 -29.67
C GLU D 120 -20.76 31.35 -29.35
N LYS D 121 -19.63 31.86 -28.86
CA LYS D 121 -19.48 33.28 -28.56
C LYS D 121 -19.59 34.12 -29.84
N THR D 122 -18.98 33.63 -30.92
CA THR D 122 -18.96 34.31 -32.20
C THR D 122 -20.35 34.30 -32.82
N GLY D 123 -21.03 33.15 -32.80
CA GLY D 123 -22.43 33.05 -33.23
C GLY D 123 -23.32 34.08 -32.56
N ARG D 124 -23.23 34.16 -31.23
CA ARG D 124 -24.01 35.14 -30.46
C ARG D 124 -23.71 36.61 -30.76
N GLN D 125 -22.46 36.88 -31.13
CA GLN D 125 -22.01 38.22 -31.50
C GLN D 125 -22.69 38.70 -32.80
N LEU D 126 -22.75 37.79 -33.78
CA LEU D 126 -23.30 38.05 -35.08
C LEU D 126 -24.84 38.07 -35.16
N ARG D 127 -25.52 37.80 -34.05
CA ARG D 127 -27.01 37.83 -33.99
C ARG D 127 -27.64 37.28 -35.27
N GLU D 128 -28.47 38.06 -35.97
CA GLU D 128 -29.19 37.57 -37.16
C GLU D 128 -28.46 37.89 -38.47
N ASN D 129 -27.22 38.38 -38.38
CA ASN D 129 -26.48 38.81 -39.55
C ASN D 129 -25.58 37.73 -40.13
N ALA D 130 -25.63 36.51 -39.58
CA ALA D 130 -24.88 35.37 -40.13
C ALA D 130 -25.61 34.04 -39.91
N GLU D 131 -25.16 33.01 -40.63
CA GLU D 131 -25.69 31.64 -40.44
C GLU D 131 -24.57 30.61 -40.31
N ASP D 132 -24.81 29.67 -39.41
CA ASP D 132 -23.89 28.55 -39.13
C ASP D 132 -23.91 27.54 -40.28
N MET D 133 -22.82 27.47 -41.04
CA MET D 133 -22.72 26.51 -42.16
C MET D 133 -22.59 25.05 -41.72
N GLY D 134 -22.12 24.82 -40.49
CA GLY D 134 -22.00 23.46 -39.95
C GLY D 134 -20.61 22.84 -39.95
N ASN D 135 -19.61 23.62 -40.40
CA ASN D 135 -18.22 23.16 -40.51
C ASN D 135 -17.27 24.12 -39.78
N GLY D 136 -17.82 24.85 -38.81
CA GLY D 136 -17.06 25.88 -38.12
C GLY D 136 -17.01 27.25 -38.75
N CYS D 137 -17.69 27.42 -39.88
CA CYS D 137 -17.73 28.70 -40.60
C CYS D 137 -19.11 29.35 -40.57
N PHE D 138 -19.12 30.66 -40.34
CA PHE D 138 -20.32 31.47 -40.53
C PHE D 138 -20.32 32.11 -41.92
N LYS D 139 -21.44 32.02 -42.62
CA LYS D 139 -21.71 32.88 -43.77
C LYS D 139 -22.26 34.20 -43.24
N ILE D 140 -21.51 35.28 -43.48
CA ILE D 140 -21.92 36.63 -43.06
C ILE D 140 -22.59 37.30 -44.25
N TYR D 141 -23.82 37.75 -44.07
CA TYR D 141 -24.66 38.27 -45.17
C TYR D 141 -24.59 39.80 -45.29
N HIS D 142 -23.39 40.37 -45.36
CA HIS D 142 -23.21 41.80 -45.61
C HIS D 142 -21.77 42.13 -45.99
N LYS D 143 -21.55 43.38 -46.43
CA LYS D 143 -20.22 43.88 -46.72
C LYS D 143 -19.46 43.92 -45.40
N CYS D 144 -18.54 42.97 -45.23
CA CYS D 144 -17.68 42.94 -44.05
C CYS D 144 -16.22 43.07 -44.50
N ASP D 145 -15.83 44.33 -44.66
CA ASP D 145 -14.46 44.74 -44.93
C ASP D 145 -13.53 44.42 -43.75
N ASN D 146 -12.22 44.55 -44.00
CA ASN D 146 -11.21 44.18 -43.00
C ASN D 146 -11.45 44.80 -41.63
N ALA D 147 -11.82 46.09 -41.58
CA ALA D 147 -12.17 46.75 -40.31
C ALA D 147 -13.35 46.10 -39.58
N CYS D 148 -14.34 45.62 -40.36
CA CYS D 148 -15.50 44.92 -39.81
C CYS D 148 -15.08 43.55 -39.25
N ILE D 149 -14.21 42.83 -39.97
CA ILE D 149 -13.71 41.54 -39.51
C ILE D 149 -12.97 41.71 -38.18
N GLU D 150 -11.98 42.61 -38.15
CA GLU D 150 -11.25 42.93 -36.91
C GLU D 150 -12.22 43.29 -35.76
N SER D 151 -13.31 44.00 -36.08
CA SER D 151 -14.33 44.33 -35.08
C SER D 151 -15.01 43.09 -34.45
N ILE D 152 -15.20 42.05 -35.25
CA ILE D 152 -15.71 40.76 -34.77
C ILE D 152 -14.67 40.14 -33.85
N ARG D 153 -13.41 40.15 -34.28
CA ARG D 153 -12.33 39.51 -33.55
C ARG D 153 -11.97 40.20 -32.25
N ASN D 154 -12.06 41.53 -32.17
CA ASN D 154 -11.80 42.26 -30.89
C ASN D 154 -13.06 42.66 -30.11
N GLY D 155 -14.19 42.02 -30.41
CA GLY D 155 -15.41 42.16 -29.61
C GLY D 155 -16.16 43.47 -29.72
N THR D 156 -15.96 44.23 -30.80
CA THR D 156 -16.58 45.57 -30.99
C THR D 156 -17.60 45.64 -32.14
N TYR D 157 -18.06 44.47 -32.64
CA TYR D 157 -19.02 44.41 -33.74
C TYR D 157 -20.42 44.75 -33.23
N ASP D 158 -20.95 45.89 -33.68
CA ASP D 158 -22.34 46.25 -33.43
C ASP D 158 -23.17 45.58 -34.52
N HIS D 159 -23.96 44.58 -34.15
CA HIS D 159 -24.79 43.88 -35.12
C HIS D 159 -25.90 44.77 -35.69
N ASP D 160 -26.37 45.76 -34.91
CA ASP D 160 -27.49 46.62 -35.35
C ASP D 160 -27.15 47.41 -36.61
N VAL D 161 -25.92 47.90 -36.68
CA VAL D 161 -25.39 48.64 -37.85
C VAL D 161 -25.71 47.92 -39.17
N TYR D 162 -25.49 46.61 -39.23
CA TYR D 162 -25.58 45.83 -40.46
C TYR D 162 -26.84 44.95 -40.57
N ARG D 163 -27.73 45.00 -39.58
CA ARG D 163 -28.85 44.07 -39.49
C ARG D 163 -29.81 44.14 -40.68
N ASP D 164 -30.27 45.35 -41.03
CA ASP D 164 -31.19 45.57 -42.16
C ASP D 164 -30.59 45.02 -43.46
N GLU D 165 -29.36 45.43 -43.76
CA GLU D 165 -28.64 44.91 -44.91
C GLU D 165 -28.64 43.38 -44.90
N ALA D 166 -28.29 42.79 -43.75
CA ALA D 166 -28.14 41.34 -43.64
C ALA D 166 -29.46 40.59 -43.68
N LEU D 167 -30.46 41.07 -42.94
CA LEU D 167 -31.82 40.51 -42.97
C LEU D 167 -32.39 40.43 -44.38
N ASN D 168 -32.20 41.50 -45.16
CA ASN D 168 -32.66 41.56 -46.55
C ASN D 168 -31.98 40.48 -47.41
N ASN D 169 -30.64 40.42 -47.33
CA ASN D 169 -29.85 39.42 -48.07
C ASN D 169 -30.18 37.97 -47.69
N ARG D 170 -30.58 37.73 -46.44
CA ARG D 170 -30.93 36.39 -45.97
C ARG D 170 -32.33 35.96 -46.40
N PHE D 171 -33.29 36.88 -46.27
CA PHE D 171 -34.71 36.64 -46.56
C PHE D 171 -35.21 37.46 -47.75
N PRO E 3 -41.97 47.92 -27.84
CA PRO E 3 -41.69 47.77 -26.42
C PRO E 3 -41.74 46.30 -26.02
N GLY E 4 -40.58 45.66 -26.06
CA GLY E 4 -40.47 44.24 -25.76
C GLY E 4 -40.20 43.94 -24.29
N ALA E 5 -39.34 42.96 -24.05
CA ALA E 5 -38.97 42.55 -22.70
C ALA E 5 -37.62 41.85 -22.70
N THR E 6 -36.90 41.98 -21.59
CA THR E 6 -35.62 41.31 -21.40
C THR E 6 -35.81 40.19 -20.36
N LEU E 7 -35.30 39.00 -20.67
CA LEU E 7 -35.36 37.85 -19.75
C LEU E 7 -33.97 37.33 -19.55
N CYS E 8 -33.38 37.64 -18.40
CA CYS E 8 -32.00 37.25 -18.06
C CYS E 8 -31.96 35.97 -17.22
N LEU E 9 -31.18 34.99 -17.68
CA LEU E 9 -30.87 33.77 -16.88
C LEU E 9 -29.62 34.00 -16.05
N GLY E 10 -29.64 33.51 -14.83
CA GLY E 10 -28.46 33.54 -13.99
C GLY E 10 -28.42 32.49 -12.90
N HIS E 11 -27.43 32.66 -12.02
CA HIS E 11 -27.15 31.75 -10.92
C HIS E 11 -26.82 32.56 -9.67
N HIS E 12 -26.87 31.92 -8.51
CA HIS E 12 -26.58 32.64 -7.27
C HIS E 12 -25.08 32.83 -7.07
N ALA E 13 -24.79 33.70 -6.11
CA ALA E 13 -23.47 33.92 -5.60
C ALA E 13 -23.64 34.25 -4.13
N VAL E 14 -22.53 34.24 -3.40
CA VAL E 14 -22.52 34.67 -2.00
C VAL E 14 -21.39 35.67 -1.84
N PRO E 15 -21.41 36.49 -0.77
CA PRO E 15 -20.33 37.50 -0.65
C PRO E 15 -18.99 36.85 -0.24
N ASN E 16 -19.03 35.91 0.70
CA ASN E 16 -17.85 35.19 1.22
C ASN E 16 -17.91 33.68 0.84
N GLY E 17 -17.27 33.31 -0.26
CA GLY E 17 -17.17 31.90 -0.69
C GLY E 17 -16.08 31.11 0.02
N THR E 18 -15.80 29.90 -0.47
CA THR E 18 -14.78 28.99 0.11
C THR E 18 -13.81 28.48 -0.96
N LEU E 19 -12.55 28.36 -0.60
CA LEU E 19 -11.53 27.86 -1.53
C LEU E 19 -11.50 26.33 -1.53
N VAL E 20 -11.48 25.76 -2.73
CA VAL E 20 -11.26 24.33 -2.94
C VAL E 20 -10.18 24.12 -4.00
N LYS E 21 -9.69 22.90 -4.06
CA LYS E 21 -8.69 22.49 -5.06
C LYS E 21 -9.39 21.65 -6.11
N THR E 22 -8.87 21.71 -7.33
CA THR E 22 -9.38 20.97 -8.47
C THR E 22 -8.22 20.36 -9.25
N ILE E 23 -8.52 19.73 -10.37
CA ILE E 23 -7.50 19.25 -11.30
C ILE E 23 -6.62 20.40 -11.81
N THR E 24 -7.22 21.53 -12.16
CA THR E 24 -6.49 22.63 -12.80
C THR E 24 -6.08 23.75 -11.85
N ASP E 25 -6.72 23.86 -10.69
CA ASP E 25 -6.49 24.99 -9.77
C ASP E 25 -6.15 24.52 -8.37
N ASP E 26 -5.10 25.04 -7.79
CA ASP E 26 -4.77 24.78 -6.39
C ASP E 26 -5.77 25.46 -5.43
N GLN E 27 -6.37 26.58 -5.85
CA GLN E 27 -7.35 27.31 -5.06
C GLN E 27 -8.34 27.90 -6.05
N ILE E 28 -9.62 27.62 -5.82
CA ILE E 28 -10.66 28.25 -6.61
C ILE E 28 -11.90 28.36 -5.73
N GLU E 29 -12.63 29.45 -5.92
CA GLU E 29 -13.69 29.83 -5.01
C GLU E 29 -15.03 29.27 -5.46
N VAL E 30 -15.71 28.63 -4.52
CA VAL E 30 -17.04 28.07 -4.75
C VAL E 30 -17.96 28.61 -3.66
N THR E 31 -19.26 28.40 -3.83
CA THR E 31 -20.26 29.00 -2.91
C THR E 31 -20.24 28.33 -1.54
N ASN E 32 -19.90 27.04 -1.48
CA ASN E 32 -19.91 26.25 -0.28
C ASN E 32 -19.01 25.00 -0.45
N ALA E 33 -18.53 24.50 0.68
CA ALA E 33 -17.78 23.25 0.71
C ALA E 33 -17.90 22.62 2.08
N THR E 34 -17.52 21.35 2.17
CA THR E 34 -17.58 20.61 3.42
C THR E 34 -16.21 19.97 3.69
N GLU E 35 -15.86 19.89 4.97
CA GLU E 35 -14.57 19.39 5.41
C GLU E 35 -14.58 17.86 5.45
N LEU E 36 -13.61 17.24 4.81
CA LEU E 36 -13.48 15.77 4.80
C LEU E 36 -12.42 15.20 5.77
N VAL E 37 -11.64 16.07 6.42
CA VAL E 37 -10.59 15.65 7.35
C VAL E 37 -10.98 16.06 8.76
N GLN E 38 -11.14 15.08 9.63
CA GLN E 38 -11.36 15.31 11.05
C GLN E 38 -10.02 15.68 11.68
N SER E 39 -9.88 16.91 12.17
CA SER E 39 -8.60 17.36 12.71
C SER E 39 -8.63 17.67 14.22
N SER E 40 -9.74 17.41 14.89
CA SER E 40 -9.84 17.70 16.31
C SER E 40 -10.44 16.53 17.07
N SER E 41 -10.16 16.56 18.36
CA SER E 41 -10.66 15.58 19.31
C SER E 41 -11.16 16.31 20.55
N THR E 42 -12.07 15.71 21.30
CA THR E 42 -12.42 16.18 22.65
C THR E 42 -11.26 16.12 23.66
N GLY E 43 -10.29 15.25 23.43
CA GLY E 43 -9.24 14.99 24.41
C GLY E 43 -9.60 13.92 25.45
N LYS E 44 -10.73 13.25 25.26
CA LYS E 44 -11.21 12.23 26.18
C LYS E 44 -11.59 10.95 25.42
N ILE E 45 -11.30 9.80 26.02
CA ILE E 45 -11.70 8.50 25.51
C ILE E 45 -13.09 8.16 26.04
N CYS E 46 -14.07 8.13 25.14
CA CYS E 46 -15.43 7.76 25.49
C CYS E 46 -15.52 6.30 25.95
N ASN E 47 -16.20 6.06 27.07
CA ASN E 47 -16.33 4.70 27.62
C ASN E 47 -17.38 3.78 26.95
N ASN E 48 -18.15 4.31 26.01
CA ASN E 48 -19.07 3.51 25.17
C ASN E 48 -18.80 3.80 23.68
N PRO E 49 -19.06 2.86 22.77
CA PRO E 49 -19.61 1.53 23.03
C PRO E 49 -18.60 0.40 23.30
N HIS E 50 -17.32 0.70 23.32
CA HIS E 50 -16.27 -0.30 23.54
C HIS E 50 -15.97 -0.42 25.02
N ARG E 51 -15.74 -1.63 25.51
CA ARG E 51 -15.30 -1.81 26.90
C ARG E 51 -13.83 -1.35 27.06
N ILE E 52 -13.65 -0.19 27.73
CA ILE E 52 -12.34 0.40 27.98
C ILE E 52 -11.85 -0.04 29.35
N LEU E 53 -10.65 -0.61 29.42
CA LEU E 53 -10.02 -0.93 30.70
C LEU E 53 -8.79 -0.07 30.88
N ASP E 54 -8.85 0.81 31.86
CA ASP E 54 -7.78 1.70 32.19
C ASP E 54 -6.77 0.94 33.05
N GLY E 55 -5.55 0.79 32.55
CA GLY E 55 -4.49 0.11 33.27
C GLY E 55 -3.97 0.87 34.49
N ILE E 56 -4.22 2.18 34.54
CA ILE E 56 -3.76 3.05 35.62
C ILE E 56 -2.23 2.92 35.80
N ASP E 57 -1.79 2.24 36.84
CA ASP E 57 -0.39 2.06 37.20
C ASP E 57 0.20 0.77 36.64
N CYS E 58 -0.57 0.02 35.84
CA CYS E 58 -0.17 -1.31 35.43
C CYS E 58 -0.05 -1.42 33.92
N THR E 59 1.02 -2.05 33.44
CA THR E 59 1.08 -2.50 32.05
C THR E 59 0.26 -3.79 31.96
N LEU E 60 -0.14 -4.12 30.74
CA LEU E 60 -0.85 -5.39 30.52
C LEU E 60 -0.01 -6.56 30.97
N ILE E 61 1.29 -6.52 30.70
CA ILE E 61 2.17 -7.66 31.07
C ILE E 61 2.27 -7.82 32.60
N ASP E 62 2.33 -6.73 33.33
CA ASP E 62 2.35 -6.79 34.79
C ASP E 62 1.04 -7.30 35.36
N ALA E 63 -0.07 -6.90 34.76
CA ALA E 63 -1.37 -7.44 35.11
C ALA E 63 -1.44 -8.93 34.82
N LEU E 64 -0.87 -9.34 33.69
CA LEU E 64 -0.80 -10.76 33.30
C LEU E 64 0.01 -11.59 34.28
N LEU E 65 1.22 -11.12 34.62
CA LEU E 65 2.11 -11.88 35.49
C LEU E 65 1.61 -11.93 36.93
N GLY E 66 0.95 -10.86 37.34
CA GLY E 66 0.38 -10.75 38.68
C GLY E 66 1.33 -10.02 39.64
N ASP E 67 1.91 -8.92 39.17
CA ASP E 67 2.56 -7.94 40.06
C ASP E 67 1.50 -7.52 41.13
N PRO E 68 1.84 -7.54 42.44
CA PRO E 68 0.82 -7.31 43.49
C PRO E 68 -0.07 -6.07 43.32
N HIS E 69 0.52 -4.93 42.96
CA HIS E 69 -0.30 -3.72 42.74
C HIS E 69 -1.19 -3.83 41.48
N CYS E 70 -1.05 -4.90 40.71
CA CYS E 70 -1.94 -5.20 39.57
C CYS E 70 -2.92 -6.34 39.84
N ASP E 71 -3.02 -6.82 41.08
CA ASP E 71 -3.91 -7.92 41.42
C ASP E 71 -5.37 -7.60 41.13
N VAL E 72 -5.73 -6.32 41.23
CA VAL E 72 -7.07 -5.85 40.89
C VAL E 72 -7.48 -6.19 39.46
N PHE E 73 -6.54 -6.40 38.56
CA PHE E 73 -6.82 -6.77 37.16
C PHE E 73 -7.06 -8.26 36.90
N GLN E 74 -6.97 -9.11 37.92
CA GLN E 74 -7.15 -10.54 37.73
C GLN E 74 -8.47 -10.85 37.05
N ASN E 75 -8.44 -11.73 36.07
CA ASN E 75 -9.62 -12.14 35.29
C ASN E 75 -10.42 -10.98 34.58
N GLU E 76 -9.81 -9.80 34.44
CA GLU E 76 -10.45 -8.68 33.75
C GLU E 76 -10.53 -8.93 32.24
N THR E 77 -11.44 -8.21 31.59
CA THR E 77 -11.61 -8.27 30.16
C THR E 77 -11.69 -6.88 29.59
N TRP E 78 -11.50 -6.76 28.27
CA TRP E 78 -11.51 -5.48 27.60
C TRP E 78 -11.76 -5.60 26.10
N ASP E 79 -12.27 -4.53 25.50
CA ASP E 79 -12.13 -4.32 24.08
C ASP E 79 -10.84 -3.54 23.83
N LEU E 80 -10.58 -2.51 24.61
CA LEU E 80 -9.35 -1.74 24.48
C LEU E 80 -8.74 -1.56 25.85
N PHE E 81 -7.55 -2.13 26.04
CA PHE E 81 -6.73 -1.91 27.23
C PHE E 81 -5.92 -0.65 27.00
N VAL E 82 -5.99 0.28 27.96
CA VAL E 82 -5.27 1.55 27.88
C VAL E 82 -4.08 1.57 28.84
N GLU E 83 -2.88 1.67 28.29
CA GLU E 83 -1.66 1.71 29.12
C GLU E 83 -1.24 3.15 29.28
N ARG E 84 -0.95 3.55 30.51
CA ARG E 84 -0.61 4.94 30.84
C ARG E 84 0.90 5.11 30.98
N SER E 85 1.39 6.31 30.74
CA SER E 85 2.84 6.57 30.81
C SER E 85 3.38 6.52 32.25
N LYS E 86 2.50 6.68 33.25
CA LYS E 86 2.90 6.53 34.66
C LYS E 86 2.99 5.08 35.18
N ALA E 87 2.71 4.08 34.34
CA ALA E 87 2.71 2.68 34.80
C ALA E 87 4.09 2.30 35.32
N PHE E 88 4.14 1.46 36.34
CA PHE E 88 5.42 1.04 36.90
C PHE E 88 5.33 -0.41 37.34
N SER E 89 6.49 -1.07 37.31
CA SER E 89 6.65 -2.41 37.81
C SER E 89 7.14 -2.33 39.26
N ASN E 90 6.67 -3.27 40.08
CA ASN E 90 7.03 -3.29 41.49
C ASN E 90 7.14 -4.70 42.08
N CYS E 91 7.73 -5.60 41.32
CA CYS E 91 7.88 -7.02 41.70
C CYS E 91 9.30 -7.45 41.32
N TYR E 92 9.55 -8.75 41.14
CA TYR E 92 10.92 -9.20 40.83
C TYR E 92 11.33 -8.65 39.46
N PRO E 93 12.55 -8.14 39.34
CA PRO E 93 12.89 -7.58 38.03
C PRO E 93 12.95 -8.68 36.97
N TYR E 94 12.40 -8.38 35.80
CA TYR E 94 12.23 -9.36 34.75
C TYR E 94 12.44 -8.74 33.39
N ASP E 95 12.73 -9.57 32.39
CA ASP E 95 12.60 -9.17 31.00
C ASP E 95 11.74 -10.21 30.28
N VAL E 96 11.19 -9.83 29.13
CA VAL E 96 10.46 -10.74 28.28
C VAL E 96 11.10 -10.66 26.90
N PRO E 97 11.87 -11.69 26.50
CA PRO E 97 12.32 -11.73 25.11
C PRO E 97 11.09 -11.73 24.21
N ASP E 98 11.07 -10.90 23.20
CA ASP E 98 9.82 -10.73 22.44
C ASP E 98 8.60 -10.26 23.29
N TYR E 99 8.89 -9.33 24.21
CA TYR E 99 7.87 -8.58 24.96
C TYR E 99 6.70 -8.14 24.07
N ALA E 100 7.04 -7.54 22.93
CA ALA E 100 6.02 -6.94 22.08
C ALA E 100 5.03 -8.00 21.55
N SER E 101 5.49 -9.20 21.24
CA SER E 101 4.62 -10.28 20.81
C SER E 101 3.69 -10.79 21.91
N LEU E 102 4.22 -10.98 23.10
CA LEU E 102 3.38 -11.41 24.21
C LEU E 102 2.31 -10.38 24.53
N ARG E 103 2.73 -9.11 24.64
CA ARG E 103 1.78 -8.03 24.84
C ARG E 103 0.70 -8.01 23.75
N SER E 104 1.10 -8.20 22.50
CA SER E 104 0.15 -8.18 21.39
C SER E 104 -0.87 -9.32 21.45
N LEU E 105 -0.40 -10.54 21.69
CA LEU E 105 -1.29 -11.67 21.66
C LEU E 105 -2.25 -11.66 22.87
N VAL E 106 -1.78 -11.20 24.02
CA VAL E 106 -2.67 -11.03 25.18
C VAL E 106 -3.68 -9.92 24.90
N ALA E 107 -3.20 -8.79 24.42
CA ALA E 107 -4.06 -7.65 24.12
C ALA E 107 -5.21 -8.06 23.17
N SER E 108 -4.86 -8.85 22.18
CA SER E 108 -5.78 -9.29 21.16
C SER E 108 -6.78 -10.37 21.65
N SER E 109 -6.35 -11.17 22.62
CA SER E 109 -7.24 -12.13 23.28
C SER E 109 -8.31 -11.43 24.15
N GLY E 110 -7.99 -10.29 24.75
CA GLY E 110 -8.99 -9.47 25.43
C GLY E 110 -9.42 -9.92 26.82
N THR E 111 -8.70 -10.83 27.42
CA THR E 111 -9.01 -11.36 28.73
C THR E 111 -7.75 -11.80 29.47
N LEU E 112 -7.83 -11.73 30.80
CA LEU E 112 -6.83 -12.35 31.68
C LEU E 112 -7.40 -13.54 32.47
N GLU E 113 -8.48 -14.14 31.99
CA GLU E 113 -9.09 -15.26 32.66
C GLU E 113 -8.09 -16.36 32.87
N PHE E 114 -7.86 -16.75 34.12
CA PHE E 114 -6.84 -17.71 34.52
C PHE E 114 -7.46 -18.95 35.18
N ILE E 115 -7.02 -20.11 34.72
CA ILE E 115 -7.56 -21.39 35.20
C ILE E 115 -6.38 -22.14 35.82
N THR E 116 -6.46 -22.39 37.12
CA THR E 116 -5.43 -23.12 37.84
C THR E 116 -5.46 -24.59 37.45
N GLU E 117 -4.28 -25.17 37.28
CA GLU E 117 -4.11 -26.59 36.98
C GLU E 117 -3.24 -27.24 38.05
N GLY E 118 -3.48 -28.52 38.33
CA GLY E 118 -2.80 -29.20 39.43
C GLY E 118 -1.47 -29.81 39.04
N PHE E 119 -0.47 -28.97 38.79
CA PHE E 119 0.87 -29.46 38.49
C PHE E 119 1.44 -30.07 39.78
N THR E 120 2.12 -31.19 39.65
CA THR E 120 2.75 -31.86 40.77
C THR E 120 4.25 -31.67 40.62
N TRP E 121 4.86 -30.93 41.56
CA TRP E 121 6.28 -30.61 41.55
C TRP E 121 6.93 -31.40 42.68
N THR E 122 7.29 -32.63 42.38
CA THR E 122 7.79 -33.57 43.37
C THR E 122 9.24 -33.27 43.74
N GLY E 123 9.46 -33.04 45.02
CA GLY E 123 10.81 -32.96 45.57
C GLY E 123 11.41 -31.57 45.52
N VAL E 124 10.57 -30.54 45.40
CA VAL E 124 11.01 -29.16 45.42
C VAL E 124 10.15 -28.35 46.36
N THR E 125 10.70 -27.21 46.81
CA THR E 125 9.95 -26.25 47.61
C THR E 125 9.20 -25.33 46.65
N GLN E 126 7.93 -25.05 46.94
CA GLN E 126 7.10 -24.17 46.09
C GLN E 126 6.91 -22.80 46.71
N ASN E 127 6.32 -21.88 45.92
CA ASN E 127 5.88 -20.56 46.40
C ASN E 127 6.99 -19.67 46.92
N GLY E 128 8.14 -19.70 46.26
CA GLY E 128 9.21 -18.80 46.61
C GLY E 128 8.80 -17.34 46.40
N GLY E 129 9.45 -16.44 47.13
CA GLY E 129 9.18 -15.01 47.06
C GLY E 129 10.42 -14.20 47.30
N SER E 130 10.26 -12.88 47.30
CA SER E 130 11.37 -11.96 47.41
C SER E 130 10.88 -10.65 47.99
N ASN E 131 11.78 -9.93 48.65
CA ASN E 131 11.49 -8.58 49.13
C ASN E 131 11.40 -7.59 47.99
N ALA E 132 11.85 -7.95 46.80
CA ALA E 132 11.63 -7.13 45.63
C ALA E 132 10.13 -7.09 45.23
N CYS E 133 9.33 -8.04 45.73
CA CYS E 133 7.91 -8.14 45.38
C CYS E 133 7.05 -8.39 46.64
N LYS E 134 6.92 -7.35 47.44
CA LYS E 134 6.26 -7.41 48.75
C LYS E 134 4.75 -7.66 48.67
N ARG E 135 4.31 -8.55 49.53
CA ARG E 135 2.89 -8.91 49.65
C ARG E 135 2.61 -8.95 51.14
N GLY E 136 1.74 -8.07 51.61
CA GLY E 136 1.33 -8.08 53.01
C GLY E 136 2.51 -7.66 53.87
N PRO E 137 2.73 -8.33 55.03
CA PRO E 137 3.94 -8.13 55.80
C PRO E 137 5.22 -8.78 55.22
N GLY E 138 5.08 -9.81 54.39
CA GLY E 138 6.24 -10.55 53.91
C GLY E 138 6.72 -10.26 52.51
N SER E 139 7.63 -11.13 52.11
CA SER E 139 8.09 -11.23 50.74
C SER E 139 7.00 -11.93 49.93
N GLY E 140 7.00 -11.70 48.63
CA GLY E 140 6.04 -12.35 47.73
C GLY E 140 6.55 -12.43 46.32
N PHE E 141 5.61 -12.67 45.40
CA PHE E 141 5.97 -12.97 44.01
C PHE E 141 4.76 -12.74 43.12
N PHE E 142 5.01 -12.83 41.82
CA PHE E 142 3.95 -12.80 40.80
C PHE E 142 2.89 -13.85 41.14
N SER E 143 1.62 -13.43 41.17
CA SER E 143 0.56 -14.36 41.58
C SER E 143 0.40 -15.58 40.66
N ARG E 144 0.72 -15.44 39.38
CA ARG E 144 0.50 -16.52 38.39
C ARG E 144 1.69 -17.42 38.15
N LEU E 145 2.80 -17.16 38.86
CA LEU E 145 4.00 -17.92 38.74
C LEU E 145 4.39 -18.55 40.08
N ASN E 146 5.13 -19.65 40.00
CA ASN E 146 5.46 -20.50 41.14
C ASN E 146 6.97 -20.72 41.15
N TRP E 147 7.68 -20.04 42.05
CA TRP E 147 9.12 -20.09 42.09
C TRP E 147 9.52 -21.36 42.82
N LEU E 148 10.12 -22.30 42.10
CA LEU E 148 10.52 -23.58 42.68
C LEU E 148 11.99 -23.53 43.07
N THR E 149 12.30 -24.00 44.27
CA THR E 149 13.69 -24.17 44.73
C THR E 149 13.89 -25.56 45.36
N LYS E 150 15.11 -25.86 45.77
CA LYS E 150 15.42 -27.15 46.36
C LYS E 150 14.61 -27.47 47.63
N SER E 151 14.41 -28.76 47.87
CA SER E 151 13.87 -29.30 49.11
C SER E 151 14.94 -30.18 49.76
N GLY E 152 15.23 -29.93 51.03
CA GLY E 152 16.40 -30.53 51.69
C GLY E 152 17.66 -30.06 50.97
N SER E 153 18.36 -30.99 50.34
CA SER E 153 19.60 -30.68 49.63
C SER E 153 19.60 -31.17 48.18
N THR E 154 18.41 -31.40 47.62
CA THR E 154 18.26 -31.91 46.28
C THR E 154 17.18 -31.16 45.50
N TYR E 155 17.41 -31.04 44.20
CA TYR E 155 16.45 -30.54 43.25
C TYR E 155 16.44 -31.59 42.15
N PRO E 156 15.39 -32.44 42.11
CA PRO E 156 15.38 -33.54 41.12
C PRO E 156 14.96 -33.01 39.74
N VAL E 157 15.06 -33.86 38.73
CA VAL E 157 14.56 -33.54 37.41
C VAL E 157 13.04 -33.43 37.51
N LEU E 158 12.52 -32.25 37.30
CA LEU E 158 11.08 -32.06 37.25
C LEU E 158 10.61 -32.43 35.86
N ASN E 159 9.50 -33.16 35.82
CA ASN E 159 8.99 -33.72 34.58
C ASN E 159 7.47 -33.86 34.68
N VAL E 160 6.73 -32.89 34.15
CA VAL E 160 5.26 -32.93 34.23
C VAL E 160 4.62 -32.70 32.91
N THR E 161 3.36 -33.11 32.82
CA THR E 161 2.58 -33.02 31.60
C THR E 161 1.19 -32.54 31.91
N MET E 162 0.59 -31.81 30.95
CA MET E 162 -0.74 -31.30 31.07
C MET E 162 -1.40 -31.30 29.67
N PRO E 163 -2.36 -32.20 29.43
CA PRO E 163 -2.97 -32.20 28.10
C PRO E 163 -4.05 -31.14 27.96
N ASN E 164 -4.25 -30.66 26.73
CA ASN E 164 -5.39 -29.79 26.43
C ASN E 164 -6.54 -30.59 25.87
N ASN E 165 -7.50 -30.94 26.71
CA ASN E 165 -8.73 -31.61 26.24
C ASN E 165 -9.91 -30.68 26.11
N ASP E 166 -9.65 -29.39 26.15
CA ASP E 166 -10.70 -28.38 25.94
C ASP E 166 -10.78 -28.06 24.45
N ASN E 167 -11.77 -27.24 24.08
CA ASN E 167 -11.93 -26.80 22.68
C ASN E 167 -11.43 -25.36 22.42
N PHE E 168 -10.50 -24.88 23.27
CA PHE E 168 -9.93 -23.55 23.15
C PHE E 168 -8.43 -23.66 23.37
N ASP E 169 -7.72 -22.61 22.94
CA ASP E 169 -6.28 -22.53 23.13
C ASP E 169 -5.93 -22.11 24.55
N LYS E 170 -4.91 -22.75 25.11
CA LYS E 170 -4.40 -22.42 26.41
C LYS E 170 -3.09 -21.66 26.25
N LEU E 171 -2.96 -20.53 26.97
CA LEU E 171 -1.70 -19.78 27.05
C LEU E 171 -1.03 -20.05 28.40
N TYR E 172 0.16 -20.62 28.35
CA TYR E 172 0.98 -20.84 29.56
C TYR E 172 2.10 -19.81 29.62
N ILE E 173 2.21 -19.14 30.76
CA ILE E 173 3.30 -18.19 31.02
C ILE E 173 4.20 -18.86 32.03
N TRP E 174 5.49 -18.90 31.73
CA TRP E 174 6.49 -19.52 32.61
C TRP E 174 7.74 -18.70 32.48
N GLY E 175 8.79 -19.08 33.20
CA GLY E 175 10.00 -18.32 33.20
C GLY E 175 11.20 -19.10 33.67
N VAL E 176 12.33 -18.41 33.64
CA VAL E 176 13.61 -18.93 34.04
C VAL E 176 14.28 -17.89 34.93
N HIS E 177 14.84 -18.34 36.05
CA HIS E 177 15.54 -17.46 36.97
C HIS E 177 17.02 -17.41 36.64
N HIS E 178 17.59 -16.20 36.66
CA HIS E 178 18.99 -15.98 36.36
C HIS E 178 19.70 -15.48 37.61
N PRO E 179 20.38 -16.38 38.35
CA PRO E 179 21.06 -15.93 39.57
C PRO E 179 22.22 -14.96 39.33
N SER E 180 22.53 -14.14 40.31
CA SER E 180 23.68 -13.23 40.24
C SER E 180 25.03 -13.93 40.34
N THR E 181 25.13 -14.99 41.15
CA THR E 181 26.41 -15.72 41.37
C THR E 181 26.25 -17.23 41.31
N ASN E 182 27.36 -17.93 41.10
CA ASN E 182 27.42 -19.40 41.19
C ASN E 182 27.00 -19.95 42.55
N GLN E 183 27.33 -19.24 43.61
CA GLN E 183 26.92 -19.61 44.96
C GLN E 183 25.38 -19.64 45.06
N GLU E 184 24.75 -18.59 44.54
CA GLU E 184 23.28 -18.46 44.52
C GLU E 184 22.64 -19.61 43.73
N GLN E 185 23.19 -19.89 42.55
CA GLN E 185 22.72 -20.99 41.71
C GLN E 185 22.70 -22.31 42.47
N THR E 186 23.82 -22.68 43.09
CA THR E 186 23.94 -23.98 43.76
C THR E 186 23.12 -24.01 45.04
N SER E 187 23.14 -22.90 45.76
CA SER E 187 22.34 -22.75 46.96
C SER E 187 20.84 -22.94 46.71
N LEU E 188 20.32 -22.40 45.59
CA LEU E 188 18.90 -22.49 45.28
C LEU E 188 18.47 -23.76 44.54
N TYR E 189 19.30 -24.20 43.60
CA TYR E 189 18.93 -25.28 42.68
C TYR E 189 19.83 -26.50 42.69
N VAL E 190 20.84 -26.52 43.57
CA VAL E 190 21.81 -27.62 43.73
C VAL E 190 22.73 -27.78 42.50
N GLN E 191 22.16 -28.11 41.35
CA GLN E 191 22.93 -28.28 40.10
C GLN E 191 23.59 -26.95 39.74
N ALA E 192 24.79 -27.02 39.17
CA ALA E 192 25.62 -25.85 38.88
C ALA E 192 25.13 -25.09 37.63
N SER E 193 24.42 -25.79 36.76
CA SER E 193 23.80 -25.18 35.60
C SER E 193 22.41 -25.80 35.42
N GLY E 194 21.39 -24.96 35.51
CA GLY E 194 20.03 -25.40 35.30
C GLY E 194 19.63 -25.46 33.83
N ARG E 195 18.39 -25.83 33.62
CA ARG E 195 17.81 -25.89 32.31
C ARG E 195 16.30 -26.03 32.39
N VAL E 196 15.61 -25.39 31.45
CA VAL E 196 14.18 -25.44 31.33
C VAL E 196 13.83 -25.74 29.89
N THR E 197 13.08 -26.81 29.68
CA THR E 197 12.61 -27.21 28.37
C THR E 197 11.10 -27.34 28.45
N VAL E 198 10.38 -26.58 27.64
CA VAL E 198 8.93 -26.63 27.60
C VAL E 198 8.52 -26.96 26.17
N SER E 199 7.66 -27.95 26.01
CA SER E 199 7.34 -28.47 24.69
C SER E 199 5.88 -28.86 24.49
N THR E 200 5.47 -28.84 23.22
CA THR E 200 4.24 -29.44 22.76
C THR E 200 4.64 -30.57 21.78
N ARG E 201 3.68 -31.21 21.10
CA ARG E 201 4.02 -32.28 20.17
C ARG E 201 4.99 -31.86 19.07
N ARG E 202 4.73 -30.67 18.53
CA ARG E 202 5.41 -30.22 17.32
C ARG E 202 6.49 -29.19 17.57
N SER E 203 6.53 -28.55 18.74
CA SER E 203 7.55 -27.54 19.01
C SER E 203 8.11 -27.54 20.42
N GLN E 204 9.19 -26.80 20.62
CA GLN E 204 9.85 -26.77 21.91
C GLN E 204 10.64 -25.48 22.10
N GLN E 205 10.86 -25.13 23.35
CA GLN E 205 11.74 -24.04 23.73
C GLN E 205 12.65 -24.54 24.83
N THR E 206 13.94 -24.32 24.69
CA THR E 206 14.93 -24.72 25.71
C THR E 206 15.76 -23.51 26.09
N ILE E 207 15.79 -23.19 27.38
CA ILE E 207 16.46 -22.01 27.88
C ILE E 207 17.50 -22.47 28.91
N ILE E 208 18.73 -21.98 28.74
CA ILE E 208 19.81 -22.17 29.71
C ILE E 208 19.90 -20.84 30.49
N PRO E 209 19.84 -20.89 31.84
CA PRO E 209 20.09 -19.64 32.58
C PRO E 209 21.53 -19.14 32.47
N ASN E 210 21.66 -17.86 32.70
CA ASN E 210 22.87 -17.08 32.57
C ASN E 210 23.18 -16.46 33.95
N ILE E 211 24.28 -16.88 34.56
CA ILE E 211 24.65 -16.41 35.88
C ILE E 211 25.44 -15.10 35.74
N GLY E 212 25.15 -14.11 36.56
CA GLY E 212 25.92 -12.85 36.56
C GLY E 212 25.19 -11.69 37.18
N SER E 213 25.92 -10.66 37.58
CA SER E 213 25.30 -9.46 38.17
C SER E 213 24.68 -8.59 37.10
N ARG E 214 23.47 -8.11 37.37
CA ARG E 214 22.82 -7.05 36.63
C ARG E 214 22.70 -5.85 37.59
N PRO E 215 22.34 -4.66 37.08
CA PRO E 215 22.14 -3.57 38.02
C PRO E 215 21.03 -3.89 39.02
N TRP E 216 21.29 -3.50 40.25
CA TRP E 216 20.34 -3.54 41.37
C TRP E 216 19.00 -2.93 40.99
N VAL E 217 17.94 -3.73 41.07
CA VAL E 217 16.55 -3.25 41.01
C VAL E 217 15.82 -3.84 42.18
N ARG E 218 15.30 -2.97 43.05
CA ARG E 218 14.64 -3.36 44.28
C ARG E 218 15.41 -4.44 45.02
N MET E 219 16.68 -4.16 45.29
CA MET E 219 17.54 -4.98 46.14
C MET E 219 18.03 -6.30 45.51
N THR E 220 17.88 -6.45 44.20
CA THR E 220 18.36 -7.67 43.57
C THR E 220 19.08 -7.42 42.23
N SER E 221 20.16 -8.17 42.07
CA SER E 221 20.98 -8.16 40.89
C SER E 221 20.59 -9.30 39.95
N ALA E 222 19.76 -10.22 40.42
CA ALA E 222 19.31 -11.36 39.63
C ALA E 222 18.11 -10.97 38.82
N ARG E 223 17.67 -11.87 37.93
CA ARG E 223 16.55 -11.58 37.00
C ARG E 223 15.72 -12.82 36.70
N ILE E 224 14.51 -12.58 36.22
CA ILE E 224 13.70 -13.62 35.63
C ILE E 224 13.45 -13.27 34.18
N SER E 225 13.51 -14.27 33.30
CA SER E 225 13.09 -14.12 31.91
C SER E 225 11.77 -14.85 31.73
N ILE E 226 10.84 -14.21 31.04
CA ILE E 226 9.50 -14.72 30.86
C ILE E 226 9.31 -15.24 29.45
N TYR E 227 8.71 -16.42 29.35
CA TYR E 227 8.40 -17.10 28.10
C TYR E 227 6.95 -17.55 28.09
N TRP E 228 6.45 -17.91 26.92
CA TRP E 228 5.09 -18.37 26.80
C TRP E 228 4.99 -19.49 25.81
N THR E 229 3.96 -20.31 25.99
CA THR E 229 3.71 -21.47 25.14
C THR E 229 2.22 -21.55 24.99
N ILE E 230 1.74 -21.60 23.76
CA ILE E 230 0.32 -21.85 23.47
C ILE E 230 0.09 -23.33 23.16
N VAL E 231 -0.92 -23.92 23.78
CA VAL E 231 -1.24 -25.32 23.56
C VAL E 231 -2.64 -25.40 22.96
N LYS E 232 -2.74 -25.95 21.76
CA LYS E 232 -4.00 -26.02 21.04
C LYS E 232 -4.80 -27.23 21.46
N PRO E 233 -6.11 -27.27 21.14
CA PRO E 233 -6.93 -28.43 21.45
C PRO E 233 -6.31 -29.67 20.88
N GLY E 234 -6.18 -30.70 21.73
CA GLY E 234 -5.64 -32.01 21.31
C GLY E 234 -4.13 -32.12 21.47
N ASP E 235 -3.44 -31.03 21.80
CA ASP E 235 -2.00 -31.07 22.00
C ASP E 235 -1.73 -31.25 23.51
N VAL E 236 -0.48 -31.29 23.91
CA VAL E 236 -0.12 -31.49 25.30
C VAL E 236 1.14 -30.67 25.65
N LEU E 237 1.17 -30.15 26.86
CA LEU E 237 2.33 -29.43 27.36
C LEU E 237 3.18 -30.44 28.13
N VAL E 238 4.49 -30.41 27.93
CA VAL E 238 5.43 -31.05 28.85
C VAL E 238 6.43 -30.00 29.34
N ILE E 239 6.75 -30.01 30.62
CA ILE E 239 7.76 -29.14 31.21
C ILE E 239 8.81 -30.01 31.88
N ASN E 240 10.08 -29.77 31.55
CA ASN E 240 11.17 -30.58 32.03
C ASN E 240 12.28 -29.66 32.48
N SER E 241 12.75 -29.81 33.72
CA SER E 241 13.77 -28.92 34.25
C SER E 241 14.56 -29.57 35.38
N ASN E 242 15.85 -29.27 35.44
CA ASN E 242 16.72 -29.68 36.56
C ASN E 242 17.20 -28.45 37.32
N GLY E 243 16.47 -27.34 37.22
CA GLY E 243 16.79 -26.12 37.94
C GLY E 243 16.38 -24.87 37.22
N ASN E 244 16.04 -23.85 38.00
CA ASN E 244 15.83 -22.47 37.55
C ASN E 244 14.46 -22.22 36.90
N LEU E 245 13.56 -23.22 36.96
CA LEU E 245 12.20 -23.08 36.47
C LEU E 245 11.39 -22.12 37.37
N ILE E 246 10.73 -21.15 36.72
CA ILE E 246 9.66 -20.39 37.31
C ILE E 246 8.39 -20.96 36.68
N ALA E 247 7.67 -21.76 37.43
CA ALA E 247 6.63 -22.65 36.91
C ALA E 247 5.30 -21.94 36.74
N PRO E 248 4.52 -22.37 35.74
CA PRO E 248 3.15 -21.84 35.62
C PRO E 248 2.27 -22.44 36.69
N ARG E 249 1.24 -21.71 37.12
CA ARG E 249 0.21 -22.25 38.02
C ARG E 249 -1.03 -22.79 37.26
N GLY E 250 -1.07 -22.60 35.96
CA GLY E 250 -2.28 -22.81 35.18
C GLY E 250 -2.11 -22.14 33.85
N TYR E 251 -3.23 -21.82 33.20
CA TYR E 251 -3.21 -21.20 31.88
C TYR E 251 -4.19 -20.07 31.84
N PHE E 252 -3.97 -19.21 30.87
CA PHE E 252 -4.93 -18.19 30.49
C PHE E 252 -5.77 -18.70 29.34
N LYS E 253 -7.06 -18.49 29.42
CA LYS E 253 -7.98 -18.99 28.43
C LYS E 253 -7.96 -17.95 27.30
N MET E 254 -7.68 -18.35 26.07
CA MET E 254 -7.54 -17.43 24.96
C MET E 254 -8.83 -17.31 24.19
N ARG E 255 -9.09 -16.09 23.70
CA ARG E 255 -10.17 -15.81 22.78
C ARG E 255 -9.59 -15.16 21.52
N THR E 256 -10.42 -15.11 20.49
CA THR E 256 -10.14 -14.25 19.34
C THR E 256 -11.35 -13.34 19.26
N GLY E 257 -11.16 -12.14 18.74
CA GLY E 257 -12.23 -11.15 18.71
C GLY E 257 -11.61 -9.80 18.40
N LYS E 258 -12.25 -8.74 18.87
CA LYS E 258 -11.94 -7.38 18.46
C LYS E 258 -11.01 -6.61 19.43
N SER E 259 -10.44 -7.29 20.42
CA SER E 259 -9.69 -6.62 21.48
C SER E 259 -8.32 -6.11 21.03
N SER E 260 -7.88 -4.99 21.59
CA SER E 260 -6.54 -4.47 21.33
C SER E 260 -6.03 -3.70 22.56
N ILE E 261 -4.95 -2.97 22.37
CA ILE E 261 -4.31 -2.21 23.43
C ILE E 261 -3.83 -0.92 22.81
N MET E 262 -3.83 0.17 23.60
CA MET E 262 -3.39 1.47 23.15
C MET E 262 -2.62 2.21 24.26
N ARG E 263 -1.58 2.93 23.90
CA ARG E 263 -0.84 3.81 24.82
C ARG E 263 -1.45 5.20 24.74
N SER E 264 -1.94 5.69 25.87
CA SER E 264 -2.55 7.02 25.93
C SER E 264 -2.64 7.52 27.34
N ASP E 265 -2.53 8.83 27.50
CA ASP E 265 -2.77 9.48 28.79
C ASP E 265 -4.08 10.28 28.80
N ALA E 266 -4.90 10.11 27.79
CA ALA E 266 -6.19 10.80 27.75
C ALA E 266 -7.11 10.21 28.82
N PRO E 267 -7.87 11.05 29.55
CA PRO E 267 -8.82 10.53 30.52
C PRO E 267 -10.07 9.86 29.87
N ILE E 268 -10.68 8.93 30.58
CA ILE E 268 -11.88 8.27 30.15
C ILE E 268 -13.10 9.08 30.63
N ASP E 269 -14.11 9.19 29.77
CA ASP E 269 -15.29 9.98 30.06
C ASP E 269 -16.55 9.19 29.67
N THR E 270 -17.70 9.62 30.19
CA THR E 270 -18.98 8.96 29.87
C THR E 270 -19.54 9.67 28.65
N CYS E 271 -19.42 9.01 27.51
CA CYS E 271 -19.88 9.52 26.22
C CYS E 271 -19.83 8.34 25.25
N ILE E 272 -20.26 8.55 24.02
CA ILE E 272 -20.32 7.54 23.02
C ILE E 272 -19.49 7.95 21.81
N SER E 273 -18.57 7.07 21.40
CA SER E 273 -17.79 7.28 20.20
C SER E 273 -17.23 5.97 19.70
N GLU E 274 -17.50 5.67 18.43
CA GLU E 274 -16.99 4.47 17.80
C GLU E 274 -15.47 4.51 17.63
N CYS E 275 -14.90 5.68 17.38
CA CYS E 275 -13.47 5.81 17.02
C CYS E 275 -12.64 6.36 18.18
N ILE E 276 -11.57 5.65 18.51
CA ILE E 276 -10.67 6.03 19.58
C ILE E 276 -9.26 6.27 19.05
N THR E 277 -8.65 7.38 19.46
CA THR E 277 -7.23 7.63 19.23
C THR E 277 -6.55 7.89 20.56
N PRO E 278 -5.20 7.90 20.58
CA PRO E 278 -4.49 8.23 21.80
C PRO E 278 -4.71 9.66 22.29
N ASN E 279 -5.12 10.55 21.39
CA ASN E 279 -5.48 11.92 21.72
C ASN E 279 -6.89 12.02 22.31
N GLY E 280 -7.67 10.96 22.22
CA GLY E 280 -9.06 10.96 22.63
C GLY E 280 -9.92 10.44 21.50
N SER E 281 -11.20 10.30 21.78
CA SER E 281 -12.17 9.90 20.78
C SER E 281 -12.33 10.99 19.71
N ILE E 282 -12.65 10.54 18.50
CA ILE E 282 -12.97 11.46 17.41
C ILE E 282 -14.25 11.04 16.73
N PRO E 283 -15.01 12.01 16.20
CA PRO E 283 -16.18 11.67 15.38
C PRO E 283 -15.74 10.93 14.13
N ASN E 284 -16.63 10.10 13.60
CA ASN E 284 -16.32 9.35 12.38
C ASN E 284 -17.29 9.65 11.24
N ASP E 285 -17.82 10.86 11.18
CA ASP E 285 -18.71 11.28 10.07
C ASP E 285 -17.92 11.64 8.80
N LYS E 286 -16.65 12.00 8.95
CA LYS E 286 -15.80 12.32 7.81
C LYS E 286 -14.96 11.11 7.40
N PRO E 287 -14.58 11.03 6.12
CA PRO E 287 -13.86 9.84 5.64
C PRO E 287 -12.36 9.81 6.00
N PHE E 288 -11.78 10.96 6.32
CA PHE E 288 -10.37 11.06 6.64
C PHE E 288 -10.15 11.77 7.98
N GLN E 289 -8.97 11.56 8.55
CA GLN E 289 -8.58 12.26 9.77
C GLN E 289 -7.08 12.45 9.83
N ASN E 290 -6.69 13.49 10.53
CA ASN E 290 -5.31 13.90 10.71
C ASN E 290 -4.94 13.92 12.20
N VAL E 291 -5.76 13.32 13.05
CA VAL E 291 -5.51 13.36 14.48
C VAL E 291 -4.37 12.42 14.86
N ASN E 292 -4.46 11.16 14.49
CA ASN E 292 -3.41 10.19 14.85
C ASN E 292 -3.51 8.96 13.98
N LYS E 293 -2.37 8.49 13.53
CA LYS E 293 -2.30 7.25 12.75
C LYS E 293 -2.68 6.04 13.59
N ILE E 294 -2.59 6.15 14.92
CA ILE E 294 -3.04 5.10 15.82
C ILE E 294 -4.51 5.30 16.09
N THR E 295 -5.32 4.32 15.72
CA THR E 295 -6.75 4.37 15.99
C THR E 295 -7.31 2.97 16.32
N TYR E 296 -8.48 2.97 16.96
CA TYR E 296 -9.25 1.79 17.30
C TYR E 296 -10.74 2.04 17.00
N GLY E 297 -11.36 1.12 16.28
CA GLY E 297 -12.80 1.16 15.98
C GLY E 297 -13.13 1.62 14.57
N ALA E 298 -14.39 2.01 14.35
CA ALA E 298 -14.84 2.52 13.07
C ALA E 298 -14.36 3.97 12.93
N CYS E 299 -13.33 4.18 12.13
CA CYS E 299 -12.56 5.41 12.13
C CYS E 299 -12.38 5.95 10.72
N PRO E 300 -12.29 7.28 10.58
CA PRO E 300 -11.79 7.82 9.33
C PRO E 300 -10.37 7.34 9.11
N LYS E 301 -9.96 7.25 7.85
CA LYS E 301 -8.59 6.86 7.50
C LYS E 301 -7.61 8.00 7.76
N TYR E 302 -6.44 7.68 8.30
CA TYR E 302 -5.43 8.69 8.53
C TYR E 302 -4.77 9.19 7.22
N VAL E 303 -4.69 10.51 7.10
CA VAL E 303 -4.01 11.16 5.99
C VAL E 303 -3.15 12.28 6.53
N LYS E 304 -2.21 12.76 5.72
CA LYS E 304 -1.28 13.82 6.12
C LYS E 304 -1.86 15.22 6.05
N GLN E 305 -2.86 15.46 5.20
CA GLN E 305 -3.43 16.79 5.02
C GLN E 305 -4.24 17.13 6.28
N ASN E 306 -4.18 18.38 6.73
CA ASN E 306 -5.03 18.81 7.84
C ASN E 306 -6.41 19.33 7.42
N THR E 307 -6.59 19.57 6.13
CA THR E 307 -7.88 19.97 5.60
C THR E 307 -8.00 19.52 4.14
N LEU E 308 -9.19 19.06 3.78
CA LEU E 308 -9.54 18.80 2.41
C LEU E 308 -11.00 19.16 2.21
N LYS E 309 -11.26 20.10 1.30
CA LYS E 309 -12.62 20.61 1.09
C LYS E 309 -13.27 19.98 -0.12
N LEU E 310 -14.43 19.37 0.08
CA LEU E 310 -15.27 18.90 -1.01
C LEU E 310 -16.27 20.02 -1.33
N ALA E 311 -16.18 20.55 -2.53
CA ALA E 311 -17.12 21.54 -3.04
C ALA E 311 -18.54 21.02 -2.96
N THR E 312 -19.43 21.81 -2.39
CA THR E 312 -20.84 21.47 -2.33
C THR E 312 -21.69 22.52 -3.02
N GLY E 313 -21.06 23.27 -3.91
CA GLY E 313 -21.74 24.33 -4.63
C GLY E 313 -20.98 24.72 -5.87
N MET E 314 -21.60 25.61 -6.64
CA MET E 314 -21.00 26.08 -7.87
C MET E 314 -19.86 27.04 -7.61
N ARG E 315 -19.19 27.37 -8.69
CA ARG E 315 -18.22 28.45 -8.74
C ARG E 315 -18.84 29.79 -8.28
N ASN E 316 -18.19 30.49 -7.38
CA ASN E 316 -18.70 31.73 -6.80
C ASN E 316 -18.13 32.90 -7.58
N VAL E 317 -19.00 33.59 -8.32
CA VAL E 317 -18.65 34.78 -9.10
C VAL E 317 -19.47 35.94 -8.53
N PRO E 318 -18.89 36.69 -7.58
CA PRO E 318 -19.70 37.67 -6.85
C PRO E 318 -19.97 38.94 -7.64
N GLU E 319 -20.91 39.75 -7.12
CA GLU E 319 -21.40 41.04 -7.70
C GLU E 319 -20.58 42.21 -7.17
N GLY F 1 -15.63 26.64 -16.25
CA GLY F 1 -16.18 25.28 -16.55
C GLY F 1 -16.23 24.94 -18.04
N LEU F 2 -16.60 23.71 -18.31
CA LEU F 2 -16.61 23.16 -19.66
C LEU F 2 -17.68 23.76 -20.57
N PHE F 3 -18.77 24.26 -20.00
CA PHE F 3 -19.89 24.78 -20.79
C PHE F 3 -19.88 26.29 -21.01
N GLY F 4 -19.08 27.00 -20.22
CA GLY F 4 -18.82 28.40 -20.46
C GLY F 4 -19.92 29.34 -20.06
N ALA F 5 -20.84 28.90 -19.21
CA ALA F 5 -21.92 29.75 -18.72
C ALA F 5 -21.47 30.44 -17.45
N ILE F 6 -21.28 29.67 -16.38
CA ILE F 6 -20.87 30.24 -15.08
C ILE F 6 -19.41 30.67 -15.21
N ALA F 7 -19.13 31.91 -14.80
CA ALA F 7 -17.83 32.57 -15.04
C ALA F 7 -17.44 32.61 -16.54
N GLY F 8 -18.44 32.65 -17.42
CA GLY F 8 -18.22 32.69 -18.87
C GLY F 8 -19.15 33.72 -19.47
N PHE F 9 -20.09 33.29 -20.29
CA PHE F 9 -21.00 34.25 -20.94
C PHE F 9 -22.00 34.90 -19.99
N ILE F 10 -22.18 34.33 -18.80
CA ILE F 10 -22.88 35.00 -17.72
C ILE F 10 -21.82 35.66 -16.85
N GLU F 11 -21.83 37.00 -16.84
CA GLU F 11 -20.77 37.81 -16.21
C GLU F 11 -20.56 37.49 -14.74
N ASN F 12 -21.65 37.33 -14.01
CA ASN F 12 -21.57 37.01 -12.59
C ASN F 12 -22.85 36.43 -12.05
N GLY F 13 -22.77 35.97 -10.80
CA GLY F 13 -23.93 35.47 -10.06
C GLY F 13 -24.65 36.56 -9.31
N TRP F 14 -25.81 36.23 -8.77
CA TRP F 14 -26.67 37.18 -8.09
C TRP F 14 -26.69 36.90 -6.59
N GLU F 15 -26.12 37.81 -5.81
CA GLU F 15 -26.17 37.68 -4.34
C GLU F 15 -27.60 37.79 -3.77
N GLY F 16 -28.47 38.50 -4.50
CA GLY F 16 -29.85 38.69 -4.11
C GLY F 16 -30.72 37.45 -4.21
N MET F 17 -30.34 36.48 -5.05
CA MET F 17 -31.13 35.26 -5.19
C MET F 17 -30.83 34.25 -4.07
N ILE F 18 -31.60 34.33 -3.00
CA ILE F 18 -31.42 33.51 -1.80
C ILE F 18 -32.33 32.28 -1.77
N ASP F 19 -33.24 32.13 -2.73
CA ASP F 19 -34.25 31.05 -2.72
C ASP F 19 -34.05 30.01 -3.84
N GLY F 20 -32.88 30.01 -4.46
CA GLY F 20 -32.57 29.08 -5.52
C GLY F 20 -31.15 29.29 -5.99
N TRP F 21 -30.65 28.35 -6.77
CA TRP F 21 -29.29 28.37 -7.27
C TRP F 21 -29.23 28.97 -8.67
N TYR F 22 -30.26 28.70 -9.47
CA TYR F 22 -30.42 29.25 -10.81
C TYR F 22 -31.78 29.93 -10.86
N GLY F 23 -31.94 30.90 -11.77
CA GLY F 23 -33.25 31.50 -11.99
C GLY F 23 -33.32 32.63 -13.01
N PHE F 24 -34.35 33.46 -12.88
CA PHE F 24 -34.73 34.42 -13.90
C PHE F 24 -34.80 35.84 -13.37
N ARG F 25 -34.25 36.79 -14.13
CA ARG F 25 -34.55 38.22 -13.96
C ARG F 25 -35.16 38.78 -15.24
N HIS F 26 -36.15 39.65 -15.09
CA HIS F 26 -36.84 40.24 -16.26
C HIS F 26 -37.08 41.73 -16.11
N GLN F 27 -37.12 42.43 -17.24
CA GLN F 27 -37.66 43.79 -17.37
C GLN F 27 -38.78 43.74 -18.41
N ASN F 28 -39.97 44.20 -18.04
CA ASN F 28 -41.08 44.38 -18.99
C ASN F 28 -41.79 45.71 -18.71
N SER F 29 -42.94 45.94 -19.38
CA SER F 29 -43.77 47.14 -19.15
C SER F 29 -44.16 47.38 -17.68
N GLU F 30 -44.50 46.30 -16.97
CA GLU F 30 -44.92 46.38 -15.57
C GLU F 30 -43.79 46.52 -14.53
N GLY F 31 -42.53 46.38 -14.95
CA GLY F 31 -41.37 46.60 -14.07
C GLY F 31 -40.32 45.50 -14.12
N THR F 32 -39.59 45.32 -13.02
CA THR F 32 -38.56 44.28 -12.92
C THR F 32 -38.85 43.28 -11.80
N GLY F 33 -38.24 42.11 -11.90
CA GLY F 33 -38.45 41.04 -10.93
C GLY F 33 -37.47 39.89 -11.03
N GLN F 34 -37.58 38.97 -10.06
CA GLN F 34 -36.68 37.83 -9.91
C GLN F 34 -37.44 36.60 -9.44
N ALA F 35 -37.13 35.43 -10.01
CA ALA F 35 -37.64 34.15 -9.50
C ALA F 35 -36.65 33.02 -9.71
N ALA F 36 -36.53 32.18 -8.69
CA ALA F 36 -35.71 30.97 -8.75
C ALA F 36 -36.36 29.95 -9.66
N ASP F 37 -35.54 29.21 -10.43
CA ASP F 37 -36.00 27.99 -11.11
C ASP F 37 -35.71 26.81 -10.20
N LEU F 38 -36.76 26.11 -9.80
CA LEU F 38 -36.69 25.02 -8.84
C LEU F 38 -36.07 23.75 -9.46
N LYS F 39 -36.40 23.47 -10.71
CA LYS F 39 -36.02 22.20 -11.35
C LYS F 39 -34.49 22.07 -11.55
N SER F 40 -33.88 23.10 -12.12
CA SER F 40 -32.43 23.14 -12.31
C SER F 40 -31.68 23.16 -10.97
N THR F 41 -32.17 23.97 -10.03
CA THR F 41 -31.63 24.05 -8.68
C THR F 41 -31.63 22.69 -8.00
N GLN F 42 -32.74 21.98 -8.11
CA GLN F 42 -32.88 20.68 -7.47
C GLN F 42 -31.99 19.61 -8.11
N ALA F 43 -31.85 19.66 -9.44
CA ALA F 43 -30.99 18.74 -10.16
C ALA F 43 -29.52 18.86 -9.77
N ALA F 44 -29.05 20.09 -9.54
CA ALA F 44 -27.68 20.30 -9.08
C ALA F 44 -27.53 19.80 -7.64
N ILE F 45 -28.44 20.22 -6.76
CA ILE F 45 -28.41 19.80 -5.35
C ILE F 45 -28.47 18.28 -5.22
N ASP F 46 -29.34 17.64 -6.00
CA ASP F 46 -29.48 16.18 -5.95
C ASP F 46 -28.20 15.46 -6.35
N GLN F 47 -27.56 15.95 -7.41
CA GLN F 47 -26.28 15.38 -7.85
C GLN F 47 -25.18 15.58 -6.81
N ILE F 48 -25.14 16.75 -6.17
CA ILE F 48 -24.13 17.04 -5.15
C ILE F 48 -24.38 16.27 -3.88
N ASN F 49 -25.64 16.15 -3.45
CA ASN F 49 -25.97 15.26 -2.32
C ASN F 49 -25.56 13.82 -2.61
N GLY F 50 -25.82 13.37 -3.83
CA GLY F 50 -25.46 12.03 -4.24
C GLY F 50 -23.97 11.76 -4.06
N LYS F 51 -23.14 12.65 -4.60
CA LYS F 51 -21.68 12.47 -4.45
C LYS F 51 -21.18 12.62 -3.01
N LEU F 52 -21.78 13.55 -2.25
CA LEU F 52 -21.44 13.73 -0.84
C LEU F 52 -21.71 12.44 -0.06
N ASN F 53 -22.87 11.82 -0.28
CA ASN F 53 -23.23 10.58 0.42
C ASN F 53 -22.33 9.40 0.02
N ARG F 54 -21.93 9.33 -1.24
CA ARG F 54 -20.95 8.32 -1.68
C ARG F 54 -19.58 8.52 -1.02
N VAL F 55 -19.14 9.77 -0.91
CA VAL F 55 -17.83 10.10 -0.32
C VAL F 55 -17.75 9.82 1.19
N ILE F 56 -18.79 10.17 1.94
CA ILE F 56 -18.80 9.96 3.41
C ILE F 56 -19.37 8.61 3.84
N GLU F 57 -19.48 7.68 2.90
CA GLU F 57 -19.92 6.30 3.14
C GLU F 57 -18.89 5.63 4.08
N LYS F 58 -19.31 5.35 5.32
CA LYS F 58 -18.42 4.68 6.30
C LYS F 58 -17.99 3.27 5.85
N THR F 59 -16.69 3.07 5.66
CA THR F 59 -16.11 1.80 5.15
C THR F 59 -14.92 1.21 5.95
N ASN F 60 -14.54 1.84 7.05
CA ASN F 60 -13.27 1.52 7.69
C ASN F 60 -13.51 1.23 9.17
N GLU F 61 -13.37 -0.04 9.55
CA GLU F 61 -13.39 -0.46 10.94
C GLU F 61 -12.23 -1.42 11.21
N LYS F 62 -11.30 -1.01 12.06
CA LYS F 62 -10.09 -1.77 12.36
C LYS F 62 -9.95 -1.91 13.85
N PHE F 63 -9.43 -3.04 14.30
CA PHE F 63 -9.28 -3.31 15.72
C PHE F 63 -7.80 -3.47 16.06
N HIS F 64 -7.32 -4.67 16.34
CA HIS F 64 -5.91 -4.88 16.60
C HIS F 64 -5.09 -4.73 15.31
N GLN F 65 -4.06 -3.90 15.37
CA GLN F 65 -3.23 -3.57 14.20
C GLN F 65 -1.75 -3.76 14.57
N ILE F 66 -0.85 -3.08 13.89
CA ILE F 66 0.55 -3.05 14.28
C ILE F 66 0.82 -1.84 15.15
N GLU F 67 1.89 -1.90 15.93
CA GLU F 67 2.41 -0.75 16.62
C GLU F 67 2.99 0.26 15.63
N LYS F 68 2.87 1.54 15.97
CA LYS F 68 3.25 2.64 15.10
C LYS F 68 4.14 3.68 15.75
N GLU F 69 4.37 3.55 17.05
CA GLU F 69 5.34 4.35 17.80
C GLU F 69 6.12 3.38 18.64
N PHE F 70 7.36 3.74 18.93
CA PHE F 70 8.33 2.82 19.51
C PHE F 70 9.21 3.61 20.45
N SER F 71 9.45 3.05 21.64
CA SER F 71 10.22 3.72 22.66
C SER F 71 11.72 3.37 22.61
N GLU F 72 12.08 2.28 21.92
CA GLU F 72 13.44 1.80 21.80
C GLU F 72 13.83 1.64 20.31
N VAL F 73 15.11 1.81 20.02
CA VAL F 73 15.71 1.51 18.74
C VAL F 73 15.84 -0.02 18.62
N GLU F 74 15.37 -0.58 17.50
CA GLU F 74 15.45 -2.03 17.28
C GLU F 74 16.09 -2.50 15.96
N GLY F 75 16.12 -1.64 14.95
CA GLY F 75 16.65 -2.06 13.65
C GLY F 75 15.54 -2.60 12.74
N ARG F 76 15.82 -3.77 12.17
CA ARG F 76 15.20 -4.26 10.95
C ARG F 76 13.66 -4.40 11.03
N ILE F 77 13.15 -5.06 12.07
CA ILE F 77 11.72 -5.29 12.21
C ILE F 77 10.99 -3.94 12.36
N GLN F 78 11.57 -3.03 13.11
CA GLN F 78 10.94 -1.73 13.33
C GLN F 78 11.03 -0.89 12.07
N ASP F 79 12.15 -0.96 11.35
CA ASP F 79 12.26 -0.25 10.05
C ASP F 79 11.11 -0.67 9.15
N LEU F 80 10.82 -1.97 9.11
CA LEU F 80 9.76 -2.50 8.27
C LEU F 80 8.37 -2.05 8.71
N GLU F 81 8.10 -2.17 10.02
CA GLU F 81 6.83 -1.70 10.58
C GLU F 81 6.57 -0.23 10.26
N LYS F 82 7.59 0.63 10.40
CA LYS F 82 7.41 2.03 10.10
C LYS F 82 7.23 2.29 8.63
N TYR F 83 7.99 1.57 7.80
CA TYR F 83 7.90 1.73 6.35
C TYR F 83 6.54 1.28 5.84
N VAL F 84 6.01 0.17 6.38
CA VAL F 84 4.67 -0.27 6.02
C VAL F 84 3.62 0.81 6.30
N GLU F 85 3.67 1.40 7.50
CA GLU F 85 2.71 2.43 7.89
C GLU F 85 2.89 3.69 7.07
N ASP F 86 4.13 4.13 6.90
CA ASP F 86 4.41 5.32 6.11
C ASP F 86 3.92 5.15 4.65
N THR F 87 4.12 3.96 4.07
CA THR F 87 3.65 3.63 2.73
C THR F 87 2.12 3.75 2.60
N LYS F 88 1.43 3.16 3.57
CA LYS F 88 -0.03 3.21 3.66
C LYS F 88 -0.54 4.62 3.71
N ILE F 89 0.05 5.41 4.61
CA ILE F 89 -0.41 6.79 4.84
C ILE F 89 -0.24 7.61 3.57
N ASP F 90 0.89 7.45 2.88
CA ASP F 90 1.12 8.20 1.65
C ASP F 90 0.16 7.82 0.56
N LEU F 91 -0.14 6.52 0.41
CA LEU F 91 -1.13 6.09 -0.58
C LEU F 91 -2.53 6.61 -0.27
N TRP F 92 -2.92 6.57 1.00
CA TRP F 92 -4.23 7.13 1.39
C TRP F 92 -4.29 8.65 1.22
N SER F 93 -3.21 9.35 1.56
CA SER F 93 -3.15 10.80 1.41
C SER F 93 -3.29 11.18 -0.06
N TYR F 94 -2.64 10.41 -0.94
CA TYR F 94 -2.75 10.61 -2.38
C TYR F 94 -4.20 10.37 -2.85
N ASN F 95 -4.81 9.28 -2.38
CA ASN F 95 -6.19 9.00 -2.78
C ASN F 95 -7.11 10.14 -2.36
N ALA F 96 -6.89 10.65 -1.15
CA ALA F 96 -7.72 11.75 -0.65
C ALA F 96 -7.54 13.00 -1.52
N GLU F 97 -6.30 13.33 -1.88
CA GLU F 97 -6.00 14.51 -2.69
C GLU F 97 -6.65 14.39 -4.08
N LEU F 98 -6.47 13.23 -4.71
CA LEU F 98 -7.01 13.00 -6.04
C LEU F 98 -8.55 13.03 -6.02
N LEU F 99 -9.15 12.39 -5.02
CA LEU F 99 -10.60 12.31 -4.91
C LEU F 99 -11.22 13.69 -4.89
N VAL F 100 -10.71 14.58 -4.05
CA VAL F 100 -11.29 15.91 -3.89
C VAL F 100 -11.09 16.70 -5.20
N ALA F 101 -9.90 16.60 -5.78
CA ALA F 101 -9.61 17.29 -7.04
C ALA F 101 -10.60 16.87 -8.14
N LEU F 102 -10.80 15.57 -8.33
CA LEU F 102 -11.73 15.05 -9.35
C LEU F 102 -13.18 15.42 -9.04
N GLU F 103 -13.58 15.18 -7.80
CA GLU F 103 -14.92 15.54 -7.36
C GLU F 103 -15.21 17.03 -7.63
N ASN F 104 -14.26 17.90 -7.29
CA ASN F 104 -14.48 19.34 -7.32
C ASN F 104 -14.50 19.90 -8.74
N GLN F 105 -13.58 19.40 -9.60
CA GLN F 105 -13.64 19.71 -11.03
C GLN F 105 -15.00 19.33 -11.60
N HIS F 106 -15.46 18.13 -11.27
CA HIS F 106 -16.75 17.65 -11.75
C HIS F 106 -17.94 18.46 -11.19
N THR F 107 -17.87 18.89 -9.95
CA THR F 107 -18.95 19.68 -9.34
C THR F 107 -19.07 21.03 -10.00
N ILE F 108 -17.94 21.66 -10.27
CA ILE F 108 -17.90 22.88 -11.03
C ILE F 108 -18.47 22.68 -12.44
N ASP F 109 -18.06 21.61 -13.12
CA ASP F 109 -18.58 21.32 -14.45
C ASP F 109 -20.08 20.97 -14.48
N LEU F 110 -20.58 20.22 -13.50
CA LEU F 110 -22.00 19.86 -13.51
C LEU F 110 -22.89 21.06 -13.18
N THR F 111 -22.42 21.98 -12.33
CA THR F 111 -23.21 23.17 -12.00
C THR F 111 -23.24 24.14 -13.19
N ASP F 112 -22.11 24.28 -13.87
CA ASP F 112 -21.99 25.01 -15.13
C ASP F 112 -22.93 24.40 -16.18
N SER F 113 -22.96 23.07 -16.23
CA SER F 113 -23.85 22.35 -17.14
C SER F 113 -25.33 22.62 -16.88
N GLU F 114 -25.74 22.63 -15.61
CA GLU F 114 -27.15 22.90 -15.30
C GLU F 114 -27.59 24.32 -15.70
N MET F 115 -26.69 25.31 -15.56
CA MET F 115 -26.95 26.68 -16.02
C MET F 115 -27.21 26.66 -17.50
N ASN F 116 -26.30 26.03 -18.23
CA ASN F 116 -26.40 25.91 -19.68
C ASN F 116 -27.66 25.18 -20.14
N LYS F 117 -28.04 24.10 -19.45
CA LYS F 117 -29.26 23.39 -19.78
C LYS F 117 -30.49 24.28 -19.63
N LEU F 118 -30.53 25.10 -18.58
CA LEU F 118 -31.67 25.98 -18.36
C LEU F 118 -31.76 27.04 -19.42
N PHE F 119 -30.62 27.65 -19.73
CA PHE F 119 -30.54 28.62 -20.80
C PHE F 119 -31.00 28.06 -22.16
N GLU F 120 -30.45 26.91 -22.54
CA GLU F 120 -30.84 26.25 -23.80
C GLU F 120 -32.31 25.86 -23.83
N LYS F 121 -32.85 25.42 -22.70
CA LYS F 121 -34.25 25.05 -22.55
C LYS F 121 -35.16 26.28 -22.80
N THR F 122 -34.74 27.42 -22.25
CA THR F 122 -35.49 28.66 -22.34
C THR F 122 -35.46 29.17 -23.79
N GLY F 123 -34.28 29.17 -24.41
CA GLY F 123 -34.15 29.50 -25.84
C GLY F 123 -35.09 28.71 -26.72
N ARG F 124 -35.12 27.40 -26.54
CA ARG F 124 -36.01 26.52 -27.31
C ARG F 124 -37.50 26.75 -27.08
N GLN F 125 -37.84 27.19 -25.88
CA GLN F 125 -39.22 27.54 -25.51
C GLN F 125 -39.73 28.74 -26.33
N LEU F 126 -38.87 29.77 -26.42
CA LEU F 126 -39.17 31.01 -27.09
C LEU F 126 -39.12 30.96 -28.62
N ARG F 127 -38.76 29.82 -29.22
CA ARG F 127 -38.76 29.65 -30.69
C ARG F 127 -38.28 30.91 -31.41
N GLU F 128 -39.08 31.51 -32.31
CA GLU F 128 -38.65 32.67 -33.10
C GLU F 128 -39.05 34.01 -32.48
N ASN F 129 -39.56 33.99 -31.24
CA ASN F 129 -40.07 35.19 -30.60
C ASN F 129 -39.04 35.89 -29.71
N ALA F 130 -37.79 35.40 -29.71
CA ALA F 130 -36.72 36.05 -28.94
C ALA F 130 -35.35 35.86 -29.59
N GLU F 131 -34.37 36.65 -29.16
CA GLU F 131 -32.99 36.49 -29.60
C GLU F 131 -32.00 36.48 -28.44
N ASP F 132 -30.98 35.63 -28.57
CA ASP F 132 -29.90 35.50 -27.61
C ASP F 132 -28.95 36.70 -27.69
N MET F 133 -28.96 37.57 -26.66
CA MET F 133 -28.07 38.73 -26.64
C MET F 133 -26.58 38.39 -26.42
N GLY F 134 -26.30 37.22 -25.84
CA GLY F 134 -24.92 36.76 -25.65
C GLY F 134 -24.35 36.90 -24.24
N ASN F 135 -25.17 37.37 -23.31
CA ASN F 135 -24.78 37.62 -21.92
C ASN F 135 -25.74 36.92 -20.95
N GLY F 136 -26.41 35.87 -21.44
CA GLY F 136 -27.41 35.16 -20.66
C GLY F 136 -28.81 35.73 -20.71
N CYS F 137 -29.01 36.80 -21.48
CA CYS F 137 -30.32 37.44 -21.60
C CYS F 137 -30.94 37.26 -22.99
N PHE F 138 -32.24 36.96 -23.01
CA PHE F 138 -33.02 37.02 -24.25
C PHE F 138 -33.72 38.36 -24.37
N LYS F 139 -33.62 38.96 -25.56
CA LYS F 139 -34.53 40.05 -25.94
C LYS F 139 -35.79 39.41 -26.49
N ILE F 140 -36.92 39.63 -25.81
CA ILE F 140 -38.22 39.12 -26.24
C ILE F 140 -38.93 40.22 -27.00
N TYR F 141 -39.32 39.94 -28.24
CA TYR F 141 -39.86 40.95 -29.16
C TYR F 141 -41.39 41.00 -29.15
N HIS F 142 -42.00 41.11 -27.98
CA HIS F 142 -43.45 41.31 -27.87
C HIS F 142 -43.86 41.77 -26.47
N LYS F 143 -45.13 42.16 -26.33
CA LYS F 143 -45.68 42.51 -25.03
C LYS F 143 -45.70 41.25 -24.19
N CYS F 144 -44.78 41.20 -23.22
CA CYS F 144 -44.72 40.07 -22.28
C CYS F 144 -44.93 40.63 -20.88
N ASP F 145 -46.21 40.74 -20.53
CA ASP F 145 -46.66 41.08 -19.19
C ASP F 145 -46.29 40.01 -18.15
N ASN F 146 -46.47 40.34 -16.88
CA ASN F 146 -46.08 39.46 -15.78
C ASN F 146 -46.59 38.02 -15.93
N ALA F 147 -47.85 37.86 -16.32
CA ALA F 147 -48.43 36.53 -16.57
C ALA F 147 -47.72 35.77 -17.69
N CYS F 148 -47.26 36.49 -18.72
CA CYS F 148 -46.50 35.91 -19.83
C CYS F 148 -45.11 35.46 -19.35
N ILE F 149 -44.46 36.29 -18.52
CA ILE F 149 -43.15 35.94 -17.95
C ILE F 149 -43.28 34.66 -17.14
N GLU F 150 -44.19 34.65 -16.15
CA GLU F 150 -44.48 33.45 -15.36
C GLU F 150 -44.74 32.22 -16.24
N SER F 151 -45.41 32.41 -17.37
CA SER F 151 -45.67 31.31 -18.33
C SER F 151 -44.39 30.70 -18.91
N ILE F 152 -43.39 31.56 -19.15
CA ILE F 152 -42.07 31.11 -19.59
C ILE F 152 -41.42 30.32 -18.46
N ARG F 153 -41.50 30.85 -17.24
CA ARG F 153 -40.83 30.24 -16.10
C ARG F 153 -41.45 28.92 -15.65
N ASN F 154 -42.78 28.76 -15.76
CA ASN F 154 -43.42 27.47 -15.40
C ASN F 154 -43.79 26.57 -16.62
N GLY F 155 -43.13 26.82 -17.75
CA GLY F 155 -43.16 25.92 -18.89
C GLY F 155 -44.44 25.87 -19.71
N THR F 156 -45.29 26.91 -19.61
CA THR F 156 -46.59 26.93 -20.33
C THR F 156 -46.71 28.00 -21.42
N TYR F 157 -45.59 28.58 -21.85
CA TYR F 157 -45.58 29.62 -22.89
C TYR F 157 -45.83 29.00 -24.28
N ASP F 158 -46.99 29.34 -24.86
CA ASP F 158 -47.28 28.98 -26.25
C ASP F 158 -46.67 30.05 -27.13
N HIS F 159 -45.62 29.69 -27.85
CA HIS F 159 -44.95 30.64 -28.74
C HIS F 159 -45.83 31.08 -29.92
N ASP F 160 -46.76 30.22 -30.36
CA ASP F 160 -47.60 30.52 -31.53
C ASP F 160 -48.46 31.76 -31.32
N VAL F 161 -49.00 31.89 -30.10
CA VAL F 161 -49.82 33.04 -29.69
C VAL F 161 -49.17 34.39 -30.08
N TYR F 162 -47.87 34.52 -29.83
CA TYR F 162 -47.15 35.80 -29.99
C TYR F 162 -46.25 35.86 -31.23
N ARG F 163 -46.21 34.79 -32.03
CA ARG F 163 -45.23 34.67 -33.12
C ARG F 163 -45.31 35.80 -34.18
N ASP F 164 -46.52 36.04 -34.70
CA ASP F 164 -46.74 37.10 -35.70
C ASP F 164 -46.28 38.46 -35.18
N GLU F 165 -46.76 38.83 -33.99
CA GLU F 165 -46.31 40.05 -33.33
C GLU F 165 -44.79 40.12 -33.29
N ALA F 166 -44.17 39.03 -32.83
CA ALA F 166 -42.73 38.99 -32.63
C ALA F 166 -41.92 38.99 -33.92
N LEU F 167 -42.33 38.16 -34.86
CA LEU F 167 -41.72 38.11 -36.20
C LEU F 167 -41.68 39.49 -36.88
N ASN F 168 -42.79 40.22 -36.78
CA ASN F 168 -42.90 41.57 -37.34
C ASN F 168 -41.89 42.53 -36.69
N ASN F 169 -41.88 42.55 -35.36
CA ASN F 169 -40.94 43.38 -34.59
C ASN F 169 -39.46 43.07 -34.84
N ARG F 170 -39.15 41.80 -35.12
CA ARG F 170 -37.77 41.36 -35.39
C ARG F 170 -37.31 41.71 -36.81
N PHE F 171 -38.20 41.47 -37.79
CA PHE F 171 -37.90 41.67 -39.21
C PHE F 171 -38.75 42.78 -39.83
C1 NAG G . -24.40 -7.10 -22.53
C2 NAG G . -24.23 -7.72 -23.89
C3 NAG G . -24.09 -9.22 -23.76
C4 NAG G . -23.06 -9.63 -22.68
C5 NAG G . -23.17 -8.79 -21.39
C6 NAG G . -21.98 -8.91 -20.42
C7 NAG G . -25.32 -6.70 -25.85
C8 NAG G . -26.63 -6.38 -26.51
N2 NAG G . -25.39 -7.34 -24.69
O3 NAG G . -23.70 -9.77 -25.03
O4 NAG G . -23.29 -11.01 -22.38
O5 NAG G . -23.28 -7.41 -21.70
O6 NAG G . -22.44 -8.67 -19.08
O7 NAG G . -24.26 -6.39 -26.38
C1 NAG G . -22.16 -11.82 -22.69
C2 NAG G . -22.32 -13.17 -21.96
C3 NAG G . -21.17 -14.10 -22.36
C4 NAG G . -20.94 -14.13 -23.87
C5 NAG G . -20.83 -12.71 -24.46
C6 NAG G . -20.69 -12.68 -25.98
C7 NAG G . -23.03 -13.70 -19.63
C8 NAG G . -22.99 -13.25 -18.20
N2 NAG G . -22.40 -12.91 -20.52
O3 NAG G . -21.42 -15.45 -21.94
O4 NAG G . -19.72 -14.85 -24.14
O5 NAG G . -22.01 -11.99 -24.09
O6 NAG G . -21.94 -13.03 -26.61
O7 NAG G . -23.59 -14.73 -19.95
C1 BMA G . -19.95 -15.98 -25.03
C2 BMA G . -18.59 -16.45 -25.60
C3 BMA G . -18.73 -17.80 -26.32
C4 BMA G . -19.51 -18.80 -25.47
C5 BMA G . -20.88 -18.20 -25.13
C6 BMA G . -21.84 -19.15 -24.41
O2 BMA G . -17.58 -16.50 -24.58
O3 BMA G . -17.44 -18.31 -26.65
O4 BMA G . -19.60 -20.05 -26.17
O5 BMA G . -20.64 -17.03 -24.35
O6 BMA G . -21.77 -18.99 -22.98
C1 NAG H . 39.43 -29.31 11.75
C2 NAG H . 40.89 -28.93 12.05
C3 NAG H . 41.28 -27.62 11.36
C4 NAG H . 41.02 -27.69 9.86
C5 NAG H . 39.55 -28.09 9.66
C6 NAG H . 39.20 -28.23 8.17
C7 NAG H . 41.41 -29.82 14.29
C8 NAG H . 41.68 -29.45 15.72
N2 NAG H . 41.18 -28.79 13.47
O3 NAG H . 42.67 -27.34 11.58
O4 NAG H . 41.22 -26.41 9.24
O5 NAG H . 39.26 -29.32 10.34
O6 NAG H . 40.16 -29.01 7.45
O7 NAG H . 41.39 -30.99 13.93
C1 NAG H . 42.44 -26.27 8.50
C2 NAG H . 42.22 -25.18 7.46
C3 NAG H . 43.44 -24.91 6.61
C4 NAG H . 44.65 -24.64 7.49
C5 NAG H . 44.79 -25.74 8.54
C6 NAG H . 45.96 -25.47 9.48
C7 NAG H . 40.05 -24.80 6.41
C8 NAG H . 39.01 -25.33 5.48
N2 NAG H . 41.13 -25.57 6.60
O3 NAG H . 43.19 -23.80 5.73
O4 NAG H . 45.84 -24.57 6.67
O5 NAG H . 43.56 -25.90 9.30
O6 NAG H . 45.91 -26.33 10.64
O7 NAG H . 39.93 -23.72 6.96
C1 BMA H . 46.31 -23.26 6.25
C2 BMA H . 47.82 -23.23 6.52
C3 BMA H . 48.62 -22.28 5.63
C4 BMA H . 48.08 -22.23 4.20
C5 BMA H . 46.59 -21.88 4.26
C6 BMA H . 46.02 -21.60 2.87
O2 BMA H . 48.35 -24.57 6.38
O3 BMA H . 50.01 -22.67 5.59
O4 BMA H . 48.81 -21.29 3.43
O5 BMA H . 45.92 -22.98 4.89
O6 BMA H . 44.59 -21.53 2.93
C1 NAG I . -12.84 -19.93 -1.11
C2 NAG I . -14.31 -19.54 -0.90
C3 NAG I . -14.51 -18.65 0.31
C4 NAG I . -13.77 -19.19 1.53
C5 NAG I . -12.30 -19.43 1.12
C6 NAG I . -11.31 -19.96 2.15
C7 NAG I . -15.38 -19.43 -3.11
C8 NAG I . -15.93 -18.52 -4.17
N2 NAG I . -14.88 -18.83 -2.03
O3 NAG I . -15.93 -18.51 0.50
O4 NAG I . -13.94 -18.22 2.58
O5 NAG I . -12.28 -20.42 0.09
O6 NAG I . -11.79 -21.21 2.66
O7 NAG I . -15.35 -20.64 -3.24
C1 NAG I . -13.93 -18.78 3.92
C2 NAG I . -13.65 -17.64 4.92
C3 NAG I . -14.53 -17.60 6.18
C4 NAG I . -15.54 -18.75 6.36
C5 NAG I . -15.08 -19.98 5.59
C6 NAG I . -16.00 -21.20 5.77
C7 NAG I . -11.24 -16.94 4.95
C8 NAG I . -9.87 -17.33 5.45
N2 NAG I . -12.23 -17.78 5.28
O3 NAG I . -15.28 -16.37 6.21
O4 NAG I . -15.69 -19.04 7.76
O5 NAG I . -15.09 -19.56 4.23
O6 NAG I . -17.29 -20.92 5.21
O7 NAG I . -11.40 -15.91 4.29
C1 GAL J . 12.80 -47.31 24.22
C2 GAL J . 13.84 -47.99 23.34
C3 GAL J . 13.65 -47.53 21.89
C4 GAL J . 12.18 -47.58 21.40
C5 GAL J . 11.11 -47.42 22.52
C6 GAL J . 9.81 -48.18 22.22
O1 GAL J . 13.03 -47.55 25.61
O2 GAL J . 15.15 -47.68 23.86
O3 GAL J . 14.53 -48.30 21.00
O4 GAL J . 11.91 -48.75 20.59
O5 GAL J . 11.54 -47.84 23.82
O6 GAL J . 8.80 -47.74 23.13
C1 SIA J . 14.13 -47.13 18.83
C2 SIA J . 15.14 -47.54 19.90
C3 SIA J . 16.10 -48.64 19.41
C4 SIA J . 17.09 -48.10 18.36
C5 SIA J . 17.83 -46.86 18.88
C6 SIA J . 16.82 -45.81 19.38
C7 SIA J . 17.41 -44.55 20.05
C8 SIA J . 16.37 -43.64 20.73
C9 SIA J . 17.00 -42.34 21.20
C10 SIA J . 19.92 -45.87 18.00
C11 SIA J . 20.64 -45.43 16.76
N5 SIA J . 18.69 -46.37 17.82
O1A SIA J . 13.79 -45.92 18.76
O1B SIA J . 13.66 -47.99 18.06
O4 SIA J . 18.03 -49.12 17.97
O6 SIA J . 15.91 -46.41 20.32
O7 SIA J . 18.41 -44.92 21.00
O8 SIA J . 15.27 -43.32 19.86
O9 SIA J . 16.01 -41.50 21.80
O10 SIA J . 20.45 -45.77 19.09
C1 NAG K . 6.10 21.07 -26.32
C2 NAG K . 6.31 22.13 -27.44
C3 NAG K . 7.65 22.82 -27.26
C4 NAG K . 7.78 23.51 -25.89
C5 NAG K . 6.93 22.87 -24.76
C6 NAG K . 5.67 23.68 -24.45
C7 NAG K . 5.28 21.54 -29.63
C8 NAG K . 5.54 20.81 -30.93
N2 NAG K . 6.30 21.48 -28.75
O3 NAG K . 7.79 23.83 -28.27
O4 NAG K . 9.18 23.51 -25.57
O5 NAG K . 6.53 21.50 -25.02
O6 NAG K . 5.23 23.49 -23.10
O7 NAG K . 4.23 22.13 -29.45
C1 NAG K . 9.85 24.72 -26.02
C2 NAG K . 11.35 24.58 -25.85
C3 NAG K . 12.08 25.88 -26.25
C4 NAG K . 11.60 26.42 -27.61
C5 NAG K . 10.07 26.42 -27.68
C6 NAG K . 9.51 26.93 -29.01
C7 NAG K . 11.76 22.97 -24.03
C8 NAG K . 12.09 22.81 -22.57
N2 NAG K . 11.67 24.23 -24.47
O3 NAG K . 13.50 25.60 -26.28
O4 NAG K . 12.08 27.77 -27.84
O5 NAG K . 9.58 25.11 -27.38
O6 NAG K . 10.30 26.47 -30.12
O7 NAG K . 11.57 22.00 -24.74
C1 NAG L . 28.98 -5.98 40.44
C2 NAG L . 28.65 -6.33 41.88
C3 NAG L . 27.35 -5.67 42.31
C4 NAG L . 27.42 -4.18 42.11
C5 NAG L . 27.81 -3.82 40.68
C6 NAG L . 28.13 -2.33 40.63
C7 NAG L . 29.40 -8.54 42.60
C8 NAG L . 29.08 -10.01 42.61
N2 NAG L . 28.52 -7.77 42.00
O3 NAG L . 27.10 -5.89 43.69
O4 NAG L . 26.13 -3.64 42.32
O5 NAG L . 28.94 -4.56 40.22
O6 NAG L . 29.20 -1.94 41.52
O7 NAG L . 30.43 -8.11 43.11
C1 NAG L . 26.08 -2.70 43.41
C2 NAG L . 24.92 -1.76 43.12
C3 NAG L . 24.60 -0.81 44.25
C4 NAG L . 24.43 -1.60 45.55
C5 NAG L . 25.65 -2.52 45.76
C6 NAG L . 25.50 -3.35 47.04
C7 NAG L . 24.53 -1.31 40.77
C8 NAG L . 24.77 -0.39 39.61
N2 NAG L . 25.09 -0.96 41.92
O3 NAG L . 23.43 -0.10 43.82
O4 NAG L . 24.31 -0.76 46.71
O5 NAG L . 25.85 -3.38 44.64
O6 NAG L . 26.11 -4.64 46.88
O7 NAG L . 23.92 -2.34 40.67
C1 BMA L . 23.03 -0.11 46.86
C2 BMA L . 22.46 -0.23 48.31
C3 BMA L . 21.84 1.06 48.90
C4 BMA L . 21.53 2.22 47.90
C5 BMA L . 21.86 1.93 46.43
C6 BMA L . 21.95 3.22 45.58
O2 BMA L . 23.43 -0.75 49.25
O3 BMA L . 22.66 1.59 49.96
O4 BMA L . 20.14 2.55 47.98
O5 BMA L . 23.10 1.24 46.39
O6 BMA L . 20.87 3.32 44.64
C1 NAG M . 19.98 1.06 -12.23
C2 NAG M . 19.62 0.71 -13.68
C3 NAG M . 18.79 -0.57 -13.66
C4 NAG M . 19.55 -1.68 -12.92
C5 NAG M . 19.84 -1.19 -11.50
C6 NAG M . 20.50 -2.19 -10.56
C7 NAG M . 19.49 2.73 -15.08
C8 NAG M . 18.61 3.67 -15.85
N2 NAG M . 18.89 1.72 -14.45
O3 NAG M . 18.47 -0.90 -15.02
O4 NAG M . 18.75 -2.87 -12.88
O5 NAG M . 20.66 -0.02 -11.61
O6 NAG M . 21.69 -2.70 -11.16
O7 NAG M . 20.70 2.93 -15.01
C1 NAG M . 19.35 -3.98 -13.60
C2 NAG M . 18.66 -5.25 -13.13
C3 NAG M . 19.32 -6.40 -13.90
C4 NAG M . 18.86 -6.33 -15.36
C5 NAG M . 18.79 -4.88 -15.92
C6 NAG M . 17.35 -4.54 -16.34
C7 NAG M . 17.75 -4.97 -10.84
C8 NAG M . 18.01 -5.20 -9.38
N2 NAG M . 18.72 -5.38 -11.68
O3 NAG M . 18.97 -7.67 -13.35
O4 NAG M . 19.69 -7.15 -16.20
O5 NAG M . 19.30 -3.84 -15.04
O6 NAG M . 17.17 -3.12 -16.43
O7 NAG M . 16.71 -4.42 -11.22
C1 GAL N . 48.17 -19.54 16.40
C2 GAL N . 49.06 -18.52 17.10
C3 GAL N . 48.55 -17.13 16.67
C4 GAL N . 48.88 -17.01 15.18
C5 GAL N . 48.25 -18.18 14.39
C6 GAL N . 48.83 -18.27 12.97
O1 GAL N . 48.44 -20.87 16.87
O2 GAL N . 49.07 -18.71 18.52
O3 GAL N . 49.12 -16.01 17.39
O4 GAL N . 50.30 -16.94 15.02
O5 GAL N . 48.40 -19.47 15.00
O6 GAL N . 48.19 -19.34 12.26
C1 SIA N . 47.78 -13.99 16.60
C2 SIA N . 48.22 -14.91 17.73
C3 SIA N . 49.21 -14.21 18.69
C4 SIA N . 48.53 -13.12 19.50
C5 SIA N . 47.35 -13.70 20.28
C6 SIA N . 46.37 -14.40 19.32
C7 SIA N . 45.21 -15.14 20.00
C8 SIA N . 44.40 -16.01 19.01
C9 SIA N . 43.11 -16.55 19.63
C10 SIA N . 46.11 -12.75 22.17
C11 SIA N . 45.49 -11.53 22.75
N5 SIA N . 46.71 -12.61 20.99
O1A SIA N . 48.63 -13.24 16.04
O1B SIA N . 46.57 -13.97 16.23
O4 SIA N . 49.43 -12.45 20.39
O6 SIA N . 47.05 -15.33 18.47
O7 SIA N . 45.68 -15.94 21.08
O8 SIA N . 44.09 -15.26 17.82
O9 SIA N . 42.42 -17.40 18.70
O10 SIA N . 46.05 -13.82 22.73
C1 NAG O . 8.25 -37.50 31.78
C2 NAG O . 8.56 -38.97 31.53
C3 NAG O . 7.81 -39.44 30.30
C4 NAG O . 6.32 -39.21 30.51
C5 NAG O . 6.01 -37.77 30.90
C6 NAG O . 4.53 -37.58 31.29
C7 NAG O . 10.75 -39.67 32.39
C8 NAG O . 12.21 -39.82 32.07
N2 NAG O . 9.99 -39.19 31.40
O3 NAG O . 8.03 -40.84 30.03
O4 NAG O . 5.67 -39.43 29.28
O5 NAG O . 6.84 -37.36 31.99
O6 NAG O . 4.13 -38.41 32.37
O7 NAG O . 10.31 -39.99 33.48
C1 NAG O . 4.78 -40.54 29.30
C2 NAG O . 3.91 -40.34 28.08
C3 NAG O . 3.05 -41.54 27.79
C4 NAG O . 3.90 -42.81 27.76
C5 NAG O . 4.80 -42.94 29.00
C6 NAG O . 5.82 -44.08 28.86
C7 NAG O . 3.23 -38.08 27.43
C8 NAG O . 2.17 -37.02 27.59
N2 NAG O . 3.01 -39.19 28.13
O3 NAG O . 2.43 -41.25 26.54
O4 NAG O . 3.05 -43.96 27.74
O5 NAG O . 5.54 -41.74 29.24
O6 NAG O . 6.55 -44.02 27.63
O7 NAG O . 4.21 -37.89 26.74
C1 BMA O . 2.74 -44.46 26.43
C2 BMA O . 2.66 -45.97 26.56
C3 BMA O . 2.35 -46.62 25.22
C4 BMA O . 1.11 -46.01 24.58
C5 BMA O . 1.04 -44.46 24.66
C6 BMA O . -0.42 -44.00 24.46
O2 BMA O . 1.66 -46.32 27.53
O3 BMA O . 2.17 -48.05 25.38
O4 BMA O . 1.06 -46.42 23.21
O5 BMA O . 1.51 -43.93 25.91
O6 BMA O . -0.49 -42.64 24.02
C1 MAN O . 3.37 -48.84 25.17
C2 MAN O . 2.96 -50.27 24.86
C3 MAN O . 2.31 -50.94 26.08
C4 MAN O . 2.95 -50.61 27.44
C5 MAN O . 3.72 -49.29 27.53
C6 MAN O . 4.85 -49.41 28.56
O2 MAN O . 4.11 -51.01 24.39
O3 MAN O . 2.33 -52.36 25.89
O4 MAN O . 1.91 -50.56 28.45
O5 MAN O . 4.28 -48.88 26.27
O6 MAN O . 5.49 -48.14 28.75
C1 NAG P . -2.33 13.83 18.76
C2 NAG P . -2.02 15.25 18.29
C3 NAG P . -0.74 15.23 17.48
C4 NAG P . 0.36 14.59 18.31
C5 NAG P . -0.08 13.15 18.64
C6 NAG P . 0.97 12.29 19.33
C7 NAG P . -4.12 16.53 17.93
C8 NAG P . -5.05 17.11 16.89
N2 NAG P . -3.04 15.87 17.46
O3 NAG P . -0.37 16.55 17.04
O4 NAG P . 1.53 14.62 17.50
O5 NAG P . -1.24 13.22 19.46
O6 NAG P . 1.49 12.99 20.47
O7 NAG P . -4.37 16.67 19.12
C1 NAG P . 2.56 15.49 18.00
C2 NAG P . 3.84 15.01 17.34
C3 NAG P . 5.03 15.90 17.63
C4 NAG P . 4.70 17.38 17.44
C5 NAG P . 3.35 17.78 18.06
C6 NAG P . 2.94 19.17 17.57
C7 NAG P . 4.09 12.59 16.99
C8 NAG P . 4.41 11.27 17.63
N2 NAG P . 4.13 13.65 17.80
O3 NAG P . 6.10 15.53 16.74
O4 NAG P . 5.75 18.16 18.06
O5 NAG P . 2.30 16.87 17.70
O6 NAG P . 2.16 19.80 18.60
O7 NAG P . 3.82 12.69 15.80
C1 GAL Q . 20.32 -11.15 49.02
C2 GAL Q . 19.34 -12.09 49.73
C3 GAL Q . 17.92 -11.72 49.33
C4 GAL Q . 17.65 -10.25 49.63
C5 GAL Q . 18.76 -9.35 49.08
C6 GAL Q . 18.60 -7.90 49.53
O1 GAL Q . 21.67 -11.51 49.26
O2 GAL Q . 19.62 -13.45 49.40
O3 GAL Q . 16.96 -12.53 50.03
O4 GAL Q . 17.55 -10.11 51.05
O5 GAL Q . 20.05 -9.83 49.48
O6 GAL Q . 19.54 -7.10 48.79
C1 SIA Q . 14.85 -11.96 48.76
C2 SIA Q . 15.84 -13.02 49.24
C3 SIA Q . 15.22 -13.99 50.26
C4 SIA Q . 14.18 -14.87 49.56
C5 SIA Q . 14.86 -15.65 48.43
C6 SIA Q . 15.50 -14.69 47.44
C7 SIA Q . 16.31 -15.38 46.32
C8 SIA Q . 17.14 -14.39 45.50
C9 SIA Q . 17.75 -15.02 44.26
C10 SIA Q . 14.09 -17.70 47.37
C11 SIA Q . 12.91 -18.42 46.77
N5 SIA Q . 13.85 -16.48 47.82
O1A SIA Q . 13.96 -11.52 49.55
O1B SIA Q . 14.92 -11.54 47.58
O4 SIA Q . 13.51 -15.78 50.46
O6 SIA Q . 16.36 -13.76 48.13
O7 SIA Q . 17.15 -16.42 46.82
O8 SIA Q . 16.33 -13.28 45.06
O9 SIA Q . 18.33 -13.99 43.44
O10 SIA Q . 15.18 -18.22 47.43
C1 NAG R . 19.04 -37.22 -7.71
C2 NAG R . 19.35 -38.71 -7.90
C3 NAG R . 20.84 -38.93 -7.65
C4 NAG R . 21.65 -38.11 -8.65
C5 NAG R . 21.23 -36.62 -8.58
C6 NAG R . 21.94 -35.73 -9.60
C7 NAG R . 17.27 -39.96 -7.35
C8 NAG R . 16.63 -40.87 -6.35
N2 NAG R . 18.54 -39.59 -7.05
O3 NAG R . 21.18 -40.33 -7.73
O4 NAG R . 23.05 -38.23 -8.39
O5 NAG R . 19.81 -36.51 -8.70
O6 NAG R . 21.42 -35.88 -10.93
O7 NAG R . 16.68 -39.60 -8.35
C1 NAG S . 35.88 12.10 18.81
C2 NAG S . 37.37 12.44 18.97
C3 NAG S . 37.58 12.61 20.48
C4 NAG S . 36.75 13.80 21.01
C5 NAG S . 35.50 14.18 20.17
C6 NAG S . 35.72 15.42 19.28
C7 NAG S . 38.77 11.50 17.12
C8 NAG S . 39.67 10.37 16.74
N2 NAG S . 38.27 11.44 18.38
O3 NAG S . 38.96 12.81 20.81
O4 NAG S . 36.34 13.49 22.36
O5 NAG S . 34.99 13.10 19.35
O6 NAG S . 34.48 15.97 18.81
O7 NAG S . 38.52 12.38 16.31
C1 NAG T . -22.88 23.75 2.86
C2 NAG T . -24.15 24.26 3.51
C3 NAG T . -24.46 23.47 4.77
C4 NAG T . -24.64 21.99 4.42
C5 NAG T . -23.41 21.45 3.65
C6 NAG T . -23.62 20.04 3.07
C7 NAG T . -24.65 26.65 3.26
C8 NAG T . -24.30 28.03 3.73
N2 NAG T . -23.96 25.66 3.82
O3 NAG T . -25.62 24.02 5.39
O4 NAG T . -24.86 21.23 5.63
O5 NAG T . -23.00 22.34 2.58
O6 NAG T . -24.74 19.98 2.15
O7 NAG T . -25.53 26.45 2.45
C TAM U . -16.13 -21.91 20.86
C1 TAM U . -14.99 -21.39 19.94
C2 TAM U . -17.08 -20.74 21.17
C3 TAM U . -16.84 -23.16 20.29
C4 TAM U . -13.69 -22.20 19.99
C5 TAM U . -18.32 -21.06 22.03
C6 TAM U . -17.40 -23.02 18.87
N TAM U . -15.48 -22.32 22.12
O4 TAM U . -12.89 -21.76 21.11
O5 TAM U . -17.98 -21.94 23.11
O6 TAM U . -16.48 -23.59 17.93
#